data_3IDS
#
_entry.id   3IDS
#
_cell.length_a   83.121
_cell.length_b   85.388
_cell.length_c   105.660
_cell.angle_alpha   90.00
_cell.angle_beta   96.42
_cell.angle_gamma   90.00
#
_symmetry.space_group_name_H-M   'P 1 21 1'
#
loop_
_entity.id
_entity.type
_entity.pdbx_description
1 polymer 'Glyceraldehyde-3-phosphate dehydrogenase, glycosomal'
2 non-polymer ACETAMIDE
3 non-polymer GLYCEROL
4 non-polymer NICOTINAMIDE-ADENINE-DINUCLEOTIDE
5 water water
#
_entity_poly.entity_id   1
_entity_poly.type   'polypeptide(L)'
_entity_poly.pdbx_seq_one_letter_code
;MPIKVGINGFGRIGRMVFQALCEDGLLGTEIDVVAVVDMNTDAEYFAYQMRYDTVHGKFKYEVTTTKSSPSVAKDDTLVV
NGHRILCVKAQRNPADLPWGKLGVEYVIESTGLFTAKAAAEGHLRGGARKVVISAPASGGAKTLVMGVNHHEYNPSEHHV
VSNASCTTNCLAPIVHVLVKEGFGVQTGLMTTIHSYTATQKTVDGVSVKDWRGGRAAAVNIIPSTTGAAKAVGMVIPSTQ
GKLTGMSFRVPTPDVSVVDLTFTAARDTSIQEIDAALKRASKTYMKGILGYTDEELVSADFINDNRSSIYDSKATLQNNL
PKERRFFKIVSWYDNEWGYSHRVVDLVRHMASKDRSARL
;
_entity_poly.pdbx_strand_id   C,D,A,B
#
# COMPACT_ATOMS: atom_id res chain seq x y z
N MET A 1 -2.94 -46.48 -11.37
CA MET A 1 -3.84 -45.51 -12.07
C MET A 1 -3.52 -44.03 -11.76
N PRO A 2 -3.19 -43.68 -10.49
CA PRO A 2 -2.87 -42.29 -10.22
C PRO A 2 -1.37 -41.98 -10.30
N ILE A 3 -1.07 -40.72 -10.62
CA ILE A 3 0.31 -40.27 -10.80
C ILE A 3 0.99 -40.04 -9.44
N LYS A 4 2.07 -40.76 -9.20
CA LYS A 4 2.82 -40.67 -7.94
C LYS A 4 3.67 -39.41 -7.91
N VAL A 5 3.12 -38.35 -7.33
CA VAL A 5 3.77 -37.03 -7.34
C VAL A 5 4.22 -36.54 -5.97
N GLY A 6 5.37 -35.87 -5.93
CA GLY A 6 5.90 -35.28 -4.71
C GLY A 6 6.39 -33.86 -4.92
N ILE A 7 5.71 -32.91 -4.27
CA ILE A 7 6.07 -31.50 -4.37
C ILE A 7 7.25 -31.16 -3.46
N ASN A 8 8.37 -30.86 -4.07
CA ASN A 8 9.49 -30.38 -3.34
C ASN A 8 9.57 -28.87 -3.32
N GLY A 9 9.54 -28.29 -2.13
CA GLY A 9 9.54 -26.87 -1.98
C GLY A 9 8.14 -26.39 -1.74
N PHE A 10 7.58 -26.85 -0.63
CA PHE A 10 6.22 -26.54 -0.27
C PHE A 10 6.06 -25.12 0.25
N GLY A 11 6.71 -24.15 -0.39
CA GLY A 11 6.54 -22.71 -0.14
C GLY A 11 5.36 -22.19 -0.94
N ARG A 12 5.39 -20.90 -1.29
CA ARG A 12 4.29 -20.28 -2.06
C ARG A 12 3.88 -21.14 -3.26
N ILE A 13 4.82 -21.33 -4.19
CA ILE A 13 4.54 -22.03 -5.45
C ILE A 13 4.09 -23.47 -5.21
N GLY A 14 4.84 -24.19 -4.38
CA GLY A 14 4.47 -25.54 -3.97
C GLY A 14 3.03 -25.67 -3.49
N ARG A 15 2.63 -24.77 -2.59
CA ARG A 15 1.27 -24.79 -2.05
C ARG A 15 0.20 -24.54 -3.10
N MET A 16 0.43 -23.53 -3.95
CA MET A 16 -0.57 -23.14 -4.96
C MET A 16 -0.74 -24.17 -6.07
N VAL A 17 0.35 -24.87 -6.39
CA VAL A 17 0.28 -26.02 -7.29
C VAL A 17 -0.63 -27.06 -6.64
N PHE A 18 -0.38 -27.32 -5.36
CA PHE A 18 -1.19 -28.27 -4.60
C PHE A 18 -2.65 -27.87 -4.58
N GLN A 19 -2.93 -26.58 -4.39
CA GLN A 19 -4.31 -26.10 -4.39
C GLN A 19 -4.97 -26.24 -5.76
N ALA A 20 -4.18 -26.04 -6.83
CA ALA A 20 -4.66 -26.24 -8.20
C ALA A 20 -4.92 -27.71 -8.48
N LEU A 21 -4.06 -28.55 -7.90
CA LEU A 21 -4.19 -30.00 -7.93
C LEU A 21 -5.49 -30.49 -7.27
N CYS A 22 -6.03 -29.67 -6.36
CA CYS A 22 -7.30 -29.97 -5.69
C CYS A 22 -8.47 -29.22 -6.30
N GLU A 23 -8.25 -27.96 -6.67
CA GLU A 23 -9.28 -27.09 -7.25
C GLU A 23 -9.91 -27.68 -8.51
N ASP A 24 -9.08 -28.33 -9.33
CA ASP A 24 -9.55 -29.04 -10.54
C ASP A 24 -10.31 -30.33 -10.20
N GLY A 25 -10.27 -30.73 -8.93
CA GLY A 25 -10.98 -31.91 -8.43
C GLY A 25 -10.35 -33.23 -8.83
N LEU A 26 -9.03 -33.30 -8.75
CA LEU A 26 -8.31 -34.49 -9.21
C LEU A 26 -7.36 -35.13 -8.19
N LEU A 27 -7.43 -34.69 -6.93
CA LEU A 27 -6.65 -35.33 -5.86
C LEU A 27 -7.28 -36.66 -5.49
N GLY A 28 -6.45 -37.71 -5.51
CA GLY A 28 -6.91 -39.07 -5.23
C GLY A 28 -7.23 -39.86 -6.49
N THR A 29 -8.13 -39.34 -7.31
CA THR A 29 -8.58 -40.02 -8.53
C THR A 29 -7.49 -40.15 -9.62
N GLU A 30 -6.97 -39.03 -10.09
CA GLU A 30 -5.98 -39.04 -11.18
C GLU A 30 -4.57 -38.72 -10.70
N ILE A 31 -4.46 -37.90 -9.67
CA ILE A 31 -3.16 -37.57 -9.09
C ILE A 31 -3.10 -37.88 -7.60
N ASP A 32 -2.13 -38.71 -7.23
CA ASP A 32 -1.89 -39.08 -5.86
C ASP A 32 -0.69 -38.31 -5.34
N VAL A 33 -0.96 -37.29 -4.53
CA VAL A 33 0.11 -36.53 -3.88
C VAL A 33 0.64 -37.36 -2.72
N VAL A 34 1.86 -37.86 -2.89
CA VAL A 34 2.49 -38.73 -1.91
C VAL A 34 3.06 -37.92 -0.74
N ALA A 35 3.90 -36.94 -1.08
CA ALA A 35 4.64 -36.18 -0.08
C ALA A 35 4.89 -34.73 -0.49
N VAL A 36 4.87 -33.84 0.50
CA VAL A 36 5.31 -32.46 0.32
C VAL A 36 6.52 -32.21 1.22
N VAL A 37 7.28 -31.16 0.93
CA VAL A 37 8.50 -30.86 1.69
C VAL A 37 8.91 -29.38 1.64
N ASP A 38 8.92 -28.74 2.82
CA ASP A 38 9.53 -27.42 3.00
C ASP A 38 10.77 -27.63 3.89
N MET A 39 10.97 -26.77 4.87
CA MET A 39 12.12 -26.93 5.77
C MET A 39 11.73 -27.61 7.08
N ASN A 40 10.66 -27.12 7.71
CA ASN A 40 10.11 -27.78 8.89
C ASN A 40 9.14 -28.91 8.50
N THR A 41 8.63 -29.61 9.49
CA THR A 41 7.72 -30.65 9.20
C THR A 41 6.46 -30.47 10.04
N ASP A 42 6.18 -29.25 10.47
CA ASP A 42 5.01 -28.97 11.27
C ASP A 42 3.73 -29.08 10.46
N ALA A 43 3.16 -30.24 10.42
CA ALA A 43 1.98 -30.38 9.63
C ALA A 43 1.00 -29.30 10.00
N GLU A 44 0.93 -29.00 11.28
CA GLU A 44 -0.05 -28.04 11.77
C GLU A 44 0.14 -26.68 11.11
N TYR A 45 1.40 -26.31 10.95
CA TYR A 45 1.79 -25.05 10.31
C TYR A 45 1.49 -25.06 8.81
N PHE A 46 1.80 -26.18 8.15
CA PHE A 46 1.47 -26.37 6.74
C PHE A 46 -0.02 -26.22 6.50
N ALA A 47 -0.81 -26.86 7.34
CA ALA A 47 -2.27 -26.82 7.24
C ALA A 47 -2.81 -25.39 7.40
N TYR A 48 -2.22 -24.64 8.32
CA TYR A 48 -2.58 -23.24 8.53
C TYR A 48 -2.30 -22.41 7.28
N GLN A 49 -1.11 -22.61 6.72
CA GLN A 49 -0.70 -21.93 5.48
C GLN A 49 -1.62 -22.24 4.31
N MET A 50 -2.08 -23.49 4.25
CA MET A 50 -2.98 -23.95 3.19
C MET A 50 -4.39 -23.43 3.38
N ARG A 51 -4.80 -23.27 4.63
CA ARG A 51 -6.17 -22.85 4.94
C ARG A 51 -6.40 -21.39 4.60
N TYR A 52 -5.42 -20.54 4.93
CA TYR A 52 -5.58 -19.09 4.82
C TYR A 52 -4.62 -18.46 3.83
N ASP A 53 -5.19 -17.73 2.88
CA ASP A 53 -4.41 -17.04 1.85
C ASP A 53 -4.88 -15.59 1.75
N THR A 54 -3.93 -14.67 1.89
CA THR A 54 -4.23 -13.23 1.82
C THR A 54 -4.83 -12.85 0.48
N VAL A 55 -4.34 -13.47 -0.59
CA VAL A 55 -4.75 -13.09 -1.94
C VAL A 55 -5.91 -13.97 -2.45
N HIS A 56 -5.77 -15.28 -2.27
CA HIS A 56 -6.68 -16.24 -2.90
C HIS A 56 -7.87 -16.68 -2.03
N GLY A 57 -7.95 -16.16 -0.80
CA GLY A 57 -9.06 -16.46 0.10
C GLY A 57 -8.94 -17.79 0.83
N LYS A 58 -10.07 -18.30 1.32
CA LYS A 58 -10.11 -19.56 2.06
C LYS A 58 -10.12 -20.77 1.14
N PHE A 59 -9.28 -21.76 1.46
CA PHE A 59 -9.24 -23.02 0.72
C PHE A 59 -10.55 -23.78 0.93
N LYS A 60 -11.11 -24.29 -0.16
CA LYS A 60 -12.47 -24.88 -0.17
C LYS A 60 -12.56 -26.31 0.38
N TYR A 61 -11.41 -26.91 0.67
CA TYR A 61 -11.38 -28.26 1.25
C TYR A 61 -10.79 -28.22 2.66
N GLU A 62 -11.42 -28.95 3.57
CA GLU A 62 -10.98 -29.02 4.98
C GLU A 62 -9.69 -29.84 5.11
N VAL A 63 -8.73 -29.29 5.84
CA VAL A 63 -7.44 -29.94 6.06
C VAL A 63 -7.29 -30.34 7.53
N THR A 64 -6.82 -31.57 7.77
CA THR A 64 -6.52 -32.06 9.11
C THR A 64 -5.09 -32.60 9.12
N THR A 65 -4.57 -32.88 10.31
CA THR A 65 -3.22 -33.45 10.45
C THR A 65 -3.20 -34.67 11.38
N THR A 66 -2.36 -35.65 11.05
CA THR A 66 -2.14 -36.84 11.87
C THR A 66 -0.67 -37.21 11.92
N LYS A 67 -0.35 -38.27 12.67
CA LYS A 67 1.00 -38.82 12.71
C LYS A 67 1.15 -39.97 11.72
N SER A 68 2.39 -40.18 11.26
CA SER A 68 2.71 -41.34 10.43
C SER A 68 3.16 -42.50 11.32
N SER A 69 3.85 -42.16 12.40
CA SER A 69 4.28 -43.11 13.42
C SER A 69 4.26 -42.46 14.81
N PRO A 70 3.93 -43.24 15.86
CA PRO A 70 3.90 -42.72 17.24
C PRO A 70 5.24 -42.22 17.77
N SER A 71 6.34 -42.66 17.15
CA SER A 71 7.70 -42.33 17.61
C SER A 71 8.07 -40.84 17.50
N VAL A 72 7.47 -40.12 16.55
CA VAL A 72 7.77 -38.68 16.37
C VAL A 72 6.91 -37.68 17.15
N ALA A 73 7.54 -36.58 17.57
CA ALA A 73 6.89 -35.57 18.41
C ALA A 73 5.54 -35.10 17.97
N LYS A 74 5.50 -34.36 16.86
CA LYS A 74 4.25 -33.83 16.36
C LYS A 74 4.03 -34.34 14.99
N ASP A 75 2.78 -34.15 14.57
CA ASP A 75 2.29 -34.61 13.32
C ASP A 75 3.15 -34.32 12.14
N ASP A 76 2.97 -35.13 11.13
CA ASP A 76 3.72 -34.93 9.91
C ASP A 76 2.95 -35.41 8.71
N THR A 77 1.65 -35.46 8.81
CA THR A 77 0.84 -35.92 7.69
C THR A 77 -0.43 -35.08 7.52
N LEU A 78 -0.63 -34.56 6.30
CA LEU A 78 -1.80 -33.75 5.97
C LEU A 78 -2.93 -34.61 5.44
N VAL A 79 -4.16 -34.23 5.75
CA VAL A 79 -5.35 -34.95 5.29
C VAL A 79 -6.32 -34.00 4.58
N VAL A 80 -6.45 -34.19 3.28
CA VAL A 80 -7.36 -33.40 2.45
C VAL A 80 -8.30 -34.35 1.71
N ASN A 81 -9.59 -34.32 2.08
CA ASN A 81 -10.60 -35.24 1.53
C ASN A 81 -10.26 -36.71 1.70
N GLY A 82 -9.76 -37.08 2.87
CA GLY A 82 -9.37 -38.46 3.17
C GLY A 82 -7.99 -38.83 2.66
N HIS A 83 -7.47 -38.05 1.71
CA HIS A 83 -6.17 -38.32 1.11
C HIS A 83 -5.02 -37.89 2.01
N ARG A 84 -4.11 -38.83 2.28
CA ARG A 84 -3.02 -38.60 3.23
C ARG A 84 -1.72 -38.22 2.52
N ILE A 85 -1.09 -37.15 3.00
CA ILE A 85 0.13 -36.59 2.40
C ILE A 85 1.19 -36.40 3.48
N LEU A 86 2.37 -36.98 3.24
CA LEU A 86 3.48 -36.93 4.19
C LEU A 86 4.32 -35.67 4.05
N CYS A 87 4.86 -35.19 5.17
CA CYS A 87 5.76 -34.02 5.17
C CYS A 87 7.19 -34.44 5.47
N VAL A 88 7.93 -34.82 4.44
CA VAL A 88 9.34 -35.22 4.60
C VAL A 88 10.26 -34.02 4.84
N LYS A 89 11.36 -34.27 5.55
CA LYS A 89 12.35 -33.23 5.85
C LYS A 89 13.26 -32.99 4.64
N ALA A 90 13.57 -31.72 4.40
CA ALA A 90 14.41 -31.33 3.27
C ALA A 90 15.88 -31.66 3.51
N GLN A 91 16.60 -31.89 2.42
CA GLN A 91 18.05 -32.00 2.45
C GLN A 91 18.67 -30.78 1.77
N ARG A 92 19.91 -30.48 2.15
CA ARG A 92 20.68 -29.41 1.51
C ARG A 92 21.00 -29.79 0.06
N ASN A 93 21.10 -31.11 -0.17
CA ASN A 93 21.40 -31.68 -1.48
C ASN A 93 20.30 -32.65 -1.92
N PRO A 94 19.72 -32.42 -3.12
CA PRO A 94 18.60 -33.22 -3.65
C PRO A 94 18.88 -34.71 -3.80
N ALA A 95 20.16 -35.08 -3.93
CA ALA A 95 20.56 -36.48 -4.08
C ALA A 95 20.43 -37.27 -2.77
N ASP A 96 20.71 -36.60 -1.65
CA ASP A 96 20.55 -37.20 -0.32
C ASP A 96 19.08 -37.45 0.01
N LEU A 97 18.21 -36.62 -0.57
CA LEU A 97 16.76 -36.74 -0.41
C LEU A 97 16.26 -38.08 -0.97
N PRO A 98 15.54 -38.86 -0.15
CA PRO A 98 15.17 -40.23 -0.51
C PRO A 98 13.83 -40.32 -1.26
N TRP A 99 13.88 -40.20 -2.58
CA TRP A 99 12.68 -40.26 -3.41
C TRP A 99 12.28 -41.70 -3.76
N GLY A 100 13.27 -42.52 -4.07
CA GLY A 100 13.07 -43.92 -4.44
C GLY A 100 12.46 -44.73 -3.32
N LYS A 101 13.01 -44.56 -2.11
CA LYS A 101 12.50 -45.23 -0.90
C LYS A 101 11.03 -44.89 -0.66
N LEU A 102 10.65 -43.66 -1.01
CA LEU A 102 9.26 -43.22 -0.92
C LEU A 102 8.43 -43.64 -2.14
N GLY A 103 9.11 -44.03 -3.21
CA GLY A 103 8.45 -44.48 -4.43
C GLY A 103 7.84 -43.35 -5.23
N VAL A 104 8.63 -42.29 -5.43
CA VAL A 104 8.15 -41.11 -6.16
C VAL A 104 8.86 -41.00 -7.51
N GLU A 105 8.05 -40.87 -8.57
CA GLU A 105 8.57 -40.71 -9.92
C GLU A 105 8.56 -39.24 -10.38
N TYR A 106 7.39 -38.61 -10.33
CA TYR A 106 7.25 -37.20 -10.72
C TYR A 106 7.47 -36.26 -9.53
N VAL A 107 8.52 -35.44 -9.61
CA VAL A 107 8.77 -34.43 -8.59
C VAL A 107 8.63 -33.01 -9.16
N ILE A 108 7.86 -32.18 -8.45
CA ILE A 108 7.74 -30.76 -8.79
C ILE A 108 8.76 -29.98 -7.96
N GLU A 109 9.82 -29.53 -8.64
CA GLU A 109 10.89 -28.76 -8.01
C GLU A 109 10.52 -27.28 -7.90
N SER A 110 10.21 -26.84 -6.68
CA SER A 110 9.74 -25.47 -6.45
C SER A 110 10.44 -24.75 -5.30
N THR A 111 11.65 -25.20 -4.94
CA THR A 111 12.44 -24.54 -3.91
C THR A 111 13.01 -23.23 -4.44
N GLY A 112 13.45 -23.28 -5.67
CA GLY A 112 14.00 -22.11 -6.29
C GLY A 112 15.48 -22.04 -6.15
N LEU A 113 16.06 -23.05 -5.53
CA LEU A 113 17.47 -23.04 -5.25
C LEU A 113 18.20 -24.01 -6.17
N PHE A 114 17.44 -24.86 -6.81
CA PHE A 114 17.98 -25.82 -7.73
C PHE A 114 17.54 -25.59 -9.16
N THR A 115 17.81 -24.37 -9.64
CA THR A 115 17.46 -23.93 -10.99
C THR A 115 18.46 -24.47 -12.03
N ALA A 116 19.71 -24.71 -11.64
CA ALA A 116 20.67 -25.42 -12.48
C ALA A 116 20.24 -26.87 -12.72
N LYS A 117 20.26 -27.29 -13.98
CA LYS A 117 19.83 -28.63 -14.39
C LYS A 117 20.62 -29.74 -13.67
N ALA A 118 21.93 -29.60 -13.62
CA ALA A 118 22.82 -30.56 -12.95
C ALA A 118 22.49 -30.70 -11.46
N ALA A 119 22.26 -29.57 -10.80
CA ALA A 119 21.85 -29.56 -9.39
C ALA A 119 20.44 -30.13 -9.18
N ALA A 120 19.57 -29.91 -10.16
CA ALA A 120 18.20 -30.43 -10.13
C ALA A 120 18.11 -31.89 -10.59
N GLU A 121 19.18 -32.38 -11.20
CA GLU A 121 19.27 -33.79 -11.60
C GLU A 121 19.42 -34.69 -10.38
N GLY A 122 19.87 -34.11 -9.27
CA GLY A 122 20.00 -34.82 -7.99
C GLY A 122 18.76 -35.58 -7.56
N HIS A 123 17.60 -35.00 -7.84
CA HIS A 123 16.30 -35.64 -7.60
C HIS A 123 16.25 -37.07 -8.16
N LEU A 124 16.90 -37.29 -9.30
CA LEU A 124 16.93 -38.61 -9.94
C LEU A 124 17.80 -39.61 -9.18
N ARG A 125 19.01 -39.17 -8.82
CA ARG A 125 19.94 -39.97 -8.04
C ARG A 125 19.37 -40.32 -6.67
N GLY A 126 18.54 -39.43 -6.14
CA GLY A 126 17.81 -39.65 -4.89
C GLY A 126 16.74 -40.71 -5.04
N GLY A 127 16.37 -41.00 -6.28
CA GLY A 127 15.45 -42.11 -6.57
C GLY A 127 14.21 -41.77 -7.35
N ALA A 128 14.14 -40.54 -7.87
CA ALA A 128 13.00 -40.09 -8.67
C ALA A 128 13.28 -40.16 -10.17
N ARG A 129 12.23 -40.27 -10.94
CA ARG A 129 12.35 -40.34 -12.35
C ARG A 129 12.36 -38.95 -12.95
N LYS A 130 11.16 -38.38 -13.02
CA LYS A 130 10.96 -37.14 -13.74
C LYS A 130 10.94 -35.92 -12.83
N VAL A 131 11.48 -34.81 -13.35
CA VAL A 131 11.49 -33.53 -12.63
C VAL A 131 10.82 -32.45 -13.49
N VAL A 132 10.11 -31.52 -12.85
CA VAL A 132 9.59 -30.34 -13.50
C VAL A 132 9.98 -29.13 -12.72
N ILE A 133 10.84 -28.30 -13.25
CA ILE A 133 11.26 -27.12 -12.56
C ILE A 133 10.18 -26.07 -12.74
N SER A 134 9.70 -25.51 -11.65
CA SER A 134 8.62 -24.56 -11.71
C SER A 134 9.23 -23.18 -11.83
N ALA A 135 10.19 -23.08 -12.73
CA ALA A 135 10.88 -21.87 -13.02
C ALA A 135 11.75 -22.11 -14.22
N PRO A 136 12.30 -21.05 -14.76
CA PRO A 136 13.25 -21.18 -15.85
C PRO A 136 14.50 -21.82 -15.33
N ALA A 137 15.15 -22.60 -16.17
CA ALA A 137 16.34 -23.36 -15.79
C ALA A 137 17.57 -22.98 -16.61
N SER A 138 18.75 -23.31 -16.07
CA SER A 138 20.02 -23.17 -16.79
C SER A 138 20.74 -24.51 -16.85
N GLY A 139 21.63 -24.66 -17.82
CA GLY A 139 22.42 -25.88 -17.96
C GLY A 139 21.89 -26.88 -18.99
N GLY A 140 20.86 -26.49 -19.73
CA GLY A 140 20.38 -27.27 -20.87
C GLY A 140 19.13 -28.10 -20.66
N ALA A 141 18.25 -27.68 -19.76
CA ALA A 141 16.98 -28.36 -19.54
C ALA A 141 15.93 -27.93 -20.55
N LYS A 142 15.06 -28.85 -20.95
CA LYS A 142 14.00 -28.57 -21.93
C LYS A 142 12.84 -27.76 -21.35
N THR A 143 12.63 -26.58 -21.91
CA THR A 143 11.58 -25.66 -21.46
C THR A 143 10.27 -25.89 -22.23
N LEU A 144 9.21 -26.22 -21.50
CA LEU A 144 7.89 -26.47 -22.09
C LEU A 144 6.83 -25.47 -21.65
N VAL A 145 6.09 -24.92 -22.60
CA VAL A 145 5.01 -23.99 -22.30
C VAL A 145 3.71 -24.56 -22.86
N MET A 146 2.75 -24.78 -21.97
CA MET A 146 1.46 -25.37 -22.33
C MET A 146 0.71 -24.51 -23.35
N GLY A 147 0.23 -25.17 -24.41
CA GLY A 147 -0.50 -24.49 -25.48
C GLY A 147 0.42 -23.96 -26.58
N VAL A 148 1.72 -23.99 -26.33
CA VAL A 148 2.69 -23.41 -27.26
C VAL A 148 3.65 -24.47 -27.82
N ASN A 149 4.43 -25.11 -26.97
CA ASN A 149 5.35 -26.15 -27.45
C ASN A 149 5.36 -27.43 -26.59
N HIS A 150 4.32 -27.65 -25.79
CA HIS A 150 4.31 -28.78 -24.84
C HIS A 150 4.32 -30.16 -25.50
N HIS A 151 3.85 -30.24 -26.75
CA HIS A 151 3.87 -31.50 -27.49
C HIS A 151 5.27 -31.88 -27.98
N GLU A 152 6.25 -31.02 -27.72
CA GLU A 152 7.65 -31.32 -28.00
C GLU A 152 8.31 -32.13 -26.89
N TYR A 153 7.54 -32.51 -25.88
CA TYR A 153 8.05 -33.33 -24.79
C TYR A 153 8.47 -34.72 -25.32
N ASN A 154 9.73 -35.07 -25.08
CA ASN A 154 10.33 -36.35 -25.52
C ASN A 154 10.62 -37.27 -24.33
N PRO A 155 9.72 -38.21 -24.11
CA PRO A 155 9.81 -39.14 -22.99
C PRO A 155 11.08 -39.90 -22.87
N SER A 156 12.01 -39.87 -23.81
CA SER A 156 13.28 -40.58 -23.63
C SER A 156 14.44 -39.66 -23.50
N GLU A 157 14.24 -38.39 -23.83
CA GLU A 157 15.34 -37.46 -23.83
C GLU A 157 15.15 -36.33 -22.77
N HIS A 158 13.92 -36.13 -22.34
CA HIS A 158 13.62 -35.07 -21.37
C HIS A 158 13.19 -35.62 -20.02
N HIS A 159 14.03 -35.42 -19.01
CA HIS A 159 13.77 -35.90 -17.66
C HIS A 159 13.59 -34.74 -16.67
N VAL A 160 14.54 -33.80 -16.68
CA VAL A 160 14.42 -32.56 -15.91
C VAL A 160 13.99 -31.43 -16.86
N VAL A 161 12.71 -31.07 -16.79
CA VAL A 161 12.14 -30.03 -17.65
C VAL A 161 11.91 -28.71 -16.90
N SER A 162 11.32 -27.74 -17.59
CA SER A 162 11.05 -26.41 -17.04
C SER A 162 9.71 -25.96 -17.53
N ASN A 163 8.87 -25.48 -16.64
CA ASN A 163 7.59 -24.96 -17.08
C ASN A 163 7.69 -23.46 -17.41
N ALA A 164 8.88 -22.96 -17.53
CA ALA A 164 9.14 -21.55 -17.78
C ALA A 164 8.76 -20.68 -16.57
N SER A 165 8.63 -19.38 -16.78
CA SER A 165 8.19 -18.48 -15.72
C SER A 165 6.76 -18.09 -15.96
N CYS A 166 6.12 -17.55 -14.93
CA CYS A 166 4.75 -17.06 -15.13
C CYS A 166 4.69 -16.00 -16.23
N THR A 167 5.70 -15.13 -16.31
CA THR A 167 5.70 -14.08 -17.33
C THR A 167 5.82 -14.66 -18.74
N THR A 168 6.71 -15.64 -18.92
CA THR A 168 6.85 -16.33 -20.20
C THR A 168 5.53 -17.00 -20.59
N ASN A 169 4.85 -17.61 -19.61
CA ASN A 169 3.55 -18.23 -19.85
C ASN A 169 2.44 -17.24 -20.24
N CYS A 170 2.60 -15.97 -19.83
CA CYS A 170 1.69 -14.92 -20.31
C CYS A 170 2.04 -14.50 -21.74
N LEU A 171 3.32 -14.27 -21.98
CA LEU A 171 3.77 -13.70 -23.26
C LEU A 171 3.69 -14.72 -24.41
N ALA A 172 4.23 -15.91 -24.16
CA ALA A 172 4.29 -16.95 -25.21
C ALA A 172 2.98 -17.22 -25.99
N PRO A 173 1.83 -17.42 -25.29
CA PRO A 173 0.57 -17.64 -26.02
C PRO A 173 0.21 -16.53 -27.00
N ILE A 174 0.49 -15.28 -26.60
CA ILE A 174 0.27 -14.11 -27.47
C ILE A 174 1.14 -14.23 -28.72
N VAL A 175 2.47 -14.37 -28.52
CA VAL A 175 3.41 -14.44 -29.63
C VAL A 175 3.11 -15.67 -30.51
N HIS A 176 2.72 -16.76 -29.87
CA HIS A 176 2.41 -18.00 -30.59
C HIS A 176 1.30 -17.74 -31.58
N VAL A 177 0.24 -17.07 -31.13
CA VAL A 177 -0.89 -16.73 -31.99
C VAL A 177 -0.42 -15.80 -33.13
N LEU A 178 0.36 -14.78 -32.79
CA LEU A 178 0.89 -13.89 -33.83
C LEU A 178 1.69 -14.65 -34.89
N VAL A 179 2.48 -15.64 -34.47
CA VAL A 179 3.30 -16.40 -35.40
C VAL A 179 2.41 -17.35 -36.22
N LYS A 180 1.50 -18.08 -35.56
CA LYS A 180 0.67 -19.08 -36.26
C LYS A 180 -0.38 -18.46 -37.19
N GLU A 181 -0.87 -17.28 -36.85
CA GLU A 181 -1.86 -16.58 -37.69
C GLU A 181 -1.26 -15.87 -38.90
N GLY A 182 0.05 -15.93 -39.03
CA GLY A 182 0.75 -15.31 -40.16
C GLY A 182 1.04 -13.82 -40.07
N PHE A 183 0.79 -13.22 -38.90
CA PHE A 183 1.15 -11.80 -38.71
C PHE A 183 2.64 -11.60 -38.72
N GLY A 184 3.36 -12.55 -38.11
CA GLY A 184 4.79 -12.46 -38.00
C GLY A 184 5.20 -11.50 -36.91
N VAL A 185 6.44 -11.66 -36.45
CA VAL A 185 7.06 -10.76 -35.49
C VAL A 185 8.48 -10.47 -35.98
N GLN A 186 8.69 -9.24 -36.44
CA GLN A 186 10.03 -8.78 -36.83
C GLN A 186 10.90 -8.48 -35.60
N THR A 187 10.33 -7.68 -34.69
CA THR A 187 11.00 -7.24 -33.47
C THR A 187 9.90 -7.03 -32.44
N GLY A 188 10.22 -7.28 -31.17
CA GLY A 188 9.28 -7.03 -30.10
C GLY A 188 9.99 -6.60 -28.84
N LEU A 189 9.42 -5.63 -28.13
CA LEU A 189 9.89 -5.31 -26.79
C LEU A 189 8.72 -5.40 -25.82
N MET A 190 8.96 -6.06 -24.68
CA MET A 190 7.90 -6.29 -23.70
C MET A 190 8.20 -5.63 -22.36
N THR A 191 7.18 -5.03 -21.76
CA THR A 191 7.27 -4.56 -20.38
C THR A 191 6.28 -5.33 -19.54
N THR A 192 6.71 -5.91 -18.41
CA THR A 192 5.71 -6.44 -17.48
C THR A 192 5.59 -5.50 -16.27
N ILE A 193 4.36 -5.16 -15.93
CA ILE A 193 4.09 -4.43 -14.70
C ILE A 193 3.70 -5.50 -13.74
N HIS A 194 4.61 -5.74 -12.80
CA HIS A 194 4.60 -6.97 -12.06
C HIS A 194 4.34 -6.74 -10.59
N SER A 195 3.40 -7.48 -10.01
CA SER A 195 3.20 -7.49 -8.56
C SER A 195 4.50 -7.93 -7.87
N TYR A 196 4.76 -7.41 -6.67
CA TYR A 196 5.93 -7.85 -5.93
C TYR A 196 5.85 -9.33 -5.55
N THR A 197 7.00 -9.92 -5.25
CA THR A 197 7.11 -11.35 -4.97
C THR A 197 7.91 -11.57 -3.69
N ALA A 198 8.01 -12.84 -3.28
CA ALA A 198 8.69 -13.25 -2.05
C ALA A 198 10.19 -12.90 -1.98
N THR A 199 10.82 -12.73 -3.14
CA THR A 199 12.25 -12.36 -3.20
C THR A 199 12.49 -10.88 -2.85
N GLN A 200 11.40 -10.09 -2.86
CA GLN A 200 11.52 -8.67 -2.58
C GLN A 200 11.48 -8.40 -1.08
N LYS A 201 11.71 -7.14 -0.70
CA LYS A 201 11.88 -6.73 0.69
C LYS A 201 10.79 -5.75 1.14
N THR A 202 10.30 -5.92 2.36
CA THR A 202 9.30 -4.98 2.93
C THR A 202 9.88 -3.57 3.06
N VAL A 203 11.05 -3.48 3.68
CA VAL A 203 11.79 -2.22 3.81
C VAL A 203 13.15 -2.35 3.12
N ASP A 204 13.81 -1.23 2.87
CA ASP A 204 15.14 -1.25 2.22
C ASP A 204 16.03 -2.32 2.88
N GLY A 205 16.57 -3.22 2.08
CA GLY A 205 17.37 -4.31 2.59
C GLY A 205 18.47 -4.72 1.64
N VAL A 206 19.14 -5.80 1.95
CA VAL A 206 20.31 -6.26 1.21
C VAL A 206 19.92 -7.08 -0.02
N SER A 207 20.38 -6.66 -1.18
CA SER A 207 20.12 -7.37 -2.41
C SER A 207 21.31 -7.18 -3.33
N VAL A 208 22.39 -7.89 -3.03
CA VAL A 208 23.62 -7.76 -3.79
C VAL A 208 23.51 -8.06 -5.29
N LYS A 209 22.64 -8.95 -5.69
CA LYS A 209 22.58 -9.29 -7.08
C LYS A 209 21.59 -8.43 -7.84
N ASP A 210 20.87 -7.59 -7.12
CA ASP A 210 19.91 -6.68 -7.73
C ASP A 210 19.64 -5.49 -6.81
N TRP A 211 20.41 -4.42 -6.98
CA TRP A 211 20.37 -3.25 -6.08
C TRP A 211 18.98 -2.64 -5.96
N ARG A 212 18.33 -2.41 -7.10
CA ARG A 212 16.97 -1.87 -7.09
C ARG A 212 16.00 -2.80 -6.37
N GLY A 213 16.19 -4.11 -6.57
CA GLY A 213 15.31 -5.13 -6.00
C GLY A 213 15.36 -5.29 -4.48
N GLY A 214 16.34 -4.67 -3.84
CA GLY A 214 16.40 -4.64 -2.37
C GLY A 214 15.59 -3.53 -1.72
N ARG A 215 15.18 -2.55 -2.52
CA ARG A 215 14.46 -1.39 -2.00
C ARG A 215 13.02 -1.76 -1.61
N ALA A 216 12.44 -0.98 -0.70
CA ALA A 216 11.12 -1.27 -0.13
C ALA A 216 10.08 -1.52 -1.22
N ALA A 217 9.45 -2.70 -1.20
CA ALA A 217 8.64 -3.17 -2.34
C ALA A 217 7.29 -2.50 -2.48
N ALA A 218 6.61 -2.25 -1.36
CA ALA A 218 5.22 -1.81 -1.42
C ALA A 218 5.07 -0.29 -1.47
N VAL A 219 6.18 0.41 -1.60
CA VAL A 219 6.18 1.88 -1.73
C VAL A 219 7.05 2.39 -2.90
N ASN A 220 7.50 1.50 -3.78
CA ASN A 220 8.30 1.90 -4.93
C ASN A 220 7.85 1.26 -6.24
N ILE A 221 8.04 1.99 -7.33
CA ILE A 221 8.14 1.39 -8.66
C ILE A 221 9.60 0.98 -8.84
N ILE A 222 9.82 -0.32 -9.06
CA ILE A 222 11.18 -0.87 -9.11
C ILE A 222 11.45 -1.54 -10.46
N PRO A 223 12.30 -0.92 -11.28
CA PRO A 223 12.57 -1.53 -12.60
C PRO A 223 13.47 -2.75 -12.44
N SER A 224 13.40 -3.67 -13.38
CA SER A 224 14.29 -4.84 -13.37
C SER A 224 14.46 -5.39 -14.78
N THR A 225 15.65 -5.91 -15.09
CA THR A 225 15.84 -6.72 -16.30
C THR A 225 15.00 -7.98 -16.16
N THR A 226 14.61 -8.59 -17.27
CA THR A 226 13.96 -9.90 -17.22
C THR A 226 14.38 -10.77 -18.39
N GLY A 227 14.17 -12.07 -18.27
CA GLY A 227 14.55 -13.00 -19.32
C GLY A 227 13.35 -13.59 -20.04
N ALA A 228 12.16 -13.23 -19.58
CA ALA A 228 10.91 -13.81 -20.09
C ALA A 228 10.71 -13.65 -21.60
N ALA A 229 10.96 -12.44 -22.11
CA ALA A 229 10.85 -12.19 -23.54
C ALA A 229 11.93 -12.91 -24.36
N LYS A 230 13.17 -12.91 -23.87
CA LYS A 230 14.24 -13.70 -24.49
C LYS A 230 13.92 -15.20 -24.45
N ALA A 231 13.30 -15.66 -23.37
CA ALA A 231 12.96 -17.07 -23.19
C ALA A 231 11.96 -17.56 -24.22
N VAL A 232 11.09 -16.65 -24.67
CA VAL A 232 10.12 -16.96 -25.72
C VAL A 232 10.87 -17.33 -27.01
N GLY A 233 11.96 -16.63 -27.30
CA GLY A 233 12.79 -16.93 -28.47
C GLY A 233 13.30 -18.36 -28.47
N MET A 234 13.30 -18.97 -27.28
CA MET A 234 13.81 -20.31 -27.07
C MET A 234 12.65 -21.32 -27.22
N VAL A 235 11.45 -20.86 -26.86
CA VAL A 235 10.24 -21.68 -26.89
C VAL A 235 9.51 -21.56 -28.24
N ILE A 236 9.64 -20.40 -28.86
CA ILE A 236 9.17 -20.16 -30.23
C ILE A 236 10.41 -19.78 -31.04
N PRO A 237 11.18 -20.80 -31.51
CA PRO A 237 12.49 -20.60 -32.11
C PRO A 237 12.56 -19.58 -33.24
N SER A 238 11.46 -19.38 -33.97
CA SER A 238 11.44 -18.40 -35.06
C SER A 238 11.58 -16.95 -34.58
N THR A 239 11.50 -16.75 -33.25
CA THR A 239 11.57 -15.41 -32.66
C THR A 239 12.88 -15.20 -31.90
N GLN A 240 13.78 -16.19 -31.98
CA GLN A 240 15.07 -16.11 -31.29
C GLN A 240 15.80 -14.83 -31.71
N GLY A 241 16.32 -14.10 -30.72
CA GLY A 241 17.03 -12.84 -30.96
C GLY A 241 16.18 -11.63 -31.32
N LYS A 242 14.88 -11.81 -31.41
CA LYS A 242 13.99 -10.76 -31.85
C LYS A 242 13.16 -10.12 -30.74
N LEU A 243 13.26 -10.66 -29.54
CA LEU A 243 12.48 -10.18 -28.44
C LEU A 243 13.30 -9.98 -27.19
N THR A 244 13.04 -8.89 -26.50
CA THR A 244 13.47 -8.74 -25.13
C THR A 244 12.52 -7.88 -24.34
N GLY A 245 12.83 -7.64 -23.08
CA GLY A 245 11.97 -6.80 -22.29
C GLY A 245 12.48 -6.53 -20.91
N MET A 246 11.64 -5.94 -20.10
CA MET A 246 11.98 -5.61 -18.75
C MET A 246 10.75 -5.64 -17.89
N SER A 247 10.94 -5.46 -16.60
CA SER A 247 9.80 -5.27 -15.76
C SER A 247 9.88 -4.09 -14.81
N PHE A 248 8.71 -3.67 -14.40
CA PHE A 248 8.54 -2.73 -13.33
C PHE A 248 7.73 -3.41 -12.24
N ARG A 249 8.35 -3.62 -11.10
CA ARG A 249 7.75 -4.22 -9.93
C ARG A 249 7.01 -3.14 -9.15
N VAL A 250 5.71 -3.32 -8.97
CA VAL A 250 4.86 -2.29 -8.35
C VAL A 250 4.15 -2.84 -7.10
N PRO A 251 3.64 -1.93 -6.23
CA PRO A 251 3.01 -2.35 -4.97
C PRO A 251 1.61 -2.97 -5.07
N THR A 252 1.49 -4.12 -5.71
CA THR A 252 0.30 -4.98 -5.60
C THR A 252 0.80 -6.37 -5.23
N PRO A 253 0.05 -7.10 -4.46
CA PRO A 253 0.48 -8.40 -3.97
C PRO A 253 0.34 -9.58 -4.96
N ASP A 254 -0.46 -9.41 -5.99
CA ASP A 254 -0.64 -10.46 -6.97
C ASP A 254 -1.33 -9.92 -8.19
N VAL A 255 -1.11 -10.57 -9.31
CA VAL A 255 -1.59 -10.18 -10.63
C VAL A 255 -0.65 -9.19 -11.34
N SER A 256 -0.40 -9.48 -12.60
CA SER A 256 0.57 -8.76 -13.39
C SER A 256 0.07 -8.54 -14.81
N VAL A 257 0.74 -7.70 -15.57
CA VAL A 257 0.25 -7.41 -16.92
C VAL A 257 1.42 -7.28 -17.89
N VAL A 258 1.26 -7.89 -19.07
CA VAL A 258 2.25 -7.79 -20.15
C VAL A 258 1.84 -6.68 -21.11
N ASP A 259 2.78 -5.79 -21.40
CA ASP A 259 2.60 -4.69 -22.34
C ASP A 259 3.60 -4.97 -23.47
N LEU A 260 3.11 -5.61 -24.54
CA LEU A 260 3.99 -6.04 -25.64
C LEU A 260 3.88 -5.07 -26.80
N THR A 261 5.02 -4.51 -27.21
CA THR A 261 5.04 -3.70 -28.43
C THR A 261 5.86 -4.42 -29.47
N PHE A 262 5.29 -4.58 -30.65
CA PHE A 262 5.97 -5.35 -31.69
C PHE A 262 5.76 -4.79 -33.08
N THR A 263 6.65 -5.19 -33.99
CA THR A 263 6.48 -4.90 -35.39
C THR A 263 6.15 -6.21 -36.14
N ALA A 264 5.03 -6.19 -36.85
CA ALA A 264 4.54 -7.34 -37.59
C ALA A 264 5.38 -7.50 -38.86
N ALA A 265 5.35 -8.71 -39.43
CA ALA A 265 6.17 -9.02 -40.61
C ALA A 265 5.54 -8.56 -41.93
N ARG A 266 4.24 -8.27 -41.89
CA ARG A 266 3.51 -7.74 -43.04
C ARG A 266 2.32 -6.91 -42.59
N ASP A 267 1.68 -6.21 -43.54
CA ASP A 267 0.60 -5.28 -43.25
C ASP A 267 -0.63 -5.93 -42.63
N THR A 268 -1.07 -5.41 -41.51
CA THR A 268 -2.24 -5.89 -40.83
C THR A 268 -2.96 -4.71 -40.17
N SER A 269 -3.78 -4.93 -39.17
CA SER A 269 -4.43 -3.89 -38.39
C SER A 269 -4.62 -4.44 -36.97
N ILE A 270 -4.88 -3.56 -36.01
CA ILE A 270 -5.13 -4.00 -34.64
C ILE A 270 -6.45 -4.78 -34.52
N GLN A 271 -7.39 -4.45 -35.39
CA GLN A 271 -8.66 -5.15 -35.52
C GLN A 271 -8.47 -6.62 -35.91
N GLU A 272 -7.59 -6.87 -36.88
CA GLU A 272 -7.29 -8.25 -37.30
C GLU A 272 -6.59 -9.05 -36.22
N ILE A 273 -5.61 -8.43 -35.55
CA ILE A 273 -4.93 -9.06 -34.43
C ILE A 273 -5.94 -9.38 -33.31
N ASP A 274 -6.80 -8.42 -32.99
CA ASP A 274 -7.80 -8.56 -31.93
C ASP A 274 -8.74 -9.73 -32.23
N ALA A 275 -9.32 -9.70 -33.43
CA ALA A 275 -10.17 -10.80 -33.89
C ALA A 275 -9.46 -12.16 -33.81
N ALA A 276 -8.17 -12.19 -34.17
CA ALA A 276 -7.38 -13.43 -34.17
C ALA A 276 -7.17 -13.97 -32.75
N LEU A 277 -6.80 -13.08 -31.83
CA LEU A 277 -6.61 -13.47 -30.43
C LEU A 277 -7.90 -14.00 -29.82
N LYS A 278 -9.01 -13.35 -30.07
CA LYS A 278 -10.31 -13.80 -29.62
C LYS A 278 -10.65 -15.21 -30.16
N ARG A 279 -10.46 -15.39 -31.46
CA ARG A 279 -10.74 -16.67 -32.11
C ARG A 279 -9.86 -17.78 -31.55
N ALA A 280 -8.57 -17.49 -31.42
CA ALA A 280 -7.64 -18.43 -30.93
C ALA A 280 -8.03 -18.84 -29.51
N SER A 281 -8.45 -17.89 -28.72
CA SER A 281 -8.82 -18.13 -27.31
C SER A 281 -9.97 -19.11 -27.16
N LYS A 282 -10.87 -19.06 -28.12
CA LYS A 282 -12.02 -19.91 -28.19
C LYS A 282 -11.73 -21.28 -28.80
N THR A 283 -10.63 -21.38 -29.53
CA THR A 283 -10.28 -22.57 -30.24
C THR A 283 -8.99 -23.26 -29.85
N TYR A 284 -7.94 -23.12 -30.64
CA TYR A 284 -6.74 -23.88 -30.37
C TYR A 284 -6.00 -23.50 -29.10
N MET A 285 -6.34 -22.35 -28.54
CA MET A 285 -5.68 -21.84 -27.33
C MET A 285 -6.56 -21.95 -26.11
N LYS A 286 -7.74 -22.52 -26.28
CA LYS A 286 -8.74 -22.60 -25.21
C LYS A 286 -8.15 -23.10 -23.89
N GLY A 287 -8.50 -22.40 -22.81
CA GLY A 287 -7.96 -22.68 -21.47
C GLY A 287 -6.54 -22.18 -21.20
N ILE A 288 -5.87 -21.70 -22.24
CA ILE A 288 -4.51 -21.18 -22.09
C ILE A 288 -4.59 -19.67 -22.26
N LEU A 289 -5.19 -19.26 -23.38
CA LEU A 289 -5.41 -17.86 -23.70
C LEU A 289 -6.87 -17.53 -23.53
N GLY A 290 -7.12 -16.51 -22.71
CA GLY A 290 -8.46 -16.00 -22.54
C GLY A 290 -8.46 -14.57 -22.99
N TYR A 291 -9.63 -13.94 -22.94
CA TYR A 291 -9.71 -12.51 -23.19
C TYR A 291 -10.87 -11.88 -22.45
N THR A 292 -10.80 -10.56 -22.32
CA THR A 292 -11.90 -9.79 -21.79
C THR A 292 -12.14 -8.59 -22.69
N ASP A 293 -13.39 -8.12 -22.70
CA ASP A 293 -13.73 -6.84 -23.32
C ASP A 293 -14.42 -5.96 -22.28
N GLU A 294 -14.21 -6.30 -21.02
CA GLU A 294 -14.76 -5.52 -19.91
C GLU A 294 -13.71 -4.58 -19.30
N GLU A 295 -14.18 -3.63 -18.49
CA GLU A 295 -13.35 -2.58 -17.90
C GLU A 295 -12.71 -3.08 -16.60
N LEU A 296 -11.82 -4.03 -16.73
CA LEU A 296 -11.22 -4.71 -15.59
C LEU A 296 -9.91 -4.11 -15.07
N VAL A 297 -9.64 -4.36 -13.80
CA VAL A 297 -8.42 -3.97 -13.16
C VAL A 297 -7.79 -5.20 -12.54
N SER A 298 -6.59 -5.07 -12.02
CA SER A 298 -5.84 -6.23 -11.61
C SER A 298 -6.55 -7.20 -10.66
N ALA A 299 -7.20 -6.70 -9.64
CA ALA A 299 -7.95 -7.54 -8.69
C ALA A 299 -8.94 -8.49 -9.38
N ASP A 300 -9.49 -8.06 -10.52
CA ASP A 300 -10.47 -8.87 -11.26
C ASP A 300 -9.94 -10.17 -11.87
N PHE A 301 -8.61 -10.25 -12.01
CA PHE A 301 -7.96 -11.43 -12.55
C PHE A 301 -7.49 -12.40 -11.46
N ILE A 302 -7.71 -12.04 -10.20
CA ILE A 302 -7.32 -12.94 -9.11
C ILE A 302 -8.12 -14.22 -9.29
N ASN A 303 -7.41 -15.35 -9.24
CA ASN A 303 -7.98 -16.70 -9.41
C ASN A 303 -8.26 -17.12 -10.86
N ASP A 304 -7.83 -16.32 -11.85
CA ASP A 304 -8.05 -16.71 -13.25
C ASP A 304 -7.04 -17.80 -13.59
N ASN A 305 -7.49 -18.96 -14.07
CA ASN A 305 -6.54 -20.02 -14.35
C ASN A 305 -5.89 -20.04 -15.72
N ARG A 306 -6.31 -19.15 -16.61
CA ARG A 306 -5.61 -19.00 -17.90
C ARG A 306 -4.18 -18.48 -17.71
N SER A 307 -3.32 -18.80 -18.68
CA SER A 307 -1.95 -18.33 -18.69
C SER A 307 -1.84 -16.85 -19.08
N SER A 308 -2.81 -16.37 -19.85
CA SER A 308 -2.74 -15.06 -20.47
C SER A 308 -4.17 -14.65 -20.74
N ILE A 309 -4.54 -13.46 -20.30
CA ILE A 309 -5.89 -12.93 -20.53
C ILE A 309 -5.75 -11.60 -21.27
N TYR A 310 -5.95 -11.69 -22.57
CA TYR A 310 -5.87 -10.55 -23.47
C TYR A 310 -6.92 -9.48 -23.15
N ASP A 311 -6.45 -8.24 -23.02
CA ASP A 311 -7.32 -7.14 -22.69
C ASP A 311 -7.71 -6.45 -23.99
N SER A 312 -8.91 -6.78 -24.48
CA SER A 312 -9.34 -6.27 -25.78
C SER A 312 -9.57 -4.76 -25.82
N LYS A 313 -10.31 -4.22 -24.85
CA LYS A 313 -10.51 -2.77 -24.76
C LYS A 313 -9.21 -1.98 -24.58
N ALA A 314 -8.30 -2.44 -23.71
CA ALA A 314 -7.04 -1.71 -23.49
C ALA A 314 -6.17 -1.75 -24.75
N THR A 315 -6.30 -2.82 -25.52
CA THR A 315 -5.48 -2.98 -26.73
C THR A 315 -6.05 -2.13 -27.86
N LEU A 316 -7.35 -2.25 -28.09
CA LEU A 316 -8.02 -1.56 -29.20
C LEU A 316 -8.05 -0.05 -29.02
N GLN A 317 -8.08 0.43 -27.77
CA GLN A 317 -8.22 1.85 -27.53
C GLN A 317 -6.90 2.61 -27.57
N ASN A 318 -5.78 1.88 -27.45
CA ASN A 318 -4.49 2.52 -27.22
C ASN A 318 -3.44 2.21 -28.30
N ASN A 319 -3.94 1.91 -29.49
CA ASN A 319 -3.10 1.77 -30.66
C ASN A 319 -3.26 2.93 -31.63
N LEU A 320 -2.37 3.02 -32.62
CA LEU A 320 -2.42 4.12 -33.57
C LEU A 320 -3.44 3.84 -34.67
N PRO A 321 -4.29 4.83 -34.98
CA PRO A 321 -5.32 4.59 -35.99
C PRO A 321 -4.69 4.31 -37.36
N LYS A 322 -5.23 3.31 -38.06
CA LYS A 322 -4.81 2.95 -39.42
C LYS A 322 -3.36 2.44 -39.53
N GLU A 323 -2.73 2.14 -38.40
CA GLU A 323 -1.40 1.58 -38.41
C GLU A 323 -1.36 0.15 -38.94
N ARG A 324 -0.29 -0.20 -39.62
CA ARG A 324 -0.23 -1.48 -40.32
C ARG A 324 0.81 -2.44 -39.82
N ARG A 325 1.69 -1.97 -38.98
CA ARG A 325 2.84 -2.73 -38.59
C ARG A 325 3.22 -2.70 -37.07
N PHE A 326 3.14 -1.52 -36.48
CA PHE A 326 3.63 -1.24 -35.15
C PHE A 326 2.51 -1.26 -34.11
N PHE A 327 2.50 -2.27 -33.25
CA PHE A 327 1.33 -2.51 -32.37
C PHE A 327 1.67 -2.78 -30.92
N LYS A 328 0.72 -2.43 -30.05
CA LYS A 328 0.77 -2.75 -28.62
C LYS A 328 -0.32 -3.76 -28.28
N ILE A 329 0.05 -4.83 -27.59
CA ILE A 329 -0.93 -5.80 -27.05
C ILE A 329 -0.77 -5.91 -25.53
N VAL A 330 -1.91 -5.82 -24.83
CA VAL A 330 -1.97 -5.87 -23.37
C VAL A 330 -2.65 -7.17 -22.93
N SER A 331 -1.97 -7.92 -22.06
CA SER A 331 -2.52 -9.20 -21.58
C SER A 331 -2.14 -9.41 -20.12
N TRP A 332 -3.11 -9.88 -19.35
CA TRP A 332 -2.97 -10.05 -17.90
C TRP A 332 -2.63 -11.46 -17.52
N TYR A 333 -2.10 -11.63 -16.30
CA TYR A 333 -1.92 -12.95 -15.71
C TYR A 333 -1.92 -12.89 -14.19
N ASP A 334 -2.56 -13.88 -13.57
CA ASP A 334 -2.42 -14.06 -12.13
C ASP A 334 -1.13 -14.83 -12.00
N ASN A 335 -0.05 -14.13 -11.68
CA ASN A 335 1.30 -14.71 -11.76
C ASN A 335 1.50 -15.92 -10.85
N GLU A 336 0.65 -16.02 -9.84
CA GLU A 336 0.62 -17.16 -8.95
C GLU A 336 -0.30 -18.26 -9.52
N TRP A 337 -1.54 -17.91 -9.83
CA TRP A 337 -2.59 -18.91 -10.07
C TRP A 337 -2.51 -19.64 -11.40
N GLY A 338 -2.48 -18.87 -12.50
CA GLY A 338 -2.41 -19.43 -13.84
C GLY A 338 -1.25 -20.38 -14.01
N TYR A 339 -0.07 -19.92 -13.60
CA TYR A 339 1.17 -20.69 -13.66
C TYR A 339 1.11 -22.01 -12.89
N SER A 340 0.45 -22.00 -11.73
CA SER A 340 0.33 -23.20 -10.90
C SER A 340 -0.55 -24.23 -11.61
N HIS A 341 -1.64 -23.78 -12.22
CA HIS A 341 -2.49 -24.61 -13.05
C HIS A 341 -1.76 -25.21 -14.24
N ARG A 342 -0.83 -24.45 -14.84
CA ARG A 342 -0.01 -24.97 -15.94
C ARG A 342 0.97 -26.04 -15.49
N VAL A 343 1.55 -25.88 -14.30
CA VAL A 343 2.43 -26.88 -13.73
C VAL A 343 1.66 -28.21 -13.61
N VAL A 344 0.42 -28.15 -13.12
CA VAL A 344 -0.47 -29.32 -13.05
C VAL A 344 -0.78 -29.87 -14.46
N ASP A 345 -1.23 -28.98 -15.35
CA ASP A 345 -1.50 -29.33 -16.75
C ASP A 345 -0.32 -30.04 -17.45
N LEU A 346 0.90 -29.63 -17.14
CA LEU A 346 2.11 -30.20 -17.75
C LEU A 346 2.41 -31.61 -17.24
N VAL A 347 2.45 -31.78 -15.92
CA VAL A 347 2.67 -33.08 -15.30
C VAL A 347 1.71 -34.12 -15.89
N ARG A 348 0.43 -33.76 -15.98
CA ARG A 348 -0.60 -34.62 -16.55
C ARG A 348 -0.36 -34.96 -18.02
N HIS A 349 0.14 -33.99 -18.79
CA HIS A 349 0.49 -34.22 -20.19
C HIS A 349 1.69 -35.15 -20.30
N MET A 350 2.69 -34.93 -19.44
CA MET A 350 3.89 -35.77 -19.41
C MET A 350 3.56 -37.19 -18.99
N ALA A 351 2.54 -37.32 -18.14
CA ALA A 351 2.12 -38.61 -17.60
C ALA A 351 1.66 -39.58 -18.68
N SER A 352 0.89 -39.08 -19.63
CA SER A 352 0.38 -39.90 -20.74
C SER A 352 1.48 -40.32 -21.70
N LYS A 353 2.26 -39.35 -22.18
CA LYS A 353 3.36 -39.59 -23.12
C LYS A 353 4.45 -40.53 -22.56
N ASP A 354 4.65 -40.48 -21.25
CA ASP A 354 5.61 -41.36 -20.57
C ASP A 354 5.17 -42.82 -20.56
N ARG A 355 3.86 -43.04 -20.42
CA ARG A 355 3.30 -44.39 -20.30
C ARG A 355 2.64 -44.93 -21.58
N SER A 356 2.79 -44.19 -22.68
CA SER A 356 2.31 -44.64 -23.98
C SER A 356 3.47 -44.96 -24.93
N ALA A 357 4.56 -44.21 -24.81
CA ALA A 357 5.73 -44.39 -25.65
C ALA A 357 6.82 -45.24 -24.97
N ARG A 358 7.20 -44.86 -23.75
CA ARG A 358 8.23 -45.57 -23.00
C ARG A 358 7.69 -46.78 -22.22
N LEU A 359 6.42 -47.09 -22.44
CA LEU A 359 5.76 -48.22 -21.78
C LEU A 359 4.77 -48.91 -22.73
N MET B 1 9.94 45.86 -9.97
CA MET B 1 8.56 45.36 -9.67
C MET B 1 8.38 43.87 -10.00
N PRO B 2 8.00 43.06 -8.99
CA PRO B 2 7.69 41.65 -9.19
C PRO B 2 6.44 41.42 -10.04
N ILE B 3 6.42 40.31 -10.76
CA ILE B 3 5.25 39.80 -11.48
C ILE B 3 4.12 39.56 -10.48
N LYS B 4 2.94 40.15 -10.71
CA LYS B 4 1.83 39.99 -9.78
C LYS B 4 1.00 38.77 -10.14
N VAL B 5 1.06 37.75 -9.29
CA VAL B 5 0.47 36.45 -9.57
C VAL B 5 -0.67 36.08 -8.62
N GLY B 6 -1.72 35.49 -9.20
CA GLY B 6 -2.80 34.88 -8.44
C GLY B 6 -2.85 33.40 -8.77
N ILE B 7 -3.09 32.58 -7.76
CA ILE B 7 -3.24 31.16 -7.99
C ILE B 7 -4.69 30.77 -7.73
N ASN B 8 -5.36 30.28 -8.76
CA ASN B 8 -6.72 29.78 -8.66
C ASN B 8 -6.72 28.29 -8.48
N GLY B 9 -6.98 27.85 -7.27
CA GLY B 9 -6.98 26.46 -6.94
C GLY B 9 -5.72 26.03 -6.19
N PHE B 10 -5.84 25.79 -4.90
CA PHE B 10 -4.68 25.56 -4.06
C PHE B 10 -4.40 24.08 -3.61
N GLY B 11 -4.24 23.15 -4.54
CA GLY B 11 -4.12 21.74 -4.27
C GLY B 11 -2.75 21.19 -4.49
N ARG B 12 -2.61 19.95 -4.88
CA ARG B 12 -1.27 19.42 -5.13
C ARG B 12 -0.44 20.39 -5.97
N ILE B 13 -0.88 20.67 -7.20
CA ILE B 13 -0.16 21.59 -8.09
C ILE B 13 -0.09 23.04 -7.59
N GLY B 14 -1.23 23.63 -7.21
CA GLY B 14 -1.24 24.98 -6.64
C GLY B 14 -0.22 25.19 -5.52
N ARG B 15 -0.18 24.25 -4.59
CA ARG B 15 0.73 24.34 -3.44
C ARG B 15 2.17 24.03 -3.80
N MET B 16 2.38 23.03 -4.66
CA MET B 16 3.73 22.74 -5.16
C MET B 16 4.27 23.86 -6.04
N VAL B 17 3.40 24.50 -6.81
CA VAL B 17 3.79 25.70 -7.55
C VAL B 17 4.30 26.76 -6.56
N PHE B 18 3.55 26.98 -5.48
CA PHE B 18 4.00 27.89 -4.43
C PHE B 18 5.31 27.45 -3.76
N GLN B 19 5.45 26.17 -3.39
CA GLN B 19 6.74 25.68 -2.84
C GLN B 19 7.94 25.99 -3.76
N ALA B 20 7.75 25.73 -5.06
CA ALA B 20 8.81 25.95 -6.05
C ALA B 20 9.27 27.40 -6.07
N LEU B 21 8.30 28.30 -6.12
CA LEU B 21 8.48 29.74 -6.07
C LEU B 21 9.29 30.15 -4.85
N CYS B 22 8.93 29.61 -3.70
CA CYS B 22 9.56 29.95 -2.43
C CYS B 22 10.99 29.49 -2.33
N GLU B 23 11.19 28.21 -2.66
CA GLU B 23 12.48 27.54 -2.56
C GLU B 23 13.53 28.16 -3.48
N ASP B 24 13.08 28.65 -4.65
CA ASP B 24 13.97 29.28 -5.64
C ASP B 24 14.16 30.79 -5.43
N GLY B 25 13.63 31.28 -4.30
CA GLY B 25 13.89 32.62 -3.83
C GLY B 25 13.21 33.68 -4.67
N LEU B 26 12.15 33.27 -5.39
CA LEU B 26 11.47 34.14 -6.33
C LEU B 26 10.39 34.98 -5.65
N LEU B 27 9.93 34.55 -4.50
CA LEU B 27 8.83 35.21 -3.86
C LEU B 27 9.21 36.60 -3.36
N GLY B 28 8.55 37.60 -3.87
CA GLY B 28 8.83 38.97 -3.50
C GLY B 28 9.93 39.68 -4.25
N THR B 29 10.59 38.98 -5.16
CA THR B 29 11.58 39.56 -6.02
C THR B 29 11.12 39.47 -7.48
N GLU B 30 11.12 38.27 -8.03
CA GLU B 30 10.64 38.06 -9.36
C GLU B 30 9.09 37.92 -9.42
N ILE B 31 8.53 37.29 -8.43
CA ILE B 31 7.09 37.06 -8.40
C ILE B 31 6.47 37.41 -7.07
N ASP B 32 5.39 38.12 -7.15
CA ASP B 32 4.59 38.46 -6.02
C ASP B 32 3.32 37.60 -6.06
N VAL B 33 3.17 36.67 -5.15
CA VAL B 33 1.94 35.90 -5.10
C VAL B 33 0.96 36.69 -4.24
N VAL B 34 0.08 37.39 -4.92
CA VAL B 34 -0.85 38.32 -4.28
C VAL B 34 -1.98 37.58 -3.56
N ALA B 35 -2.44 36.49 -4.17
CA ALA B 35 -3.60 35.76 -3.68
C ALA B 35 -3.58 34.29 -4.07
N VAL B 36 -4.22 33.47 -3.27
CA VAL B 36 -4.48 32.07 -3.56
C VAL B 36 -5.93 31.77 -3.27
N VAL B 37 -6.54 30.95 -4.10
CA VAL B 37 -7.93 30.63 -3.89
C VAL B 37 -8.27 29.13 -3.86
N ASP B 38 -9.09 28.75 -2.90
CA ASP B 38 -9.60 27.42 -2.78
C ASP B 38 -10.94 27.57 -2.13
N MET B 39 -11.36 26.51 -1.48
CA MET B 39 -12.75 26.44 -1.06
C MET B 39 -13.14 27.52 -0.04
N ASN B 40 -12.30 27.79 0.92
CA ASN B 40 -12.63 28.84 1.85
C ASN B 40 -11.54 29.89 1.99
N THR B 41 -11.64 30.76 2.99
CA THR B 41 -10.63 31.76 3.23
C THR B 41 -9.89 31.47 4.52
N ASP B 42 -10.04 30.25 5.00
CA ASP B 42 -9.47 29.86 6.28
C ASP B 42 -7.96 29.73 6.24
N ALA B 43 -7.26 30.83 6.43
CA ALA B 43 -5.81 30.84 6.31
C ALA B 43 -5.12 29.79 7.20
N GLU B 44 -5.66 29.56 8.41
CA GLU B 44 -5.08 28.56 9.31
C GLU B 44 -5.05 27.18 8.67
N TYR B 45 -6.11 26.83 7.95
CA TYR B 45 -6.17 25.55 7.25
C TYR B 45 -5.23 25.51 6.04
N PHE B 46 -5.18 26.59 5.26
CA PHE B 46 -4.23 26.71 4.14
C PHE B 46 -2.82 26.52 4.68
N ALA B 47 -2.53 27.16 5.82
CA ALA B 47 -1.17 27.10 6.42
C ALA B 47 -0.82 25.67 6.81
N TYR B 48 -1.80 24.97 7.40
CA TYR B 48 -1.63 23.56 7.76
C TYR B 48 -1.32 22.70 6.51
N GLN B 49 -2.06 22.91 5.45
CA GLN B 49 -1.84 22.19 4.20
C GLN B 49 -0.46 22.44 3.59
N MET B 50 0.01 23.69 3.68
CA MET B 50 1.32 24.05 3.18
C MET B 50 2.43 23.47 4.03
N ARG B 51 2.19 23.47 5.35
CA ARG B 51 3.19 23.07 6.34
C ARG B 51 3.51 21.58 6.25
N TYR B 52 2.48 20.76 6.07
CA TYR B 52 2.64 19.30 6.12
C TYR B 52 2.28 18.63 4.81
N ASP B 53 3.19 17.80 4.30
CA ASP B 53 2.99 17.12 3.02
C ASP B 53 3.48 15.68 3.10
N THR B 54 2.56 14.73 2.90
CA THR B 54 2.84 13.31 3.00
C THR B 54 4.03 12.91 2.15
N VAL B 55 4.07 13.42 0.92
CA VAL B 55 5.08 13.06 -0.07
C VAL B 55 6.35 13.90 0.01
N HIS B 56 6.18 15.21 0.07
CA HIS B 56 7.30 16.15 -0.09
C HIS B 56 7.89 16.63 1.24
N GLY B 57 7.39 16.07 2.34
CA GLY B 57 7.89 16.35 3.70
C GLY B 57 7.42 17.68 4.27
N LYS B 58 8.02 18.10 5.38
CA LYS B 58 7.63 19.36 6.02
C LYS B 58 8.17 20.57 5.25
N PHE B 59 7.31 21.56 5.06
CA PHE B 59 7.70 22.81 4.40
C PHE B 59 8.74 23.50 5.29
N LYS B 60 9.88 23.83 4.71
CA LYS B 60 11.05 24.26 5.50
C LYS B 60 11.02 25.73 5.92
N TYR B 61 10.06 26.48 5.36
CA TYR B 61 9.85 27.89 5.68
C TYR B 61 8.61 28.09 6.55
N GLU B 62 8.71 29.02 7.48
CA GLU B 62 7.65 29.28 8.44
C GLU B 62 6.43 29.90 7.75
N VAL B 63 5.27 29.35 8.07
CA VAL B 63 4.01 29.93 7.58
C VAL B 63 3.19 30.37 8.79
N THR B 64 2.76 31.62 8.72
CA THR B 64 2.02 32.25 9.78
C THR B 64 0.74 32.80 9.15
N THR B 65 -0.25 33.15 9.96
CA THR B 65 -1.47 33.74 9.43
C THR B 65 -1.79 35.07 10.12
N THR B 66 -2.60 35.89 9.46
CA THR B 66 -2.99 37.20 9.99
C THR B 66 -4.28 37.66 9.29
N LYS B 67 -4.77 38.84 9.67
CA LYS B 67 -5.99 39.40 9.08
C LYS B 67 -5.70 40.55 8.11
N SER B 68 -6.40 40.56 6.99
CA SER B 68 -6.29 41.65 6.01
C SER B 68 -6.77 42.97 6.62
N SER B 69 -7.82 42.90 7.43
CA SER B 69 -8.29 44.03 8.24
C SER B 69 -8.92 43.49 9.53
N PRO B 70 -9.08 44.34 10.56
CA PRO B 70 -9.72 43.87 11.80
C PRO B 70 -11.20 43.50 11.64
N SER B 71 -11.84 43.97 10.58
CA SER B 71 -13.26 43.66 10.35
C SER B 71 -13.53 42.19 9.97
N VAL B 72 -12.47 41.45 9.65
CA VAL B 72 -12.58 40.04 9.28
C VAL B 72 -12.62 39.15 10.53
N ALA B 73 -13.47 38.12 10.50
CA ALA B 73 -13.67 37.24 11.65
C ALA B 73 -12.47 36.34 11.96
N LYS B 74 -11.96 35.65 10.94
CA LYS B 74 -10.80 34.76 11.08
C LYS B 74 -9.68 35.19 10.15
N ASP B 75 -8.46 34.74 10.45
CA ASP B 75 -7.30 35.01 9.61
C ASP B 75 -7.59 34.59 8.17
N ASP B 76 -7.30 35.50 7.24
CA ASP B 76 -7.52 35.33 5.82
C ASP B 76 -6.27 35.55 5.00
N THR B 77 -5.15 35.67 5.67
CA THR B 77 -3.89 36.01 5.05
C THR B 77 -2.74 35.10 5.52
N LEU B 78 -2.03 34.53 4.57
CA LEU B 78 -0.81 33.79 4.84
C LEU B 78 0.37 34.72 4.85
N VAL B 79 1.34 34.43 5.68
CA VAL B 79 2.56 35.18 5.71
C VAL B 79 3.67 34.19 5.66
N VAL B 80 4.48 34.25 4.62
CA VAL B 80 5.64 33.39 4.47
C VAL B 80 6.91 34.22 4.34
N ASN B 81 7.77 34.14 5.33
CA ASN B 81 8.97 35.01 5.43
C ASN B 81 8.69 36.47 5.09
N GLY B 82 7.67 37.03 5.73
CA GLY B 82 7.31 38.42 5.52
C GLY B 82 6.37 38.65 4.35
N HIS B 83 6.27 37.66 3.44
CA HIS B 83 5.41 37.82 2.25
C HIS B 83 3.94 37.49 2.54
N ARG B 84 3.07 38.47 2.27
CA ARG B 84 1.65 38.35 2.60
C ARG B 84 0.81 37.91 1.41
N ILE B 85 0.00 36.88 1.61
CA ILE B 85 -0.82 36.30 0.56
C ILE B 85 -2.27 36.25 1.04
N LEU B 86 -3.13 36.93 0.31
CA LEU B 86 -4.56 36.94 0.63
C LEU B 86 -5.21 35.63 0.20
N CYS B 87 -6.05 35.07 1.06
CA CYS B 87 -6.80 33.88 0.70
C CYS B 87 -8.17 34.36 0.28
N VAL B 88 -8.51 34.20 -1.00
CA VAL B 88 -9.81 34.66 -1.46
C VAL B 88 -10.75 33.46 -1.68
N LYS B 89 -12.04 33.70 -1.51
CA LYS B 89 -13.03 32.64 -1.63
C LYS B 89 -13.23 32.29 -3.10
N ALA B 90 -13.29 30.98 -3.36
CA ALA B 90 -13.50 30.44 -4.69
C ALA B 90 -14.70 31.05 -5.39
N GLN B 91 -14.65 31.01 -6.69
CA GLN B 91 -15.78 31.40 -7.50
C GLN B 91 -16.16 30.28 -8.49
N ARG B 92 -17.45 30.21 -8.83
CA ARG B 92 -17.91 29.29 -9.87
C ARG B 92 -17.52 29.81 -11.23
N ASN B 93 -17.61 31.14 -11.37
CA ASN B 93 -17.20 31.91 -12.52
C ASN B 93 -15.92 32.74 -12.36
N PRO B 94 -14.87 32.44 -13.10
CA PRO B 94 -13.63 33.22 -13.04
C PRO B 94 -13.73 34.75 -13.21
N ALA B 95 -14.71 35.24 -13.94
CA ALA B 95 -14.88 36.66 -14.14
C ALA B 95 -15.33 37.43 -12.92
N ASP B 96 -15.75 36.75 -11.89
CA ASP B 96 -16.11 37.38 -10.64
C ASP B 96 -14.93 37.60 -9.70
N LEU B 97 -13.83 36.89 -9.97
CA LEU B 97 -12.63 37.03 -9.19
C LEU B 97 -12.02 38.43 -9.25
N PRO B 98 -11.57 38.92 -8.12
CA PRO B 98 -11.13 40.30 -8.00
C PRO B 98 -9.72 40.54 -8.44
N TRP B 99 -9.33 40.00 -9.57
CA TRP B 99 -7.98 40.13 -10.02
C TRP B 99 -7.60 41.59 -10.22
N GLY B 100 -8.48 42.37 -10.83
CA GLY B 100 -8.26 43.78 -11.02
C GLY B 100 -8.15 44.59 -9.76
N LYS B 101 -9.03 44.34 -8.83
CA LYS B 101 -8.98 44.97 -7.50
C LYS B 101 -7.69 44.61 -6.78
N LEU B 102 -7.13 43.45 -7.09
CA LEU B 102 -5.92 42.94 -6.42
C LEU B 102 -4.62 43.28 -7.16
N GLY B 103 -4.74 43.80 -8.38
CA GLY B 103 -3.58 44.11 -9.22
C GLY B 103 -2.89 42.88 -9.80
N VAL B 104 -3.60 41.74 -9.79
CA VAL B 104 -3.07 40.49 -10.34
C VAL B 104 -3.07 40.52 -11.87
N GLU B 105 -1.92 40.23 -12.45
CA GLU B 105 -1.75 40.23 -13.90
C GLU B 105 -1.68 38.84 -14.55
N TYR B 106 -1.08 37.90 -13.84
CA TYR B 106 -0.91 36.55 -14.29
C TYR B 106 -1.65 35.61 -13.35
N VAL B 107 -2.49 34.78 -13.91
CA VAL B 107 -3.20 33.80 -13.15
C VAL B 107 -2.76 32.39 -13.49
N ILE B 108 -2.42 31.62 -12.48
CA ILE B 108 -2.18 30.22 -12.61
C ILE B 108 -3.49 29.48 -12.32
N GLU B 109 -4.00 28.81 -13.32
CA GLU B 109 -5.30 28.19 -13.24
C GLU B 109 -5.12 26.69 -12.99
N SER B 110 -5.34 26.29 -11.74
CA SER B 110 -5.01 24.94 -11.29
C SER B 110 -6.12 24.21 -10.54
N THR B 111 -7.36 24.61 -10.81
CA THR B 111 -8.52 23.96 -10.22
C THR B 111 -8.86 22.64 -10.92
N GLY B 112 -8.52 22.56 -12.20
CA GLY B 112 -8.95 21.45 -13.07
C GLY B 112 -10.34 21.67 -13.66
N LEU B 113 -10.95 22.81 -13.33
CA LEU B 113 -12.34 23.08 -13.71
C LEU B 113 -12.48 24.02 -14.90
N PHE B 114 -11.43 24.80 -15.19
CA PHE B 114 -11.48 25.80 -16.23
C PHE B 114 -10.43 25.59 -17.32
N THR B 115 -10.34 24.35 -17.81
CA THR B 115 -9.37 23.97 -18.81
C THR B 115 -9.81 24.31 -20.23
N ALA B 116 -11.10 24.64 -20.39
CA ALA B 116 -11.61 25.15 -21.65
C ALA B 116 -11.19 26.60 -21.78
N LYS B 117 -10.63 26.96 -22.94
CA LYS B 117 -10.11 28.30 -23.16
C LYS B 117 -11.12 29.39 -22.82
N ALA B 118 -12.36 29.20 -23.28
CA ALA B 118 -13.43 30.16 -23.01
C ALA B 118 -13.69 30.33 -21.51
N ALA B 119 -13.65 29.22 -20.77
CA ALA B 119 -13.79 29.28 -19.32
C ALA B 119 -12.65 30.09 -18.67
N ALA B 120 -11.41 29.79 -19.06
CA ALA B 120 -10.24 30.43 -18.50
C ALA B 120 -10.16 31.88 -18.85
N GLU B 121 -10.67 32.25 -20.02
CA GLU B 121 -10.77 33.62 -20.44
C GLU B 121 -11.60 34.47 -19.49
N GLY B 122 -12.39 33.82 -18.68
CA GLY B 122 -13.06 34.47 -17.57
C GLY B 122 -12.14 35.32 -16.72
N HIS B 123 -10.95 34.84 -16.45
CA HIS B 123 -10.00 35.56 -15.63
C HIS B 123 -9.59 36.89 -16.21
N LEU B 124 -9.55 36.99 -17.51
CA LEU B 124 -9.20 38.21 -18.18
C LEU B 124 -10.26 39.28 -17.96
N ARG B 125 -11.51 38.87 -17.94
CA ARG B 125 -12.59 39.79 -17.58
C ARG B 125 -12.53 40.23 -16.13
N GLY B 126 -11.96 39.42 -15.26
CA GLY B 126 -11.83 39.80 -13.88
C GLY B 126 -10.69 40.71 -13.61
N GLY B 127 -9.93 41.05 -14.64
CA GLY B 127 -8.81 41.95 -14.48
C GLY B 127 -7.41 41.45 -14.78
N ALA B 128 -7.25 40.16 -14.96
CA ALA B 128 -5.95 39.59 -15.30
C ALA B 128 -5.61 39.81 -16.78
N ARG B 129 -4.32 39.68 -17.12
CA ARG B 129 -3.86 39.82 -18.49
C ARG B 129 -3.48 38.50 -19.14
N LYS B 130 -3.00 37.55 -18.33
CA LYS B 130 -2.51 36.28 -18.83
C LYS B 130 -2.92 35.15 -17.91
N VAL B 131 -3.22 33.99 -18.51
CA VAL B 131 -3.57 32.79 -17.76
C VAL B 131 -2.73 31.59 -18.22
N VAL B 132 -2.12 30.90 -17.24
CA VAL B 132 -1.45 29.64 -17.51
C VAL B 132 -2.30 28.52 -16.92
N ILE B 133 -2.85 27.70 -17.78
CA ILE B 133 -3.59 26.53 -17.40
C ILE B 133 -2.66 25.38 -17.09
N SER B 134 -2.75 24.87 -15.87
CA SER B 134 -1.86 23.85 -15.40
C SER B 134 -2.29 22.45 -15.79
N ALA B 135 -2.64 22.27 -17.05
CA ALA B 135 -3.14 21.02 -17.56
C ALA B 135 -3.44 21.17 -19.06
N PRO B 136 -3.63 20.09 -19.77
CA PRO B 136 -4.08 20.23 -21.16
C PRO B 136 -5.33 21.09 -21.22
N ALA B 137 -5.42 21.89 -22.27
CA ALA B 137 -6.56 22.77 -22.45
C ALA B 137 -7.32 22.40 -23.72
N SER B 138 -8.58 22.81 -23.80
CA SER B 138 -9.35 22.71 -25.04
C SER B 138 -9.67 24.12 -25.55
N GLY B 139 -10.20 24.21 -26.78
CA GLY B 139 -10.68 25.50 -27.28
C GLY B 139 -9.62 26.34 -27.98
N GLY B 140 -8.49 25.73 -28.31
CA GLY B 140 -7.45 26.37 -29.09
C GLY B 140 -6.41 27.16 -28.31
N ALA B 141 -6.30 26.91 -27.01
CA ALA B 141 -5.29 27.55 -26.20
C ALA B 141 -3.89 27.05 -26.61
N LYS B 142 -2.94 27.96 -26.77
CA LYS B 142 -1.59 27.58 -27.18
C LYS B 142 -0.94 26.73 -26.10
N THR B 143 -0.37 25.60 -26.50
CA THR B 143 0.28 24.68 -25.59
C THR B 143 1.79 24.87 -25.64
N LEU B 144 2.39 25.03 -24.47
CA LEU B 144 3.79 25.34 -24.35
C LEU B 144 4.48 24.38 -23.41
N VAL B 145 5.57 23.79 -23.87
CA VAL B 145 6.38 22.91 -23.05
C VAL B 145 7.79 23.50 -22.94
N MET B 146 8.15 23.89 -21.72
CA MET B 146 9.47 24.48 -21.46
C MET B 146 10.56 23.57 -22.00
N GLY B 147 11.49 24.15 -22.75
CA GLY B 147 12.62 23.41 -23.29
C GLY B 147 12.35 22.76 -24.64
N VAL B 148 11.10 22.81 -25.09
CA VAL B 148 10.72 22.15 -26.34
C VAL B 148 10.23 23.17 -27.35
N ASN B 149 9.18 23.90 -26.99
CA ASN B 149 8.58 24.90 -27.87
C ASN B 149 8.16 26.20 -27.17
N HIS B 150 8.65 26.47 -25.96
CA HIS B 150 8.18 27.67 -25.23
C HIS B 150 8.48 29.01 -25.93
N HIS B 151 9.51 29.04 -26.78
CA HIS B 151 9.83 30.25 -27.53
C HIS B 151 8.76 30.60 -28.58
N GLU B 152 7.85 29.67 -28.84
CA GLU B 152 6.68 29.96 -29.69
C GLU B 152 5.66 30.89 -29.02
N TYR B 153 5.84 31.17 -27.72
CA TYR B 153 4.93 32.09 -27.03
C TYR B 153 5.01 33.46 -27.69
N ASN B 154 3.83 34.00 -27.99
CA ASN B 154 3.71 35.27 -28.69
C ASN B 154 2.81 36.20 -27.87
N PRO B 155 3.41 37.21 -27.22
CA PRO B 155 2.72 38.07 -26.26
C PRO B 155 1.43 38.70 -26.80
N SER B 156 1.41 39.06 -28.08
CA SER B 156 0.25 39.76 -28.63
C SER B 156 -0.90 38.82 -29.02
N GLU B 157 -0.60 37.53 -29.17
CA GLU B 157 -1.56 36.52 -29.61
C GLU B 157 -2.01 35.57 -28.49
N HIS B 158 -1.08 35.22 -27.60
CA HIS B 158 -1.29 34.14 -26.63
C HIS B 158 -1.56 34.67 -25.23
N HIS B 159 -2.82 34.62 -24.79
CA HIS B 159 -3.21 35.21 -23.51
C HIS B 159 -3.65 34.15 -22.50
N VAL B 160 -4.28 33.10 -23.01
CA VAL B 160 -4.60 31.89 -22.23
C VAL B 160 -3.80 30.74 -22.86
N VAL B 161 -2.88 30.19 -22.08
CA VAL B 161 -2.01 29.14 -22.59
C VAL B 161 -2.12 27.93 -21.67
N SER B 162 -1.67 26.77 -22.18
CA SER B 162 -1.61 25.52 -21.43
C SER B 162 -0.16 25.10 -21.27
N ASN B 163 0.18 24.60 -20.09
CA ASN B 163 1.50 24.03 -19.80
C ASN B 163 1.58 22.52 -20.03
N ALA B 164 0.56 22.00 -20.72
CA ALA B 164 0.39 20.58 -20.99
C ALA B 164 0.25 19.79 -19.69
N SER B 165 0.58 18.51 -19.74
CA SER B 165 0.43 17.65 -18.56
C SER B 165 1.81 17.27 -18.05
N CYS B 166 1.85 16.71 -16.84
CA CYS B 166 3.11 16.22 -16.32
C CYS B 166 3.66 15.15 -17.26
N THR B 167 2.79 14.26 -17.76
CA THR B 167 3.25 13.20 -18.64
C THR B 167 3.80 13.75 -19.96
N THR B 168 3.12 14.71 -20.55
CA THR B 168 3.63 15.30 -21.79
C THR B 168 4.96 16.01 -21.54
N ASN B 169 5.13 16.53 -20.34
CA ASN B 169 6.38 17.20 -20.00
C ASN B 169 7.53 16.22 -19.79
N CYS B 170 7.21 14.95 -19.51
CA CYS B 170 8.25 13.92 -19.43
C CYS B 170 8.64 13.43 -20.82
N LEU B 171 7.62 13.18 -21.64
CA LEU B 171 7.81 12.58 -22.96
C LEU B 171 8.40 13.56 -23.97
N ALA B 172 7.84 14.77 -24.03
CA ALA B 172 8.20 15.70 -25.09
C ALA B 172 9.70 16.03 -25.17
N PRO B 173 10.38 16.28 -24.02
CA PRO B 173 11.84 16.46 -24.05
C PRO B 173 12.61 15.32 -24.71
N ILE B 174 12.22 14.08 -24.47
CA ILE B 174 12.86 12.92 -25.12
C ILE B 174 12.68 12.99 -26.64
N VAL B 175 11.43 13.13 -27.08
CA VAL B 175 11.07 13.16 -28.50
C VAL B 175 11.74 14.35 -29.18
N HIS B 176 11.80 15.47 -28.46
CA HIS B 176 12.48 16.67 -28.97
C HIS B 176 13.94 16.42 -29.31
N VAL B 177 14.67 15.75 -28.41
CA VAL B 177 16.06 15.40 -28.69
C VAL B 177 16.17 14.46 -29.90
N LEU B 178 15.34 13.42 -29.95
CA LEU B 178 15.37 12.49 -31.08
C LEU B 178 15.11 13.18 -32.41
N VAL B 179 14.18 14.12 -32.40
CA VAL B 179 13.81 14.84 -33.62
C VAL B 179 14.88 15.87 -33.99
N LYS B 180 15.33 16.63 -33.00
CA LYS B 180 16.29 17.71 -33.24
C LYS B 180 17.62 17.17 -33.73
N GLU B 181 18.06 16.05 -33.14
CA GLU B 181 19.34 15.47 -33.49
C GLU B 181 19.31 14.63 -34.77
N GLY B 182 18.12 14.44 -35.34
CA GLY B 182 17.99 13.75 -36.63
C GLY B 182 17.89 12.23 -36.58
N PHE B 183 17.61 11.68 -35.40
CA PHE B 183 17.23 10.27 -35.27
C PHE B 183 15.86 10.07 -35.89
N GLY B 184 14.96 11.04 -35.65
CA GLY B 184 13.59 10.97 -36.13
C GLY B 184 12.74 10.00 -35.31
N VAL B 185 11.43 10.15 -35.43
CA VAL B 185 10.48 9.17 -34.92
C VAL B 185 9.50 8.89 -36.03
N GLN B 186 9.50 7.64 -36.51
CA GLN B 186 8.57 7.19 -37.53
C GLN B 186 7.24 6.86 -36.87
N THR B 187 7.31 6.05 -35.81
CA THR B 187 6.14 5.60 -35.06
C THR B 187 6.56 5.42 -33.60
N GLY B 188 5.65 5.69 -32.69
CA GLY B 188 5.93 5.46 -31.27
C GLY B 188 4.69 5.19 -30.44
N LEU B 189 4.84 4.32 -29.44
CA LEU B 189 3.80 4.11 -28.46
C LEU B 189 4.40 4.23 -27.08
N MET B 190 3.71 4.97 -26.21
CA MET B 190 4.19 5.20 -24.85
C MET B 190 3.28 4.53 -23.83
N THR B 191 3.91 3.95 -22.82
CA THR B 191 3.21 3.55 -21.62
C THR B 191 3.78 4.37 -20.47
N THR B 192 2.90 4.98 -19.69
CA THR B 192 3.33 5.60 -18.44
C THR B 192 2.83 4.75 -17.27
N ILE B 193 3.74 4.45 -16.36
CA ILE B 193 3.40 3.78 -15.11
C ILE B 193 3.28 4.90 -14.10
N HIS B 194 2.05 5.16 -13.68
CA HIS B 194 1.72 6.45 -13.12
C HIS B 194 1.21 6.29 -11.69
N SER B 195 1.73 7.11 -10.79
CA SER B 195 1.19 7.21 -9.42
C SER B 195 -0.28 7.61 -9.44
N TYR B 196 -1.06 7.16 -8.47
CA TYR B 196 -2.46 7.62 -8.41
C TYR B 196 -2.54 9.11 -8.08
N THR B 197 -3.70 9.70 -8.33
CA THR B 197 -3.91 11.14 -8.17
C THR B 197 -5.25 11.43 -7.46
N ALA B 198 -5.47 12.72 -7.19
CA ALA B 198 -6.68 13.22 -6.51
C ALA B 198 -8.01 12.78 -7.13
N THR B 199 -8.00 12.55 -8.44
CA THR B 199 -9.23 12.16 -9.14
C THR B 199 -9.65 10.71 -8.83
N GLN B 200 -8.69 9.90 -8.38
CA GLN B 200 -8.98 8.49 -8.09
C GLN B 200 -9.71 8.27 -6.76
N LYS B 201 -10.03 7.00 -6.47
CA LYS B 201 -10.88 6.64 -5.34
C LYS B 201 -10.15 5.70 -4.37
N THR B 202 -10.37 5.91 -3.07
CA THR B 202 -9.73 5.09 -2.03
C THR B 202 -10.25 3.64 -2.08
N VAL B 203 -11.56 3.50 -2.13
CA VAL B 203 -12.24 2.21 -2.32
C VAL B 203 -13.12 2.26 -3.58
N ASP B 204 -13.52 1.10 -4.12
CA ASP B 204 -14.39 1.09 -5.31
C ASP B 204 -15.55 2.09 -5.14
N GLY B 205 -15.57 3.10 -6.01
CA GLY B 205 -16.57 4.17 -5.94
C GLY B 205 -17.29 4.38 -7.26
N VAL B 206 -17.68 5.62 -7.54
CA VAL B 206 -18.45 5.97 -8.73
C VAL B 206 -17.56 6.74 -9.72
N SER B 207 -17.55 6.28 -10.96
CA SER B 207 -16.75 6.91 -12.02
C SER B 207 -17.37 6.54 -13.37
N VAL B 208 -18.43 7.25 -13.72
CA VAL B 208 -19.26 6.94 -14.90
C VAL B 208 -18.54 7.20 -16.24
N LYS B 209 -17.53 8.08 -16.22
CA LYS B 209 -16.74 8.42 -17.42
C LYS B 209 -15.48 7.54 -17.56
N ASP B 210 -15.14 6.83 -16.48
CA ASP B 210 -13.89 6.10 -16.38
C ASP B 210 -14.12 4.94 -15.41
N TRP B 211 -14.75 3.87 -15.91
CA TRP B 211 -15.13 2.74 -15.05
C TRP B 211 -13.95 2.15 -14.29
N ARG B 212 -12.85 1.92 -14.99
CA ARG B 212 -11.66 1.37 -14.38
C ARG B 212 -11.15 2.33 -13.31
N GLY B 213 -11.26 3.64 -13.61
CA GLY B 213 -10.78 4.71 -12.73
C GLY B 213 -11.54 4.86 -11.42
N GLY B 214 -12.68 4.19 -11.32
CA GLY B 214 -13.47 4.19 -10.08
C GLY B 214 -13.01 3.16 -9.07
N ARG B 215 -12.18 2.22 -9.50
CA ARG B 215 -11.75 1.12 -8.63
C ARG B 215 -10.66 1.55 -7.66
N ALA B 216 -10.55 0.83 -6.54
CA ALA B 216 -9.68 1.22 -5.43
C ALA B 216 -8.26 1.45 -5.92
N ALA B 217 -7.77 2.66 -5.69
CA ALA B 217 -6.55 3.14 -6.33
C ALA B 217 -5.29 2.46 -5.81
N ALA B 218 -5.24 2.22 -4.50
CA ALA B 218 -3.96 1.78 -3.93
C ALA B 218 -3.83 0.26 -3.78
N VAL B 219 -4.73 -0.49 -4.41
CA VAL B 219 -4.69 -1.94 -4.39
C VAL B 219 -4.74 -2.58 -5.79
N ASN B 220 -4.89 -1.76 -6.82
CA ASN B 220 -5.01 -2.24 -8.20
C ASN B 220 -3.97 -1.64 -9.15
N ILE B 221 -3.71 -2.35 -10.25
CA ILE B 221 -3.11 -1.77 -11.46
C ILE B 221 -4.30 -1.42 -12.35
N ILE B 222 -4.40 -0.16 -12.72
CA ILE B 222 -5.60 0.36 -13.39
C ILE B 222 -5.21 1.00 -14.73
N PRO B 223 -5.51 0.32 -15.84
CA PRO B 223 -5.25 0.92 -17.16
C PRO B 223 -6.11 2.15 -17.42
N SER B 224 -5.57 3.06 -18.23
CA SER B 224 -6.30 4.23 -18.70
C SER B 224 -5.79 4.66 -20.08
N THR B 225 -6.68 5.21 -20.90
CA THR B 225 -6.25 5.94 -22.10
C THR B 225 -5.51 7.17 -21.61
N THR B 226 -4.71 7.78 -22.48
CA THR B 226 -4.08 9.07 -22.15
C THR B 226 -3.80 9.86 -23.42
N GLY B 227 -3.94 11.18 -23.31
CA GLY B 227 -3.72 12.06 -24.44
C GLY B 227 -2.30 12.55 -24.54
N ALA B 228 -1.46 12.17 -23.58
CA ALA B 228 -0.11 12.72 -23.45
C ALA B 228 0.77 12.54 -24.67
N ALA B 229 0.80 11.33 -25.23
CA ALA B 229 1.68 11.02 -26.34
C ALA B 229 1.20 11.70 -27.63
N LYS B 230 -0.11 11.69 -27.82
CA LYS B 230 -0.74 12.39 -28.93
C LYS B 230 -0.52 13.91 -28.80
N ALA B 231 -0.54 14.43 -27.57
CA ALA B 231 -0.34 15.87 -27.28
C ALA B 231 1.03 16.39 -27.71
N VAL B 232 2.02 15.50 -27.78
CA VAL B 232 3.36 15.85 -28.26
C VAL B 232 3.28 16.35 -29.72
N GLY B 233 2.25 15.88 -30.43
CA GLY B 233 1.95 16.34 -31.78
C GLY B 233 1.76 17.85 -31.90
N MET B 234 1.16 18.46 -30.88
CA MET B 234 0.93 19.91 -30.87
C MET B 234 2.17 20.71 -30.49
N VAL B 235 3.10 20.04 -29.83
CA VAL B 235 4.30 20.66 -29.32
C VAL B 235 5.47 20.40 -30.29
N ILE B 236 5.40 19.29 -31.02
CA ILE B 236 6.39 18.92 -32.02
C ILE B 236 5.58 18.41 -33.23
N PRO B 237 5.03 19.37 -34.03
CA PRO B 237 4.08 19.15 -35.13
C PRO B 237 4.42 18.02 -36.09
N SER B 238 5.71 17.82 -36.33
CA SER B 238 6.18 16.73 -37.19
C SER B 238 5.79 15.33 -36.66
N THR B 239 5.54 15.23 -35.36
CA THR B 239 5.16 13.94 -34.75
C THR B 239 3.65 13.71 -34.77
N GLN B 240 2.90 14.68 -35.29
CA GLN B 240 1.45 14.57 -35.33
C GLN B 240 1.01 13.26 -36.01
N GLY B 241 0.17 12.50 -35.31
CA GLY B 241 -0.39 11.24 -35.82
C GLY B 241 0.55 10.04 -35.76
N LYS B 242 1.75 10.22 -35.21
CA LYS B 242 2.75 9.17 -35.16
C LYS B 242 2.90 8.55 -33.77
N LEU B 243 2.23 9.17 -32.80
CA LEU B 243 2.42 8.76 -31.41
C LEU B 243 1.10 8.62 -30.69
N THR B 244 0.95 7.53 -29.95
CA THR B 244 -0.07 7.49 -28.91
C THR B 244 0.43 6.62 -27.75
N GLY B 245 -0.42 6.39 -26.76
CA GLY B 245 -0.02 5.57 -25.62
C GLY B 245 -1.13 5.43 -24.61
N MET B 246 -0.77 4.85 -23.47
CA MET B 246 -1.71 4.54 -22.40
C MET B 246 -1.02 4.69 -21.05
N SER B 247 -1.81 4.57 -19.99
CA SER B 247 -1.34 4.70 -18.62
C SER B 247 -1.67 3.41 -17.89
N PHE B 248 -0.79 3.02 -16.96
CA PHE B 248 -1.19 2.10 -15.91
C PHE B 248 -1.01 2.84 -14.58
N ARG B 249 -2.14 3.05 -13.89
CA ARG B 249 -2.15 3.72 -12.59
C ARG B 249 -1.88 2.69 -11.53
N VAL B 250 -0.84 2.93 -10.72
CA VAL B 250 -0.37 1.94 -9.77
C VAL B 250 -0.31 2.58 -8.37
N PRO B 251 -0.27 1.73 -7.31
CA PRO B 251 -0.36 2.20 -5.92
C PRO B 251 0.90 2.87 -5.35
N THR B 252 1.29 3.99 -5.95
CA THR B 252 2.26 4.91 -5.32
C THR B 252 1.64 6.31 -5.36
N PRO B 253 1.86 7.15 -4.30
CA PRO B 253 1.19 8.46 -4.28
C PRO B 253 1.87 9.56 -5.11
N ASP B 254 3.11 9.33 -5.55
CA ASP B 254 3.84 10.29 -6.40
C ASP B 254 5.06 9.64 -7.06
N VAL B 255 5.47 10.23 -8.18
CA VAL B 255 6.55 9.75 -9.08
C VAL B 255 6.06 8.70 -10.07
N SER B 256 6.33 8.96 -11.34
CA SER B 256 5.84 8.18 -12.45
C SER B 256 6.98 7.89 -13.44
N VAL B 257 6.72 6.99 -14.39
CA VAL B 257 7.78 6.65 -15.34
C VAL B 257 7.22 6.46 -16.77
N VAL B 258 7.89 7.05 -17.73
CA VAL B 258 7.57 6.87 -19.15
C VAL B 258 8.40 5.75 -19.75
N ASP B 259 7.70 4.86 -20.47
CA ASP B 259 8.29 3.72 -21.16
C ASP B 259 7.90 3.91 -22.63
N LEU B 260 8.78 4.58 -23.39
CA LEU B 260 8.55 4.88 -24.81
C LEU B 260 9.15 3.81 -25.70
N THR B 261 8.33 3.24 -26.58
CA THR B 261 8.84 2.33 -27.61
C THR B 261 8.58 3.01 -28.94
N PHE B 262 9.60 3.06 -29.79
CA PHE B 262 9.52 3.83 -31.03
C PHE B 262 10.41 3.27 -32.13
N THR B 263 10.07 3.64 -33.36
CA THR B 263 10.88 3.34 -34.53
C THR B 263 11.56 4.63 -34.98
N ALA B 264 12.88 4.59 -35.04
CA ALA B 264 13.68 5.74 -35.53
C ALA B 264 13.53 5.90 -37.04
N ALA B 265 13.84 7.10 -37.55
CA ALA B 265 13.71 7.39 -38.98
C ALA B 265 14.98 7.05 -39.76
N ARG B 266 16.07 6.74 -39.06
CA ARG B 266 17.27 6.26 -39.70
C ARG B 266 17.88 5.20 -38.82
N ASP B 267 18.84 4.48 -39.39
CA ASP B 267 19.62 3.51 -38.66
C ASP B 267 20.41 4.17 -37.53
N THR B 268 20.32 3.58 -36.35
CA THR B 268 21.01 4.11 -35.18
C THR B 268 21.34 2.96 -34.21
N SER B 269 21.52 3.28 -32.93
CA SER B 269 21.75 2.28 -31.93
C SER B 269 21.32 2.87 -30.59
N ILE B 270 21.03 2.02 -29.62
CA ILE B 270 20.67 2.52 -28.28
C ILE B 270 21.82 3.32 -27.65
N GLN B 271 23.05 2.91 -27.94
CA GLN B 271 24.25 3.60 -27.45
C GLN B 271 24.35 5.03 -27.96
N GLU B 272 24.04 5.23 -29.25
CA GLU B 272 24.02 6.57 -29.85
C GLU B 272 22.92 7.44 -29.27
N ILE B 273 21.73 6.85 -29.09
CA ILE B 273 20.59 7.55 -28.49
C ILE B 273 20.93 7.92 -27.04
N ASP B 274 21.45 6.95 -26.29
CA ASP B 274 21.88 7.17 -24.91
C ASP B 274 22.85 8.36 -24.81
N ALA B 275 23.83 8.41 -25.71
CA ALA B 275 24.85 9.45 -25.69
C ALA B 275 24.25 10.83 -25.99
N ALA B 276 23.32 10.86 -26.94
CA ALA B 276 22.64 12.10 -27.31
C ALA B 276 21.75 12.67 -26.18
N LEU B 277 21.00 11.81 -25.49
CA LEU B 277 20.18 12.23 -24.35
C LEU B 277 21.03 12.82 -23.22
N LYS B 278 22.16 12.17 -22.90
CA LYS B 278 23.10 12.69 -21.91
C LYS B 278 23.65 14.05 -22.31
N ARG B 279 24.04 14.21 -23.57
CA ARG B 279 24.60 15.48 -24.05
C ARG B 279 23.56 16.57 -24.03
N ALA B 280 22.39 16.24 -24.49
CA ALA B 280 21.29 17.21 -24.50
C ALA B 280 21.04 17.73 -23.08
N SER B 281 21.04 16.83 -22.10
CA SER B 281 20.75 17.17 -20.70
C SER B 281 21.83 18.06 -20.07
N LYS B 282 23.04 17.98 -20.62
CA LYS B 282 24.15 18.78 -20.15
C LYS B 282 24.21 20.14 -20.83
N THR B 283 23.46 20.29 -21.93
CA THR B 283 23.53 21.47 -22.77
C THR B 283 22.17 22.12 -22.97
N TYR B 284 21.58 21.96 -24.14
CA TYR B 284 20.38 22.72 -24.50
C TYR B 284 19.09 22.30 -23.79
N MET B 285 19.11 21.15 -23.13
CA MET B 285 17.97 20.70 -22.32
C MET B 285 18.25 20.79 -20.82
N LYS B 286 19.34 21.47 -20.44
CA LYS B 286 19.74 21.52 -19.02
C LYS B 286 18.61 22.08 -18.15
N GLY B 287 18.33 21.41 -17.04
CA GLY B 287 17.21 21.82 -16.16
C GLY B 287 15.84 21.27 -16.55
N ILE B 288 15.73 20.75 -17.78
CA ILE B 288 14.50 20.16 -18.32
C ILE B 288 14.63 18.64 -18.40
N LEU B 289 15.65 18.17 -19.12
CA LEU B 289 15.97 16.75 -19.23
C LEU B 289 17.19 16.49 -18.37
N GLY B 290 17.06 15.54 -17.44
CA GLY B 290 18.20 15.07 -16.66
C GLY B 290 18.43 13.61 -16.99
N TYR B 291 19.48 13.03 -16.42
CA TYR B 291 19.62 11.60 -16.53
C TYR B 291 20.25 11.03 -15.27
N THR B 292 20.06 9.72 -15.13
CA THR B 292 20.73 8.98 -14.09
C THR B 292 21.42 7.79 -14.73
N ASP B 293 22.52 7.36 -14.11
CA ASP B 293 23.11 6.07 -14.43
C ASP B 293 23.24 5.22 -13.16
N GLU B 294 22.44 5.56 -12.15
CA GLU B 294 22.43 4.79 -10.91
C GLU B 294 21.23 3.87 -10.83
N GLU B 295 21.24 2.97 -9.85
CA GLU B 295 20.21 1.95 -9.66
C GLU B 295 19.01 2.50 -8.86
N LEU B 296 18.26 3.41 -9.48
CA LEU B 296 17.24 4.16 -8.75
C LEU B 296 15.84 3.59 -8.84
N VAL B 297 15.06 3.88 -7.81
CA VAL B 297 13.66 3.48 -7.77
C VAL B 297 12.85 4.75 -7.62
N SER B 298 11.53 4.61 -7.68
CA SER B 298 10.66 5.77 -7.72
C SER B 298 10.90 6.78 -6.58
N ALA B 299 11.08 6.31 -5.34
CA ALA B 299 11.31 7.23 -4.21
C ALA B 299 12.50 8.17 -4.44
N ASP B 300 13.48 7.73 -5.22
CA ASP B 300 14.71 8.50 -5.43
C ASP B 300 14.53 9.73 -6.33
N PHE B 301 13.39 9.80 -7.01
CA PHE B 301 13.07 10.94 -7.87
C PHE B 301 12.14 11.97 -7.21
N ILE B 302 11.72 11.68 -5.97
CA ILE B 302 10.91 12.64 -5.22
C ILE B 302 11.69 13.95 -5.10
N ASN B 303 11.02 15.06 -5.43
CA ASN B 303 11.64 16.41 -5.40
C ASN B 303 12.65 16.70 -6.52
N ASP B 304 12.69 15.88 -7.56
CA ASP B 304 13.55 16.18 -8.69
C ASP B 304 12.84 17.23 -9.51
N ASN B 305 13.49 18.36 -9.78
CA ASN B 305 12.81 19.46 -10.47
C ASN B 305 12.86 19.37 -11.99
N ARG B 306 13.50 18.33 -12.53
CA ARG B 306 13.50 18.15 -13.99
C ARG B 306 12.14 17.66 -14.50
N SER B 307 11.82 17.94 -15.76
CA SER B 307 10.62 17.41 -16.41
C SER B 307 10.73 15.93 -16.73
N SER B 308 11.95 15.45 -16.93
CA SER B 308 12.15 14.12 -17.47
C SER B 308 13.55 13.71 -17.02
N ILE B 309 13.64 12.55 -16.38
CA ILE B 309 14.94 12.06 -15.92
C ILE B 309 15.20 10.68 -16.53
N TYR B 310 16.00 10.73 -17.59
CA TYR B 310 16.29 9.58 -18.41
C TYR B 310 17.06 8.52 -17.60
N ASP B 311 16.60 7.28 -17.67
CA ASP B 311 17.22 6.17 -16.94
C ASP B 311 18.16 5.43 -17.89
N SER B 312 19.46 5.73 -17.77
CA SER B 312 20.46 5.19 -18.71
C SER B 312 20.64 3.69 -18.55
N LYS B 313 20.75 3.23 -17.31
CA LYS B 313 20.94 1.80 -17.05
C LYS B 313 19.73 0.97 -17.46
N ALA B 314 18.53 1.41 -17.08
CA ALA B 314 17.29 0.74 -17.52
C ALA B 314 17.19 0.66 -19.05
N THR B 315 17.53 1.76 -19.73
CA THR B 315 17.44 1.83 -21.18
C THR B 315 18.54 1.00 -21.88
N LEU B 316 19.78 1.13 -21.42
CA LEU B 316 20.87 0.39 -22.03
C LEU B 316 20.77 -1.12 -21.82
N GLN B 317 20.20 -1.53 -20.68
CA GLN B 317 20.14 -2.95 -20.34
C GLN B 317 18.98 -3.72 -20.96
N ASN B 318 17.98 -3.02 -21.45
CA ASN B 318 16.73 -3.67 -21.83
C ASN B 318 16.34 -3.43 -23.29
N ASN B 319 17.34 -3.25 -24.13
CA ASN B 319 17.11 -3.15 -25.56
C ASN B 319 17.68 -4.34 -26.33
N LEU B 320 17.32 -4.42 -27.60
CA LEU B 320 17.72 -5.51 -28.48
C LEU B 320 19.17 -5.36 -28.95
N PRO B 321 19.99 -6.41 -28.77
CA PRO B 321 21.37 -6.41 -29.27
C PRO B 321 21.43 -6.07 -30.77
N LYS B 322 22.28 -5.13 -31.14
CA LYS B 322 22.54 -4.80 -32.52
C LYS B 322 21.42 -4.08 -33.24
N GLU B 323 20.34 -3.81 -32.57
CA GLU B 323 19.14 -3.27 -33.21
C GLU B 323 19.38 -1.88 -33.76
N ARG B 324 18.79 -1.60 -34.90
CA ARG B 324 19.03 -0.36 -35.58
C ARG B 324 17.88 0.61 -35.65
N ARG B 325 16.68 0.14 -35.36
CA ARG B 325 15.49 0.98 -35.56
C ARG B 325 14.48 1.04 -34.40
N PHE B 326 14.31 -0.09 -33.72
CA PHE B 326 13.19 -0.34 -32.77
C PHE B 326 13.71 -0.32 -31.34
N PHE B 327 13.36 0.72 -30.59
CA PHE B 327 14.00 0.97 -29.29
C PHE B 327 13.01 1.30 -28.19
N LYS B 328 13.46 1.06 -26.96
CA LYS B 328 12.77 1.46 -25.74
C LYS B 328 13.60 2.49 -24.98
N ILE B 329 12.97 3.58 -24.58
CA ILE B 329 13.58 4.58 -23.71
C ILE B 329 12.75 4.74 -22.43
N VAL B 330 13.41 4.66 -21.29
CA VAL B 330 12.78 4.81 -19.98
C VAL B 330 13.14 6.17 -19.38
N SER B 331 12.14 6.92 -18.91
CA SER B 331 12.39 8.21 -18.26
C SER B 331 11.43 8.48 -17.12
N TRP B 332 11.97 8.98 -16.02
CA TRP B 332 11.16 9.22 -14.81
C TRP B 332 10.69 10.67 -14.71
N TYR B 333 9.71 10.90 -13.84
CA TYR B 333 9.27 12.26 -13.48
C TYR B 333 8.51 12.26 -12.17
N ASP B 334 8.86 13.20 -11.31
CA ASP B 334 8.06 13.46 -10.12
C ASP B 334 6.89 14.28 -10.65
N ASN B 335 5.75 13.61 -10.85
CA ASN B 335 4.61 14.22 -11.56
C ASN B 335 4.05 15.50 -10.93
N GLU B 336 4.24 15.66 -9.62
CA GLU B 336 3.86 16.90 -8.93
C GLU B 336 4.96 17.97 -8.97
N TRP B 337 6.21 17.58 -8.72
CA TRP B 337 7.25 18.56 -8.42
C TRP B 337 7.88 19.17 -9.67
N GLY B 338 8.20 18.33 -10.65
CA GLY B 338 8.88 18.81 -11.86
C GLY B 338 7.92 19.72 -12.59
N TYR B 339 6.68 19.25 -12.75
CA TYR B 339 5.63 20.01 -13.46
C TYR B 339 5.35 21.37 -12.83
N SER B 340 5.30 21.42 -11.50
CA SER B 340 5.06 22.68 -10.78
C SER B 340 6.17 23.69 -11.04
N HIS B 341 7.40 23.19 -11.13
CA HIS B 341 8.51 24.05 -11.48
C HIS B 341 8.35 24.60 -12.91
N ARG B 342 7.82 23.76 -13.80
CA ARG B 342 7.63 24.15 -15.18
C ARG B 342 6.57 25.26 -15.29
N VAL B 343 5.52 25.20 -14.48
CA VAL B 343 4.50 26.27 -14.46
C VAL B 343 5.15 27.63 -14.14
N VAL B 344 6.00 27.62 -13.11
CA VAL B 344 6.71 28.82 -12.68
C VAL B 344 7.63 29.30 -13.80
N ASP B 345 8.39 28.36 -14.38
CA ASP B 345 9.30 28.65 -15.49
C ASP B 345 8.54 29.33 -16.63
N LEU B 346 7.36 28.81 -16.94
CA LEU B 346 6.56 29.33 -18.05
C LEU B 346 6.05 30.75 -17.80
N VAL B 347 5.57 30.99 -16.58
CA VAL B 347 5.12 32.32 -16.18
C VAL B 347 6.27 33.33 -16.32
N ARG B 348 7.45 32.93 -15.86
CA ARG B 348 8.64 33.79 -15.92
C ARG B 348 9.02 34.12 -17.34
N HIS B 349 8.93 33.11 -18.21
CA HIS B 349 9.22 33.26 -19.63
C HIS B 349 8.26 34.23 -20.27
N MET B 350 6.97 34.02 -20.01
CA MET B 350 5.89 34.89 -20.52
C MET B 350 6.06 36.35 -20.09
N ALA B 351 6.34 36.56 -18.81
CA ALA B 351 6.53 37.91 -18.28
C ALA B 351 7.71 38.61 -18.95
N SER B 352 8.79 37.86 -19.16
CA SER B 352 9.97 38.39 -19.85
C SER B 352 9.59 38.85 -21.27
N LYS B 353 8.92 37.97 -22.01
CA LYS B 353 8.48 38.27 -23.37
C LYS B 353 7.48 39.43 -23.42
N ASP B 354 6.53 39.45 -22.49
CA ASP B 354 5.58 40.56 -22.38
C ASP B 354 6.27 41.89 -22.16
N ARG B 355 7.23 41.93 -21.24
CA ARG B 355 8.05 43.12 -21.00
C ARG B 355 8.72 43.59 -22.30
N SER B 356 9.39 42.68 -23.00
CA SER B 356 10.07 42.97 -24.26
C SER B 356 9.15 43.50 -25.36
N ALA B 357 7.94 42.97 -25.41
CA ALA B 357 6.96 43.35 -26.43
C ALA B 357 6.40 44.76 -26.23
N ARG B 358 6.57 45.33 -25.05
CA ARG B 358 6.14 46.70 -24.75
C ARG B 358 6.99 47.72 -25.54
N LEU B 359 8.31 47.56 -25.49
CA LEU B 359 9.22 48.23 -26.43
C LEU B 359 10.52 47.45 -26.60
N MET C 1 -45.79 -13.28 2.53
CA MET C 1 -45.46 -12.34 1.42
C MET C 1 -43.98 -11.96 1.42
N PRO C 2 -43.34 -11.94 0.23
CA PRO C 2 -42.03 -11.33 0.09
C PRO C 2 -42.15 -9.86 0.38
N ILE C 3 -41.30 -9.35 1.26
CA ILE C 3 -41.44 -7.96 1.67
C ILE C 3 -40.88 -7.00 0.61
N LYS C 4 -41.59 -5.89 0.41
CA LYS C 4 -41.29 -4.98 -0.68
C LYS C 4 -40.27 -3.96 -0.22
N VAL C 5 -39.04 -4.08 -0.75
CA VAL C 5 -37.92 -3.24 -0.33
C VAL C 5 -37.46 -2.32 -1.45
N GLY C 6 -37.12 -1.09 -1.10
CA GLY C 6 -36.47 -0.16 -2.01
C GLY C 6 -35.21 0.32 -1.33
N ILE C 7 -34.15 0.49 -2.12
CA ILE C 7 -32.88 0.98 -1.60
C ILE C 7 -32.61 2.39 -2.14
N ASN C 8 -32.61 3.37 -1.24
CA ASN C 8 -32.19 4.73 -1.58
C ASN C 8 -30.67 4.86 -1.42
N GLY C 9 -30.02 5.12 -2.54
CA GLY C 9 -28.56 5.17 -2.62
C GLY C 9 -28.11 3.82 -3.09
N PHE C 10 -27.44 3.78 -4.24
CA PHE C 10 -26.83 2.54 -4.71
C PHE C 10 -25.36 2.82 -5.01
N GLY C 11 -24.74 3.53 -4.08
CA GLY C 11 -23.29 3.58 -3.98
C GLY C 11 -22.87 2.25 -3.38
N ARG C 12 -21.68 2.21 -2.80
CA ARG C 12 -21.10 0.98 -2.28
C ARG C 12 -21.89 0.37 -1.12
N ILE C 13 -22.44 1.23 -0.25
CA ILE C 13 -23.18 0.79 0.91
C ILE C 13 -24.47 0.08 0.47
N GLY C 14 -25.26 0.74 -0.37
CA GLY C 14 -26.49 0.16 -0.89
C GLY C 14 -26.22 -1.10 -1.69
N ARG C 15 -25.20 -1.03 -2.55
CA ARG C 15 -24.74 -2.20 -3.32
C ARG C 15 -24.49 -3.44 -2.47
N MET C 16 -23.72 -3.25 -1.39
CA MET C 16 -23.33 -4.39 -0.58
C MET C 16 -24.47 -4.93 0.28
N VAL C 17 -25.42 -4.06 0.65
CA VAL C 17 -26.63 -4.53 1.32
C VAL C 17 -27.40 -5.45 0.34
N PHE C 18 -27.48 -5.04 -0.92
CA PHE C 18 -28.15 -5.85 -1.94
C PHE C 18 -27.46 -7.21 -2.15
N GLN C 19 -26.13 -7.18 -2.23
CA GLN C 19 -25.32 -8.38 -2.41
C GLN C 19 -25.43 -9.37 -1.24
N ALA C 20 -25.47 -8.86 -0.01
CA ALA C 20 -25.69 -9.67 1.19
C ALA C 20 -27.06 -10.33 1.16
N LEU C 21 -28.09 -9.56 0.80
CA LEU C 21 -29.45 -10.06 0.66
C LEU C 21 -29.50 -11.23 -0.33
N CYS C 22 -28.85 -11.06 -1.48
CA CYS C 22 -28.80 -12.10 -2.51
C CYS C 22 -28.04 -13.33 -2.02
N GLU C 23 -26.91 -13.10 -1.36
CA GLU C 23 -26.08 -14.17 -0.80
C GLU C 23 -26.86 -15.03 0.19
N ASP C 24 -27.78 -14.43 0.93
CA ASP C 24 -28.62 -15.15 1.89
C ASP C 24 -29.78 -15.92 1.22
N GLY C 25 -29.85 -15.86 -0.11
CA GLY C 25 -30.86 -16.58 -0.89
C GLY C 25 -32.24 -15.95 -0.82
N LEU C 26 -32.27 -14.64 -0.59
CA LEU C 26 -33.50 -13.97 -0.25
C LEU C 26 -34.21 -13.27 -1.39
N LEU C 27 -33.49 -12.99 -2.48
CA LEU C 27 -34.06 -12.20 -3.57
C LEU C 27 -35.11 -12.99 -4.35
N GLY C 28 -36.30 -12.41 -4.42
CA GLY C 28 -37.46 -12.99 -5.13
C GLY C 28 -38.19 -14.05 -4.30
N THR C 29 -37.60 -14.41 -3.16
CA THR C 29 -38.13 -15.47 -2.28
C THR C 29 -38.71 -14.86 -0.99
N GLU C 30 -37.86 -14.22 -0.20
CA GLU C 30 -38.31 -13.57 1.04
C GLU C 30 -38.39 -12.05 0.88
N ILE C 31 -37.57 -11.51 -0.02
CA ILE C 31 -37.53 -10.06 -0.21
C ILE C 31 -37.63 -9.69 -1.67
N ASP C 32 -38.62 -8.86 -1.99
CA ASP C 32 -38.75 -8.27 -3.30
C ASP C 32 -38.06 -6.91 -3.27
N VAL C 33 -36.82 -6.86 -3.75
CA VAL C 33 -36.21 -5.56 -4.02
C VAL C 33 -36.85 -4.99 -5.30
N VAL C 34 -37.73 -4.04 -5.11
CA VAL C 34 -38.41 -3.45 -6.22
C VAL C 34 -37.58 -2.47 -7.03
N ALA C 35 -36.81 -1.64 -6.32
CA ALA C 35 -36.05 -0.59 -6.93
C ALA C 35 -34.86 -0.18 -6.12
N VAL C 36 -33.89 0.33 -6.83
CA VAL C 36 -32.83 1.11 -6.26
C VAL C 36 -32.88 2.53 -6.82
N VAL C 37 -32.49 3.48 -6.01
CA VAL C 37 -32.58 4.89 -6.33
C VAL C 37 -31.20 5.49 -6.19
N ASP C 38 -30.80 6.24 -7.21
CA ASP C 38 -29.45 6.73 -7.32
C ASP C 38 -29.34 7.81 -8.40
N MET C 39 -28.23 8.54 -8.34
CA MET C 39 -27.92 9.58 -9.31
C MET C 39 -27.87 8.99 -10.70
N ASN C 40 -27.28 7.81 -10.85
CA ASN C 40 -27.26 7.20 -12.14
C ASN C 40 -28.29 6.10 -12.28
N THR C 41 -28.73 5.88 -13.50
CA THR C 41 -29.73 4.87 -13.78
C THR C 41 -29.22 3.90 -14.84
N ASP C 42 -27.93 3.99 -15.14
CA ASP C 42 -27.28 3.11 -16.09
C ASP C 42 -27.09 1.72 -15.48
N ALA C 43 -28.06 0.84 -15.71
CA ALA C 43 -28.02 -0.50 -15.15
C ALA C 43 -26.76 -1.28 -15.53
N GLU C 44 -26.24 -1.05 -16.74
CA GLU C 44 -25.01 -1.69 -17.19
C GLU C 44 -23.83 -1.41 -16.25
N TYR C 45 -23.72 -0.17 -15.84
CA TYR C 45 -22.68 0.25 -14.90
C TYR C 45 -22.88 -0.40 -13.53
N PHE C 46 -24.13 -0.40 -13.07
CA PHE C 46 -24.48 -1.05 -11.81
C PHE C 46 -24.14 -2.53 -11.83
N ALA C 47 -24.42 -3.19 -12.95
CA ALA C 47 -24.10 -4.61 -13.11
C ALA C 47 -22.60 -4.84 -13.07
N TYR C 48 -21.84 -3.95 -13.71
CA TYR C 48 -20.37 -4.00 -13.66
C TYR C 48 -19.89 -3.87 -12.21
N GLN C 49 -20.47 -2.92 -11.49
CA GLN C 49 -20.10 -2.68 -10.08
C GLN C 49 -20.40 -3.89 -9.19
N MET C 50 -21.53 -4.54 -9.43
CA MET C 50 -21.91 -5.75 -8.67
C MET C 50 -21.02 -6.94 -8.99
N ARG C 51 -20.67 -7.06 -10.27
CA ARG C 51 -19.95 -8.21 -10.80
C ARG C 51 -18.52 -8.30 -10.28
N TYR C 52 -17.87 -7.13 -10.16
CA TYR C 52 -16.46 -7.07 -9.81
C TYR C 52 -16.22 -6.21 -8.61
N ASP C 53 -15.57 -6.79 -7.62
CA ASP C 53 -15.27 -6.06 -6.37
C ASP C 53 -13.81 -6.30 -6.03
N THR C 54 -13.06 -5.22 -5.83
CA THR C 54 -11.63 -5.35 -5.52
C THR C 54 -11.40 -6.20 -4.26
N VAL C 55 -12.25 -5.98 -3.25
CA VAL C 55 -12.14 -6.67 -1.97
C VAL C 55 -12.89 -8.01 -1.89
N HIS C 56 -14.16 -8.00 -2.28
CA HIS C 56 -15.04 -9.14 -2.04
C HIS C 56 -15.12 -10.11 -3.22
N GLY C 57 -14.36 -9.82 -4.28
CA GLY C 57 -14.25 -10.71 -5.44
C GLY C 57 -15.47 -10.73 -6.33
N LYS C 58 -15.80 -11.93 -6.81
CA LYS C 58 -16.87 -12.12 -7.80
C LYS C 58 -18.22 -12.36 -7.15
N PHE C 59 -19.25 -11.72 -7.68
CA PHE C 59 -20.63 -11.90 -7.20
C PHE C 59 -21.14 -13.31 -7.55
N LYS C 60 -21.68 -13.99 -6.54
CA LYS C 60 -22.08 -15.41 -6.61
C LYS C 60 -23.20 -15.71 -7.63
N TYR C 61 -23.99 -14.70 -7.94
CA TYR C 61 -25.02 -14.82 -8.97
C TYR C 61 -24.68 -14.03 -10.22
N GLU C 62 -25.34 -14.35 -11.31
CA GLU C 62 -25.19 -13.63 -12.56
C GLU C 62 -26.06 -12.38 -12.53
N VAL C 63 -25.55 -11.29 -13.03
CA VAL C 63 -26.33 -10.06 -13.17
C VAL C 63 -26.44 -9.68 -14.64
N THR C 64 -27.66 -9.47 -15.09
CA THR C 64 -27.90 -8.97 -16.42
C THR C 64 -28.72 -7.70 -16.31
N THR C 65 -28.91 -7.05 -17.45
CA THR C 65 -29.74 -5.85 -17.50
C THR C 65 -30.77 -6.00 -18.60
N THR C 66 -31.84 -5.21 -18.49
CA THR C 66 -32.87 -5.15 -19.51
C THR C 66 -33.53 -3.78 -19.46
N LYS C 67 -34.57 -3.58 -20.26
CA LYS C 67 -35.33 -2.33 -20.28
C LYS C 67 -36.70 -2.51 -19.65
N SER C 68 -37.17 -1.48 -18.95
CA SER C 68 -38.50 -1.48 -18.36
C SER C 68 -39.61 -1.31 -19.40
N SER C 69 -39.25 -0.71 -20.53
CA SER C 69 -40.12 -0.64 -21.71
C SER C 69 -39.24 -0.47 -22.95
N PRO C 70 -39.67 -0.98 -24.08
CA PRO C 70 -38.84 -0.98 -25.29
C PRO C 70 -38.37 0.39 -25.70
N SER C 71 -38.96 1.40 -25.10
CA SER C 71 -38.61 2.76 -25.41
C SER C 71 -37.27 3.21 -24.85
N VAL C 72 -36.93 2.78 -23.65
CA VAL C 72 -35.73 3.26 -23.02
C VAL C 72 -34.52 3.01 -23.88
N ALA C 73 -33.65 3.99 -24.00
CA ALA C 73 -32.43 3.83 -24.77
C ALA C 73 -31.44 2.90 -24.10
N LYS C 74 -30.95 3.28 -22.93
CA LYS C 74 -29.99 2.47 -22.18
C LYS C 74 -30.68 1.66 -21.08
N ASP C 75 -30.26 0.41 -20.89
CA ASP C 75 -30.85 -0.51 -19.95
C ASP C 75 -30.95 0.15 -18.59
N ASP C 76 -32.11 0.00 -17.94
CA ASP C 76 -32.46 0.65 -16.71
C ASP C 76 -33.02 -0.29 -15.68
N THR C 77 -32.84 -1.57 -15.89
CA THR C 77 -33.33 -2.58 -14.99
C THR C 77 -32.26 -3.64 -14.80
N LEU C 78 -32.04 -4.05 -13.57
CA LEU C 78 -31.12 -5.12 -13.27
C LEU C 78 -31.89 -6.42 -13.14
N VAL C 79 -31.25 -7.54 -13.48
CA VAL C 79 -31.89 -8.82 -13.34
C VAL C 79 -30.96 -9.80 -12.68
N VAL C 80 -31.40 -10.39 -11.60
CA VAL C 80 -30.66 -11.40 -10.88
C VAL C 80 -31.62 -12.52 -10.56
N ASN C 81 -31.30 -13.73 -10.99
CA ASN C 81 -32.16 -14.89 -10.76
C ASN C 81 -33.60 -14.62 -11.11
N GLY C 82 -33.77 -13.95 -12.23
CA GLY C 82 -35.08 -13.70 -12.76
C GLY C 82 -35.78 -12.50 -12.20
N HIS C 83 -35.22 -11.98 -11.14
CA HIS C 83 -35.84 -10.86 -10.43
C HIS C 83 -35.43 -9.52 -11.03
N ARG C 84 -36.42 -8.68 -11.31
CA ARG C 84 -36.19 -7.40 -11.95
C ARG C 84 -36.09 -6.31 -10.89
N ILE C 85 -35.05 -5.47 -10.99
CA ILE C 85 -34.92 -4.34 -10.09
C ILE C 85 -34.81 -3.07 -10.92
N LEU C 86 -35.73 -2.17 -10.70
CA LEU C 86 -35.71 -0.93 -11.42
C LEU C 86 -34.68 -0.01 -10.84
N CYS C 87 -33.97 0.66 -11.70
CA CYS C 87 -33.05 1.72 -11.34
C CYS C 87 -33.73 3.06 -11.52
N VAL C 88 -34.05 3.69 -10.42
CA VAL C 88 -34.77 4.94 -10.42
C VAL C 88 -33.87 6.13 -10.15
N LYS C 89 -34.16 7.26 -10.75
CA LYS C 89 -33.41 8.49 -10.50
C LYS C 89 -33.65 9.07 -9.09
N ALA C 90 -32.57 9.44 -8.45
CA ALA C 90 -32.60 10.13 -7.15
C ALA C 90 -33.37 11.42 -7.21
N GLN C 91 -34.04 11.75 -6.10
CA GLN C 91 -34.80 13.00 -5.94
C GLN C 91 -34.22 13.84 -4.82
N ARG C 92 -34.31 15.16 -4.95
CA ARG C 92 -33.87 16.06 -3.88
C ARG C 92 -34.57 15.74 -2.57
N ASN C 93 -35.88 15.50 -2.65
CA ASN C 93 -36.70 15.22 -1.48
C ASN C 93 -37.20 13.77 -1.50
N PRO C 94 -36.99 13.02 -0.40
CA PRO C 94 -37.56 11.68 -0.25
C PRO C 94 -39.08 11.66 -0.41
N ALA C 95 -39.74 12.72 -0.04
CA ALA C 95 -41.17 12.84 -0.22
C ALA C 95 -41.57 12.64 -1.68
N ASP C 96 -40.66 12.91 -2.58
CA ASP C 96 -40.95 12.88 -4.00
C ASP C 96 -40.66 11.55 -4.69
N LEU C 97 -40.16 10.59 -3.93
CA LEU C 97 -39.86 9.27 -4.43
C LEU C 97 -41.14 8.50 -4.60
N PRO C 98 -41.18 7.67 -5.62
CA PRO C 98 -42.40 6.99 -6.01
C PRO C 98 -42.66 5.70 -5.26
N TRP C 99 -42.39 5.67 -3.96
CA TRP C 99 -42.46 4.45 -3.21
C TRP C 99 -43.87 3.90 -3.15
N GLY C 100 -44.86 4.77 -3.04
CA GLY C 100 -46.28 4.40 -3.04
C GLY C 100 -46.67 3.69 -4.33
N LYS C 101 -46.28 4.25 -5.46
CA LYS C 101 -46.59 3.71 -6.78
C LYS C 101 -45.87 2.40 -7.07
N LEU C 102 -44.67 2.26 -6.49
CA LEU C 102 -43.86 1.07 -6.64
C LEU C 102 -44.21 -0.01 -5.63
N GLY C 103 -45.04 0.32 -4.66
CA GLY C 103 -45.46 -0.63 -3.62
C GLY C 103 -44.38 -0.99 -2.63
N VAL C 104 -43.31 -0.20 -2.59
CA VAL C 104 -42.26 -0.36 -1.59
C VAL C 104 -42.78 -0.04 -0.18
N GLU C 105 -42.58 -0.97 0.75
CA GLU C 105 -43.00 -0.77 2.13
C GLU C 105 -41.81 -0.37 3.02
N TYR C 106 -40.65 -1.00 2.76
CA TYR C 106 -39.45 -0.77 3.55
C TYR C 106 -38.39 -0.09 2.69
N VAL C 107 -37.85 1.00 3.18
CA VAL C 107 -36.81 1.72 2.51
C VAL C 107 -35.48 1.58 3.25
N ILE C 108 -34.47 1.12 2.56
CA ILE C 108 -33.12 1.11 3.12
C ILE C 108 -32.48 2.43 2.69
N GLU C 109 -32.31 3.32 3.66
CA GLU C 109 -31.75 4.65 3.44
C GLU C 109 -30.22 4.64 3.60
N SER C 110 -29.51 4.59 2.48
CA SER C 110 -28.06 4.40 2.50
C SER C 110 -27.25 5.54 1.87
N THR C 111 -27.91 6.65 1.55
CA THR C 111 -27.21 7.75 0.87
C THR C 111 -26.26 8.51 1.79
N GLY C 112 -26.54 8.47 3.10
CA GLY C 112 -25.82 9.30 4.08
C GLY C 112 -26.30 10.74 4.11
N LEU C 113 -27.30 11.05 3.31
CA LEU C 113 -27.80 12.40 3.20
C LEU C 113 -29.00 12.66 4.10
N PHE C 114 -29.64 11.59 4.54
CA PHE C 114 -30.90 11.70 5.27
C PHE C 114 -30.82 10.95 6.60
N THR C 115 -29.73 11.18 7.34
CA THR C 115 -29.53 10.52 8.63
C THR C 115 -30.29 11.18 9.78
N ALA C 116 -30.81 12.39 9.55
CA ALA C 116 -31.73 13.01 10.50
C ALA C 116 -33.09 12.36 10.37
N LYS C 117 -33.68 11.96 11.50
CA LYS C 117 -34.98 11.30 11.53
C LYS C 117 -36.01 12.02 10.65
N ALA C 118 -36.11 13.34 10.85
CA ALA C 118 -37.12 14.15 10.15
C ALA C 118 -36.89 14.23 8.64
N ALA C 119 -35.62 14.17 8.22
CA ALA C 119 -35.29 14.09 6.80
C ALA C 119 -35.69 12.72 6.22
N ALA C 120 -35.33 11.65 6.93
CA ALA C 120 -35.67 10.28 6.52
C ALA C 120 -37.18 10.01 6.52
N GLU C 121 -37.91 10.70 7.42
CA GLU C 121 -39.37 10.61 7.46
C GLU C 121 -40.04 11.01 6.15
N GLY C 122 -39.30 11.70 5.27
CA GLY C 122 -39.79 12.06 3.93
C GLY C 122 -40.19 10.85 3.11
N HIS C 123 -39.49 9.74 3.30
CA HIS C 123 -39.83 8.48 2.63
C HIS C 123 -41.27 8.05 2.95
N LEU C 124 -41.73 8.37 4.16
CA LEU C 124 -43.07 8.05 4.59
C LEU C 124 -44.10 8.79 3.75
N ARG C 125 -43.80 10.03 3.42
CA ARG C 125 -44.68 10.80 2.56
C ARG C 125 -44.60 10.24 1.15
N GLY C 126 -43.41 9.85 0.73
CA GLY C 126 -43.21 9.18 -0.55
C GLY C 126 -44.00 7.89 -0.75
N GLY C 127 -44.45 7.27 0.35
CA GLY C 127 -45.33 6.10 0.28
C GLY C 127 -44.87 4.88 1.07
N ALA C 128 -43.63 4.91 1.53
CA ALA C 128 -43.08 3.86 2.39
C ALA C 128 -43.72 3.86 3.78
N ARG C 129 -43.64 2.72 4.47
CA ARG C 129 -44.12 2.60 5.86
C ARG C 129 -42.98 2.65 6.88
N LYS C 130 -41.80 2.22 6.45
CA LYS C 130 -40.66 2.03 7.34
C LYS C 130 -39.37 2.43 6.64
N VAL C 131 -38.43 2.97 7.41
CA VAL C 131 -37.12 3.34 6.92
C VAL C 131 -36.06 2.79 7.86
N VAL C 132 -35.07 2.10 7.28
CA VAL C 132 -33.87 1.70 7.98
C VAL C 132 -32.70 2.54 7.47
N ILE C 133 -32.18 3.40 8.35
CA ILE C 133 -30.99 4.18 8.04
C ILE C 133 -29.78 3.31 8.30
N SER C 134 -29.00 3.09 7.25
CA SER C 134 -27.80 2.25 7.35
C SER C 134 -26.58 3.07 7.84
N ALA C 135 -26.79 3.81 8.93
CA ALA C 135 -25.78 4.69 9.54
C ALA C 135 -26.34 5.18 10.88
N PRO C 136 -25.48 5.72 11.77
CA PRO C 136 -26.01 6.39 12.96
C PRO C 136 -26.98 7.50 12.54
N ALA C 137 -28.03 7.68 13.33
CA ALA C 137 -29.03 8.69 13.02
C ALA C 137 -29.07 9.76 14.10
N SER C 138 -29.68 10.89 13.77
CA SER C 138 -29.91 11.95 14.75
C SER C 138 -31.40 12.25 14.77
N GLY C 139 -31.83 13.05 15.74
CA GLY C 139 -33.20 13.50 15.83
C GLY C 139 -34.15 12.51 16.44
N GLY C 140 -33.62 11.51 17.13
CA GLY C 140 -34.44 10.59 17.91
C GLY C 140 -34.88 9.29 17.28
N ALA C 141 -34.28 8.91 16.14
CA ALA C 141 -34.56 7.60 15.54
C ALA C 141 -34.04 6.50 16.46
N LYS C 142 -34.90 5.51 16.72
CA LYS C 142 -34.53 4.37 17.56
C LYS C 142 -33.37 3.64 16.90
N THR C 143 -32.33 3.36 17.69
CA THR C 143 -31.18 2.65 17.19
C THR C 143 -31.25 1.20 17.66
N LEU C 144 -31.06 0.29 16.70
CA LEU C 144 -31.24 -1.14 16.94
C LEU C 144 -30.02 -1.90 16.45
N VAL C 145 -29.45 -2.71 17.33
CA VAL C 145 -28.26 -3.51 17.03
C VAL C 145 -28.67 -4.97 17.17
N MET C 146 -28.56 -5.70 16.07
CA MET C 146 -29.05 -7.09 16.04
C MET C 146 -28.26 -7.92 17.04
N GLY C 147 -28.97 -8.69 17.86
CA GLY C 147 -28.33 -9.55 18.86
C GLY C 147 -28.08 -8.87 20.19
N VAL C 148 -28.30 -7.58 20.23
CA VAL C 148 -28.14 -6.78 21.43
C VAL C 148 -29.46 -6.21 21.95
N ASN C 149 -30.10 -5.36 21.17
CA ASN C 149 -31.37 -4.78 21.58
C ASN C 149 -32.47 -4.78 20.56
N HIS C 150 -32.36 -5.59 19.53
CA HIS C 150 -33.32 -5.47 18.43
C HIS C 150 -34.76 -5.76 18.83
N HIS C 151 -34.92 -6.55 19.87
CA HIS C 151 -36.21 -6.85 20.39
C HIS C 151 -36.93 -5.66 21.01
N GLU C 152 -36.26 -4.54 21.06
CA GLU C 152 -36.86 -3.26 21.49
C GLU C 152 -37.64 -2.59 20.37
N TYR C 153 -37.51 -3.11 19.13
CA TYR C 153 -38.34 -2.62 18.02
C TYR C 153 -39.82 -2.75 18.33
N ASN C 154 -40.53 -1.63 18.20
CA ASN C 154 -41.96 -1.54 18.48
C ASN C 154 -42.67 -1.07 17.22
N PRO C 155 -43.35 -1.99 16.50
CA PRO C 155 -43.99 -1.70 15.21
C PRO C 155 -44.87 -0.43 15.18
N SER C 156 -45.60 -0.16 16.25
CA SER C 156 -46.51 0.99 16.24
C SER C 156 -45.82 2.33 16.49
N GLU C 157 -44.60 2.29 17.03
CA GLU C 157 -43.89 3.47 17.48
C GLU C 157 -42.69 3.82 16.59
N HIS C 158 -41.98 2.81 16.12
CA HIS C 158 -40.72 3.01 15.41
C HIS C 158 -40.86 2.85 13.89
N HIS C 159 -40.82 3.97 13.18
CA HIS C 159 -41.02 3.94 11.73
C HIS C 159 -39.76 4.32 10.96
N VAL C 160 -38.91 5.14 11.59
CA VAL C 160 -37.60 5.48 11.06
C VAL C 160 -36.59 5.05 12.11
N VAL C 161 -35.76 4.07 11.76
CA VAL C 161 -34.80 3.50 12.70
C VAL C 161 -33.37 3.53 12.16
N SER C 162 -32.40 3.38 13.05
CA SER C 162 -30.99 3.26 12.68
C SER C 162 -30.42 1.91 13.06
N ASN C 163 -29.60 1.36 12.18
CA ASN C 163 -28.84 0.13 12.43
C ASN C 163 -27.47 0.41 13.01
N ALA C 164 -27.27 1.65 13.43
CA ALA C 164 -26.00 2.13 13.92
C ALA C 164 -24.86 2.03 12.89
N SER C 165 -23.63 1.96 13.36
CA SER C 165 -22.48 1.87 12.48
C SER C 165 -21.82 0.49 12.55
N CYS C 166 -21.00 0.20 11.58
CA CYS C 166 -20.29 -1.05 11.60
C CYS C 166 -19.43 -1.21 12.86
N THR C 167 -18.83 -0.14 13.31
CA THR C 167 -18.00 -0.20 14.51
C THR C 167 -18.81 -0.49 15.78
N THR C 168 -19.92 0.22 15.92
CA THR C 168 -20.84 -0.01 17.03
C THR C 168 -21.34 -1.46 17.01
N ASN C 169 -21.61 -1.99 15.82
CA ASN C 169 -22.04 -3.38 15.68
C ASN C 169 -20.93 -4.38 16.05
N CYS C 170 -19.67 -3.96 15.97
CA CYS C 170 -18.56 -4.80 16.46
C CYS C 170 -18.43 -4.74 17.99
N LEU C 171 -18.46 -3.54 18.51
CA LEU C 171 -18.24 -3.30 19.90
C LEU C 171 -19.39 -3.75 20.78
N ALA C 172 -20.60 -3.39 20.40
CA ALA C 172 -21.77 -3.65 21.25
C ALA C 172 -21.98 -5.11 21.64
N PRO C 173 -21.81 -6.06 20.70
CA PRO C 173 -21.94 -7.48 21.13
C PRO C 173 -20.97 -7.84 22.25
N ILE C 174 -19.76 -7.29 22.20
CA ILE C 174 -18.76 -7.55 23.26
C ILE C 174 -19.23 -6.98 24.59
N VAL C 175 -19.60 -5.71 24.62
CA VAL C 175 -20.07 -5.04 25.85
C VAL C 175 -21.36 -5.70 26.36
N HIS C 176 -22.24 -6.09 25.44
CA HIS C 176 -23.46 -6.80 25.78
C HIS C 176 -23.22 -8.07 26.59
N VAL C 177 -22.28 -8.89 26.10
CA VAL C 177 -21.88 -10.12 26.81
C VAL C 177 -21.25 -9.82 28.17
N LEU C 178 -20.41 -8.79 28.25
CA LEU C 178 -19.81 -8.42 29.54
C LEU C 178 -20.88 -8.03 30.57
N VAL C 179 -21.92 -7.31 30.13
CA VAL C 179 -22.97 -6.85 31.04
C VAL C 179 -23.95 -7.99 31.36
N LYS C 180 -24.44 -8.67 30.33
CA LYS C 180 -25.41 -9.75 30.47
C LYS C 180 -24.88 -10.88 31.35
N GLU C 181 -23.58 -11.16 31.23
CA GLU C 181 -22.96 -12.27 31.93
C GLU C 181 -22.40 -11.88 33.30
N GLY C 182 -22.65 -10.65 33.73
CA GLY C 182 -22.37 -10.26 35.11
C GLY C 182 -20.96 -9.80 35.43
N PHE C 183 -20.15 -9.55 34.40
CA PHE C 183 -18.83 -8.95 34.63
C PHE C 183 -18.98 -7.46 34.91
N GLY C 184 -19.84 -6.82 34.13
CA GLY C 184 -20.06 -5.38 34.22
C GLY C 184 -18.94 -4.56 33.60
N VAL C 185 -19.25 -3.31 33.27
CA VAL C 185 -18.23 -2.39 32.79
C VAL C 185 -18.28 -1.13 33.62
N GLN C 186 -17.19 -0.84 34.32
CA GLN C 186 -17.09 0.39 35.09
C GLN C 186 -16.72 1.57 34.17
N THR C 187 -15.67 1.38 33.38
CA THR C 187 -15.17 2.40 32.46
C THR C 187 -14.53 1.65 31.29
N GLY C 188 -14.62 2.22 30.09
CA GLY C 188 -13.98 1.59 28.94
C GLY C 188 -13.50 2.59 27.91
N LEU C 189 -12.37 2.28 27.27
CA LEU C 189 -11.88 3.05 26.15
C LEU C 189 -11.63 2.12 24.97
N MET C 190 -12.17 2.49 23.81
CA MET C 190 -12.02 1.67 22.61
C MET C 190 -11.10 2.34 21.60
N THR C 191 -10.25 1.53 20.96
CA THR C 191 -9.51 1.98 19.77
C THR C 191 -9.90 1.03 18.65
N THR C 192 -10.31 1.58 17.51
CA THR C 192 -10.45 0.75 16.32
C THR C 192 -9.32 1.04 15.35
N ILE C 193 -8.68 -0.02 14.88
CA ILE C 193 -7.71 0.06 13.82
C ILE C 193 -8.53 -0.28 12.58
N HIS C 194 -8.71 0.74 11.75
CA HIS C 194 -9.81 0.78 10.81
C HIS C 194 -9.28 0.94 9.39
N SER C 195 -9.81 0.14 8.48
CA SER C 195 -9.50 0.31 7.08
C SER C 195 -9.92 1.69 6.58
N TYR C 196 -9.21 2.24 5.59
CA TYR C 196 -9.66 3.51 5.03
C TYR C 196 -10.98 3.30 4.28
N THR C 197 -11.69 4.39 4.01
CA THR C 197 -13.04 4.32 3.46
C THR C 197 -13.23 5.36 2.37
N ALA C 198 -14.42 5.40 1.78
CA ALA C 198 -14.72 6.29 0.64
C ALA C 198 -14.60 7.79 0.96
N THR C 199 -14.85 8.16 2.21
CA THR C 199 -14.73 9.56 2.63
C THR C 199 -13.28 10.07 2.62
N GLN C 200 -12.30 9.17 2.63
CA GLN C 200 -10.89 9.56 2.64
C GLN C 200 -10.34 9.92 1.26
N LYS C 201 -9.09 10.40 1.22
CA LYS C 201 -8.46 10.91 -0.01
C LYS C 201 -7.26 10.07 -0.44
N THR C 202 -7.11 9.89 -1.76
CA THR C 202 -5.95 9.20 -2.32
C THR C 202 -4.63 9.95 -2.05
N VAL C 203 -4.64 11.26 -2.31
CA VAL C 203 -3.53 12.17 -2.06
C VAL C 203 -4.01 13.29 -1.11
N ASP C 204 -3.07 14.05 -0.52
CA ASP C 204 -3.43 15.11 0.43
C ASP C 204 -4.42 16.05 -0.25
N GLY C 205 -5.60 16.20 0.34
CA GLY C 205 -6.64 17.05 -0.24
C GLY C 205 -7.42 17.82 0.81
N VAL C 206 -8.31 18.70 0.36
CA VAL C 206 -9.14 19.50 1.26
C VAL C 206 -10.19 18.64 2.02
N SER C 207 -10.22 18.80 3.34
CA SER C 207 -11.16 18.09 4.21
C SER C 207 -11.44 18.98 5.43
N VAL C 208 -12.33 19.93 5.23
CA VAL C 208 -12.53 21.01 6.16
C VAL C 208 -13.04 20.55 7.50
N LYS C 209 -13.76 19.47 7.53
CA LYS C 209 -14.32 19.01 8.77
C LYS C 209 -13.50 17.95 9.44
N ASP C 210 -12.38 17.59 8.83
CA ASP C 210 -11.54 16.54 9.33
C ASP C 210 -10.16 16.69 8.73
N TRP C 211 -9.32 17.52 9.31
CA TRP C 211 -8.04 17.82 8.72
C TRP C 211 -7.19 16.57 8.52
N ARG C 212 -7.03 15.79 9.56
CA ARG C 212 -6.27 14.54 9.45
C ARG C 212 -6.85 13.66 8.34
N GLY C 213 -8.18 13.57 8.29
CA GLY C 213 -8.88 12.79 7.26
C GLY C 213 -8.70 13.23 5.81
N GLY C 214 -8.07 14.38 5.60
CA GLY C 214 -7.78 14.83 4.24
C GLY C 214 -6.48 14.28 3.71
N ARG C 215 -5.68 13.69 4.59
CA ARG C 215 -4.33 13.27 4.22
C ARG C 215 -4.33 11.94 3.47
N ALA C 216 -3.31 11.73 2.64
CA ALA C 216 -3.25 10.57 1.73
C ALA C 216 -3.52 9.29 2.52
N ALA C 217 -4.60 8.60 2.15
CA ALA C 217 -5.16 7.53 2.99
C ALA C 217 -4.28 6.28 3.00
N ALA C 218 -3.75 5.91 1.84
CA ALA C 218 -3.04 4.62 1.75
C ALA C 218 -1.57 4.65 2.12
N VAL C 219 -1.09 5.78 2.63
CA VAL C 219 0.30 5.84 3.07
C VAL C 219 0.50 6.44 4.48
N ASN C 220 -0.63 6.62 5.18
CA ASN C 220 -0.64 7.23 6.52
C ASN C 220 -1.41 6.41 7.54
N ILE C 221 -0.97 6.48 8.80
CA ILE C 221 -1.83 6.17 9.93
C ILE C 221 -2.46 7.47 10.34
N ILE C 222 -3.80 7.48 10.32
CA ILE C 222 -4.59 8.71 10.46
C ILE C 222 -5.54 8.60 11.64
N PRO C 223 -5.22 9.27 12.77
CA PRO C 223 -6.14 9.25 13.90
C PRO C 223 -7.45 9.95 13.60
N SER C 224 -8.51 9.50 14.26
CA SER C 224 -9.82 10.14 14.19
C SER C 224 -10.60 9.96 15.51
N THR C 225 -11.40 10.95 15.87
CA THR C 225 -12.43 10.73 16.90
C THR C 225 -13.48 9.80 16.29
N THR C 226 -14.27 9.14 17.14
CA THR C 226 -15.41 8.33 16.67
C THR C 226 -16.54 8.32 17.70
N GLY C 227 -17.76 8.14 17.22
CA GLY C 227 -18.94 8.08 18.07
C GLY C 227 -19.33 6.68 18.50
N ALA C 228 -18.65 5.67 17.97
CA ALA C 228 -19.06 4.27 18.10
C ALA C 228 -19.17 3.79 19.55
N ALA C 229 -18.22 4.17 20.40
CA ALA C 229 -18.22 3.70 21.77
C ALA C 229 -19.31 4.42 22.60
N LYS C 230 -19.45 5.73 22.39
CA LYS C 230 -20.52 6.51 23.03
C LYS C 230 -21.88 6.00 22.62
N ALA C 231 -22.01 5.62 21.35
CA ALA C 231 -23.27 5.12 20.80
C ALA C 231 -23.73 3.81 21.44
N VAL C 232 -22.79 3.04 21.99
CA VAL C 232 -23.15 1.82 22.70
C VAL C 232 -24.09 2.13 23.86
N GLY C 233 -23.95 3.32 24.41
CA GLY C 233 -24.86 3.83 25.40
C GLY C 233 -26.32 3.88 25.00
N MET C 234 -26.58 3.96 23.73
CA MET C 234 -27.94 4.00 23.25
C MET C 234 -28.58 2.66 23.07
N VAL C 235 -27.80 1.61 23.01
CA VAL C 235 -28.37 0.31 22.91
C VAL C 235 -28.19 -0.48 24.20
N ILE C 236 -27.26 -0.04 25.05
CA ILE C 236 -27.05 -0.61 26.34
C ILE C 236 -26.99 0.54 27.35
N PRO C 237 -28.16 1.10 27.70
CA PRO C 237 -28.25 2.35 28.46
C PRO C 237 -27.41 2.42 29.73
N SER C 238 -27.10 1.27 30.32
CA SER C 238 -26.33 1.21 31.54
C SER C 238 -24.86 1.58 31.35
N THR C 239 -24.39 1.60 30.09
CA THR C 239 -23.02 2.02 29.78
C THR C 239 -22.94 3.50 29.42
N GLN C 240 -24.08 4.18 29.39
CA GLN C 240 -24.09 5.61 29.09
C GLN C 240 -23.06 6.37 29.91
N GLY C 241 -22.17 7.08 29.24
CA GLY C 241 -21.14 7.88 29.88
C GLY C 241 -19.90 7.14 30.37
N LYS C 242 -19.89 5.82 30.24
CA LYS C 242 -18.77 5.02 30.72
C LYS C 242 -17.80 4.62 29.61
N LEU C 243 -18.14 4.94 28.37
CA LEU C 243 -17.36 4.47 27.22
C LEU C 243 -17.11 5.59 26.24
N THR C 244 -15.87 5.71 25.79
CA THR C 244 -15.57 6.46 24.57
C THR C 244 -14.40 5.82 23.83
N GLY C 245 -13.96 6.45 22.77
CA GLY C 245 -12.99 5.81 21.93
C GLY C 245 -12.56 6.64 20.76
N MET C 246 -11.65 6.06 19.99
CA MET C 246 -11.05 6.72 18.85
C MET C 246 -10.72 5.67 17.80
N SER C 247 -10.26 6.15 16.65
CA SER C 247 -9.90 5.30 15.55
C SER C 247 -8.55 5.69 15.01
N PHE C 248 -7.81 4.69 14.51
CA PHE C 248 -6.65 4.92 13.64
C PHE C 248 -6.97 4.29 12.29
N ARG C 249 -7.13 5.16 11.29
CA ARG C 249 -7.36 4.74 9.92
C ARG C 249 -6.05 4.34 9.27
N VAL C 250 -5.98 3.10 8.77
CA VAL C 250 -4.75 2.55 8.22
C VAL C 250 -4.91 2.07 6.78
N PRO C 251 -3.78 1.93 6.06
CA PRO C 251 -3.76 1.59 4.63
C PRO C 251 -4.15 0.15 4.28
N THR C 252 -5.34 -0.26 4.71
CA THR C 252 -6.02 -1.45 4.21
C THR C 252 -7.41 -1.06 3.69
N PRO C 253 -7.83 -1.62 2.58
CA PRO C 253 -9.09 -1.26 1.95
C PRO C 253 -10.37 -1.80 2.62
N ASP C 254 -10.24 -2.85 3.43
CA ASP C 254 -11.32 -3.42 4.20
C ASP C 254 -10.84 -4.36 5.33
N VAL C 255 -11.71 -4.50 6.33
CA VAL C 255 -11.46 -5.22 7.59
C VAL C 255 -10.79 -4.37 8.66
N SER C 256 -11.39 -4.42 9.84
CA SER C 256 -11.04 -3.57 10.94
C SER C 256 -11.09 -4.37 12.24
N VAL C 257 -10.51 -3.81 13.29
CA VAL C 257 -10.45 -4.48 14.55
C VAL C 257 -10.69 -3.53 15.72
N VAL C 258 -11.48 -4.00 16.66
CA VAL C 258 -11.71 -3.31 17.93
C VAL C 258 -10.72 -3.81 18.99
N ASP C 259 -10.08 -2.85 19.66
CA ASP C 259 -9.18 -3.06 20.77
C ASP C 259 -9.86 -2.34 21.96
N LEU C 260 -10.61 -3.10 22.75
CA LEU C 260 -11.34 -2.55 23.89
C LEU C 260 -10.56 -2.70 25.18
N THR C 261 -10.30 -1.58 25.87
CA THR C 261 -9.71 -1.65 27.21
C THR C 261 -10.75 -1.16 28.21
N PHE C 262 -10.97 -1.95 29.26
CA PHE C 262 -12.01 -1.61 30.22
C PHE C 262 -11.73 -2.09 31.64
N THR C 263 -12.44 -1.50 32.59
CA THR C 263 -12.45 -2.01 33.96
C THR C 263 -13.79 -2.69 34.27
N ALA C 264 -13.70 -3.95 34.69
CA ALA C 264 -14.89 -4.73 35.07
C ALA C 264 -15.45 -4.26 36.39
N ALA C 265 -16.71 -4.60 36.66
CA ALA C 265 -17.40 -4.13 37.87
C ALA C 265 -17.26 -5.10 39.03
N ARG C 266 -16.60 -6.20 38.78
CA ARG C 266 -16.31 -7.20 39.78
C ARG C 266 -15.00 -7.89 39.47
N ASP C 267 -14.37 -8.47 40.48
CA ASP C 267 -13.14 -9.19 40.23
C ASP C 267 -13.39 -10.37 39.33
N THR C 268 -12.58 -10.51 38.29
CA THR C 268 -12.70 -11.65 37.40
C THR C 268 -11.32 -11.98 36.87
N SER C 269 -11.31 -12.60 35.69
CA SER C 269 -10.09 -12.93 35.02
C SER C 269 -10.30 -12.98 33.51
N ILE C 270 -9.24 -12.83 32.76
CA ILE C 270 -9.34 -12.92 31.33
C ILE C 270 -9.83 -14.30 30.85
N GLN C 271 -9.54 -15.31 31.63
CA GLN C 271 -10.01 -16.66 31.34
C GLN C 271 -11.51 -16.77 31.44
N GLU C 272 -12.09 -16.23 32.51
CA GLU C 272 -13.55 -16.14 32.66
C GLU C 272 -14.19 -15.40 31.49
N ILE C 273 -13.62 -14.24 31.17
CA ILE C 273 -14.12 -13.39 30.07
C ILE C 273 -14.11 -14.16 28.74
N ASP C 274 -12.94 -14.68 28.36
CA ASP C 274 -12.78 -15.55 27.20
C ASP C 274 -13.84 -16.67 27.14
N ALA C 275 -14.05 -17.36 28.26
CA ALA C 275 -15.04 -18.44 28.30
C ALA C 275 -16.45 -17.92 28.05
N ALA C 276 -16.78 -16.77 28.64
CA ALA C 276 -18.12 -16.17 28.46
C ALA C 276 -18.39 -15.78 27.01
N LEU C 277 -17.42 -15.10 26.39
CA LEU C 277 -17.49 -14.70 25.00
C LEU C 277 -17.71 -15.90 24.07
N LYS C 278 -16.94 -16.96 24.29
CA LYS C 278 -17.10 -18.19 23.51
C LYS C 278 -18.49 -18.82 23.69
N ARG C 279 -18.93 -18.89 24.94
CA ARG C 279 -20.24 -19.46 25.29
C ARG C 279 -21.36 -18.66 24.62
N ALA C 280 -21.26 -17.34 24.71
CA ALA C 280 -22.27 -16.46 24.13
C ALA C 280 -22.34 -16.63 22.60
N SER C 281 -21.19 -16.72 21.96
CA SER C 281 -21.16 -16.87 20.51
C SER C 281 -21.82 -18.15 20.01
N LYS C 282 -21.77 -19.18 20.83
CA LYS C 282 -22.37 -20.46 20.47
C LYS C 282 -23.84 -20.53 20.81
N THR C 283 -24.29 -19.60 21.60
CA THR C 283 -25.65 -19.59 22.00
C THR C 283 -26.44 -18.34 21.60
N TYR C 284 -26.64 -17.43 22.54
CA TYR C 284 -27.53 -16.32 22.26
C TYR C 284 -27.01 -15.28 21.25
N MET C 285 -25.71 -15.28 21.00
CA MET C 285 -25.09 -14.37 20.07
C MET C 285 -24.73 -15.04 18.73
N LYS C 286 -25.14 -16.28 18.56
CA LYS C 286 -24.80 -17.02 17.36
C LYS C 286 -25.21 -16.26 16.11
N GLY C 287 -24.30 -16.14 15.16
CA GLY C 287 -24.55 -15.37 13.93
C GLY C 287 -24.18 -13.89 14.05
N ILE C 288 -24.02 -13.41 15.29
CA ILE C 288 -23.68 -12.02 15.55
C ILE C 288 -22.26 -11.89 16.07
N LEU C 289 -21.99 -12.59 17.16
CA LEU C 289 -20.65 -12.68 17.72
C LEU C 289 -20.09 -14.04 17.36
N GLY C 290 -18.94 -14.03 16.68
CA GLY C 290 -18.17 -15.24 16.46
C GLY C 290 -16.90 -15.14 17.26
N TYR C 291 -16.07 -16.17 17.17
CA TYR C 291 -14.72 -16.11 17.70
C TYR C 291 -13.77 -16.99 16.89
N THR C 292 -12.48 -16.71 17.04
CA THR C 292 -11.44 -17.55 16.49
C THR C 292 -10.43 -17.83 17.59
N ASP C 293 -9.81 -19.01 17.55
CA ASP C 293 -8.60 -19.23 18.33
C ASP C 293 -7.42 -19.53 17.41
N GLU C 294 -7.49 -19.02 16.18
CA GLU C 294 -6.44 -19.23 15.19
C GLU C 294 -5.59 -17.97 15.00
N GLU C 295 -4.48 -18.11 14.28
CA GLU C 295 -3.52 -17.03 14.08
C GLU C 295 -3.90 -16.19 12.85
N LEU C 296 -5.00 -15.46 12.99
CA LEU C 296 -5.60 -14.78 11.85
C LEU C 296 -5.11 -13.35 11.67
N VAL C 297 -5.14 -12.90 10.43
CA VAL C 297 -4.82 -11.53 10.09
C VAL C 297 -6.04 -10.98 9.39
N SER C 298 -6.01 -9.71 9.04
CA SER C 298 -7.21 -9.01 8.55
C SER C 298 -7.84 -9.69 7.31
N ALA C 299 -7.01 -10.11 6.36
CA ALA C 299 -7.53 -10.77 5.14
C ALA C 299 -8.42 -11.98 5.42
N ASP C 300 -8.14 -12.68 6.51
CA ASP C 300 -8.91 -13.86 6.89
C ASP C 300 -10.35 -13.58 7.29
N PHE C 301 -10.66 -12.32 7.61
CA PHE C 301 -12.02 -11.91 7.96
C PHE C 301 -12.80 -11.29 6.79
N ILE C 302 -12.18 -11.22 5.61
CA ILE C 302 -12.91 -10.76 4.43
C ILE C 302 -14.12 -11.68 4.19
N ASN C 303 -15.29 -11.09 3.97
CA ASN C 303 -16.55 -11.81 3.76
C ASN C 303 -17.12 -12.57 4.97
N ASP C 304 -16.61 -12.29 6.18
CA ASP C 304 -17.22 -12.84 7.39
C ASP C 304 -18.54 -12.12 7.66
N ASN C 305 -19.62 -12.88 7.90
CA ASN C 305 -20.98 -12.29 8.04
C ASN C 305 -21.32 -11.82 9.43
N ARG C 306 -20.46 -12.12 10.39
CA ARG C 306 -20.74 -11.76 11.77
C ARG C 306 -20.40 -10.30 12.04
N SER C 307 -21.02 -9.74 13.08
CA SER C 307 -20.78 -8.36 13.49
C SER C 307 -19.45 -8.17 14.18
N SER C 308 -19.01 -9.22 14.87
CA SER C 308 -17.85 -9.12 15.75
C SER C 308 -17.25 -10.51 15.80
N ILE C 309 -15.94 -10.62 15.58
CA ILE C 309 -15.24 -11.91 15.69
C ILE C 309 -14.11 -11.82 16.73
N TYR C 310 -14.42 -12.31 17.92
CA TYR C 310 -13.52 -12.22 19.05
C TYR C 310 -12.23 -12.97 18.76
N ASP C 311 -11.09 -12.33 19.03
CA ASP C 311 -9.78 -12.94 18.81
C ASP C 311 -9.27 -13.51 20.14
N SER C 312 -9.55 -14.78 20.38
CA SER C 312 -9.23 -15.42 21.63
C SER C 312 -7.73 -15.43 21.92
N LYS C 313 -6.93 -15.80 20.93
CA LYS C 313 -5.48 -15.84 21.10
C LYS C 313 -4.89 -14.46 21.36
N ALA C 314 -5.31 -13.43 20.60
CA ALA C 314 -4.75 -12.11 20.81
C ALA C 314 -5.16 -11.53 22.16
N THR C 315 -6.32 -11.96 22.64
CA THR C 315 -6.82 -11.46 23.92
C THR C 315 -6.09 -12.16 25.08
N LEU C 316 -6.13 -13.48 25.06
CA LEU C 316 -5.52 -14.29 26.11
C LEU C 316 -4.01 -14.05 26.24
N GLN C 317 -3.33 -13.76 25.14
CA GLN C 317 -1.87 -13.56 25.21
C GLN C 317 -1.38 -12.18 25.65
N ASN C 318 -2.26 -11.18 25.61
CA ASN C 318 -1.86 -9.79 25.77
C ASN C 318 -2.55 -9.05 26.93
N ASN C 319 -2.95 -9.81 27.93
CA ASN C 319 -3.44 -9.24 29.18
C ASN C 319 -2.45 -9.45 30.35
N LEU C 320 -2.62 -8.69 31.43
CA LEU C 320 -1.71 -8.75 32.57
C LEU C 320 -1.91 -10.05 33.35
N PRO C 321 -0.81 -10.71 33.76
CA PRO C 321 -0.95 -11.94 34.54
C PRO C 321 -1.64 -11.68 35.87
N LYS C 322 -2.59 -12.54 36.21
CA LYS C 322 -3.31 -12.53 37.50
C LYS C 322 -4.25 -11.33 37.72
N GLU C 323 -4.44 -10.52 36.68
CA GLU C 323 -5.27 -9.31 36.76
C GLU C 323 -6.75 -9.61 37.04
N ARG C 324 -7.34 -8.82 37.89
CA ARG C 324 -8.72 -9.01 38.27
C ARG C 324 -9.74 -8.01 37.73
N ARG C 325 -9.30 -6.85 37.29
CA ARG C 325 -10.20 -5.81 36.84
C ARG C 325 -9.94 -5.16 35.48
N PHE C 326 -8.69 -5.00 35.11
CA PHE C 326 -8.29 -4.13 33.99
C PHE C 326 -7.90 -5.01 32.80
N PHE C 327 -8.75 -5.04 31.77
CA PHE C 327 -8.60 -5.99 30.66
C PHE C 327 -8.67 -5.40 29.27
N LYS C 328 -8.01 -6.08 28.33
CA LYS C 328 -8.10 -5.79 26.90
C LYS C 328 -8.82 -6.93 26.15
N ILE C 329 -9.78 -6.56 25.30
CA ILE C 329 -10.44 -7.54 24.42
C ILE C 329 -10.28 -7.08 22.97
N VAL C 330 -9.83 -8.02 22.12
CA VAL C 330 -9.61 -7.78 20.69
C VAL C 330 -10.68 -8.50 19.87
N SER C 331 -11.33 -7.79 18.96
CA SER C 331 -12.38 -8.39 18.11
C SER C 331 -12.38 -7.78 16.71
N TRP C 332 -12.56 -8.62 15.69
CA TRP C 332 -12.46 -8.20 14.30
C TRP C 332 -13.84 -7.96 13.70
N TYR C 333 -13.86 -7.26 12.57
CA TYR C 333 -15.08 -7.10 11.76
C TYR C 333 -14.74 -6.75 10.33
N ASP C 334 -15.47 -7.38 9.41
CA ASP C 334 -15.39 -6.93 8.04
C ASP C 334 -16.32 -5.73 8.01
N ASN C 335 -15.76 -4.53 8.04
CA ASN C 335 -16.59 -3.33 8.24
C ASN C 335 -17.65 -3.14 7.15
N GLU C 336 -17.40 -3.68 5.95
CA GLU C 336 -18.37 -3.57 4.87
C GLU C 336 -19.42 -4.69 4.95
N TRP C 337 -18.97 -5.90 5.23
CA TRP C 337 -19.77 -7.10 5.00
C TRP C 337 -20.66 -7.57 6.15
N GLY C 338 -20.18 -7.53 7.38
CA GLY C 338 -21.02 -7.92 8.51
C GLY C 338 -22.19 -6.94 8.61
N TYR C 339 -21.86 -5.65 8.53
CA TYR C 339 -22.85 -4.59 8.65
C TYR C 339 -23.94 -4.71 7.59
N SER C 340 -23.53 -5.05 6.36
CA SER C 340 -24.49 -5.26 5.26
C SER C 340 -25.51 -6.33 5.60
N HIS C 341 -25.03 -7.44 6.14
CA HIS C 341 -25.91 -8.52 6.58
C HIS C 341 -26.82 -8.09 7.72
N ARG C 342 -26.32 -7.23 8.61
CA ARG C 342 -27.13 -6.75 9.73
C ARG C 342 -28.29 -5.86 9.27
N VAL C 343 -28.04 -5.03 8.25
CA VAL C 343 -29.11 -4.17 7.69
C VAL C 343 -30.26 -5.06 7.19
N VAL C 344 -29.91 -6.11 6.48
CA VAL C 344 -30.87 -7.12 6.00
C VAL C 344 -31.55 -7.83 7.18
N ASP C 345 -30.78 -8.34 8.13
CA ASP C 345 -31.35 -8.95 9.34
C ASP C 345 -32.40 -8.07 10.03
N LEU C 346 -32.10 -6.77 10.11
CA LEU C 346 -32.99 -5.85 10.81
C LEU C 346 -34.29 -5.63 10.03
N VAL C 347 -34.20 -5.42 8.73
CA VAL C 347 -35.39 -5.31 7.89
C VAL C 347 -36.28 -6.54 8.07
N ARG C 348 -35.66 -7.71 8.05
CA ARG C 348 -36.38 -8.97 8.24
C ARG C 348 -37.06 -9.04 9.61
N HIS C 349 -36.33 -8.64 10.66
CA HIS C 349 -36.92 -8.61 11.99
C HIS C 349 -38.11 -7.66 12.07
N MET C 350 -37.96 -6.45 11.53
CA MET C 350 -39.03 -5.46 11.54
C MET C 350 -40.25 -5.99 10.79
N ALA C 351 -40.00 -6.60 9.64
CA ALA C 351 -41.05 -7.19 8.82
C ALA C 351 -41.82 -8.27 9.58
N SER C 352 -41.11 -9.13 10.30
CA SER C 352 -41.79 -10.20 11.04
C SER C 352 -42.67 -9.59 12.14
N LYS C 353 -42.13 -8.60 12.84
CA LYS C 353 -42.88 -7.92 13.90
C LYS C 353 -44.06 -7.11 13.41
N ASP C 354 -43.88 -6.41 12.28
CA ASP C 354 -44.95 -5.61 11.70
C ASP C 354 -46.18 -6.45 11.37
N ARG C 355 -45.92 -7.64 10.87
CA ARG C 355 -46.93 -8.54 10.38
C ARG C 355 -47.63 -9.26 11.54
N SER C 356 -46.87 -9.62 12.55
CA SER C 356 -47.36 -10.18 13.83
C SER C 356 -48.28 -9.20 14.54
N ALA C 357 -47.94 -7.91 14.47
CA ALA C 357 -48.75 -6.86 15.08
C ALA C 357 -50.09 -6.67 14.35
N ARG C 358 -50.09 -6.97 13.05
CA ARG C 358 -51.27 -6.78 12.20
C ARG C 358 -52.22 -7.98 12.23
N LEU C 359 -51.71 -9.15 11.86
CA LEU C 359 -52.51 -10.38 11.82
C LEU C 359 -52.71 -10.93 13.23
N MET D 1 39.56 14.86 22.57
CA MET D 1 39.81 13.51 21.99
C MET D 1 38.50 12.81 21.60
N PRO D 2 38.27 12.58 20.29
CA PRO D 2 37.05 11.92 19.82
C PRO D 2 37.06 10.43 20.15
N ILE D 3 35.90 9.89 20.51
CA ILE D 3 35.79 8.47 20.83
C ILE D 3 35.80 7.60 19.57
N LYS D 4 36.43 6.44 19.70
CA LYS D 4 36.62 5.54 18.57
C LYS D 4 35.51 4.51 18.57
N VAL D 5 34.76 4.47 17.48
CA VAL D 5 33.54 3.64 17.41
C VAL D 5 33.57 2.67 16.23
N GLY D 6 33.13 1.45 16.50
CA GLY D 6 32.92 0.44 15.47
C GLY D 6 31.48 -0.01 15.49
N ILE D 7 30.92 -0.25 14.31
CA ILE D 7 29.54 -0.69 14.19
C ILE D 7 29.51 -2.14 13.74
N ASN D 8 29.25 -3.06 14.69
CA ASN D 8 29.03 -4.45 14.33
C ASN D 8 27.66 -4.66 13.72
N GLY D 9 27.66 -5.04 12.44
CA GLY D 9 26.44 -5.14 11.66
C GLY D 9 26.21 -3.80 11.01
N PHE D 10 26.18 -3.80 9.68
CA PHE D 10 25.89 -2.58 8.94
C PHE D 10 24.71 -2.80 8.01
N GLY D 11 23.68 -3.43 8.55
CA GLY D 11 22.37 -3.50 7.90
C GLY D 11 21.70 -2.15 8.02
N ARG D 12 20.38 -2.13 7.90
CA ARG D 12 19.60 -0.89 7.98
C ARG D 12 19.72 -0.20 9.35
N ILE D 13 19.68 -1.00 10.40
CA ILE D 13 19.82 -0.50 11.77
C ILE D 13 21.16 0.24 11.96
N GLY D 14 22.26 -0.44 11.65
CA GLY D 14 23.60 0.16 11.75
C GLY D 14 23.78 1.39 10.88
N ARG D 15 23.25 1.31 9.66
CA ARG D 15 23.31 2.42 8.71
C ARG D 15 22.71 3.69 9.27
N MET D 16 21.50 3.60 9.80
CA MET D 16 20.76 4.78 10.26
C MET D 16 21.38 5.40 11.51
N VAL D 17 21.97 4.56 12.37
CA VAL D 17 22.77 5.04 13.49
C VAL D 17 23.89 5.93 12.95
N PHE D 18 24.56 5.46 11.90
CA PHE D 18 25.59 6.25 11.25
C PHE D 18 25.08 7.57 10.67
N GLN D 19 23.93 7.54 9.98
CA GLN D 19 23.39 8.77 9.38
C GLN D 19 23.02 9.79 10.46
N ALA D 20 22.46 9.30 11.56
CA ALA D 20 22.12 10.12 12.73
C ALA D 20 23.37 10.76 13.35
N LEU D 21 24.41 9.99 13.48
CA LEU D 21 25.68 10.47 13.95
C LEU D 21 26.17 11.60 13.06
N CYS D 22 26.14 11.44 11.75
CA CYS D 22 26.49 12.54 10.83
C CYS D 22 25.55 13.74 10.93
N GLU D 23 24.25 13.49 11.00
CA GLU D 23 23.22 14.54 11.11
C GLU D 23 23.45 15.48 12.30
N ASP D 24 23.87 14.91 13.43
CA ASP D 24 24.22 15.71 14.62
C ASP D 24 25.59 16.39 14.47
N GLY D 25 26.28 16.11 13.37
CA GLY D 25 27.59 16.71 13.08
C GLY D 25 28.70 16.25 14.02
N LEU D 26 28.75 14.95 14.28
CA LEU D 26 29.70 14.40 15.24
C LEU D 26 30.86 13.66 14.59
N LEU D 27 30.70 13.31 13.31
CA LEU D 27 31.72 12.56 12.57
C LEU D 27 33.02 13.36 12.41
N GLY D 28 34.11 12.80 12.92
CA GLY D 28 35.44 13.42 12.84
C GLY D 28 35.81 14.22 14.08
N THR D 29 34.89 15.06 14.54
CA THR D 29 35.15 15.94 15.69
C THR D 29 34.87 15.28 17.03
N GLU D 30 33.65 14.78 17.21
CA GLU D 30 33.24 14.20 18.48
C GLU D 30 33.40 12.67 18.48
N ILE D 31 33.00 12.04 17.38
CA ILE D 31 33.12 10.59 17.23
C ILE D 31 33.94 10.23 15.99
N ASP D 32 34.82 9.25 16.13
CA ASP D 32 35.54 8.68 15.01
C ASP D 32 34.99 7.28 14.73
N VAL D 33 34.27 7.14 13.62
CA VAL D 33 33.81 5.83 13.17
C VAL D 33 34.96 5.14 12.45
N VAL D 34 35.64 4.28 13.16
CA VAL D 34 36.84 3.63 12.66
C VAL D 34 36.50 2.58 11.65
N ALA D 35 35.57 1.69 11.97
CA ALA D 35 35.16 0.62 11.06
C ALA D 35 33.66 0.22 11.13
N VAL D 36 33.20 -0.46 10.10
CA VAL D 36 31.99 -1.24 10.13
C VAL D 36 32.31 -2.71 9.91
N VAL D 37 31.48 -3.58 10.43
CA VAL D 37 31.66 -4.97 10.22
C VAL D 37 30.39 -5.51 9.64
N ASP D 38 30.51 -6.26 8.56
CA ASP D 38 29.35 -6.88 7.94
C ASP D 38 29.72 -8.18 7.23
N MET D 39 28.73 -8.89 6.73
CA MET D 39 28.99 -10.11 6.02
C MET D 39 29.59 -9.63 4.76
N ASN D 40 29.31 -8.38 4.42
CA ASN D 40 29.77 -7.81 3.15
C ASN D 40 30.96 -6.88 3.30
N THR D 41 31.86 -6.93 2.32
CA THR D 41 33.03 -6.06 2.30
C THR D 41 32.87 -5.00 1.22
N ASP D 42 32.00 -5.27 0.26
CA ASP D 42 31.73 -4.33 -0.83
C ASP D 42 31.35 -2.96 -0.27
N ALA D 43 32.09 -1.94 -0.68
CA ALA D 43 31.86 -0.60 -0.22
C ALA D 43 31.02 0.24 -1.14
N GLU D 44 31.11 -0.02 -2.42
CA GLU D 44 30.32 0.69 -3.40
C GLU D 44 28.84 0.48 -3.15
N TYR D 45 28.45 -0.74 -2.90
CA TYR D 45 27.08 -1.00 -2.51
C TYR D 45 26.72 -0.28 -1.22
N PHE D 46 27.60 -0.26 -0.24
CA PHE D 46 27.35 0.46 1.01
C PHE D 46 27.05 1.92 0.76
N ALA D 47 27.88 2.56 -0.07
CA ALA D 47 27.69 3.96 -0.45
C ALA D 47 26.34 4.19 -1.15
N TYR D 48 25.93 3.24 -1.99
CA TYR D 48 24.60 3.28 -2.61
C TYR D 48 23.51 3.18 -1.56
N GLN D 49 23.64 2.23 -0.64
CA GLN D 49 22.68 2.06 0.46
C GLN D 49 22.59 3.31 1.32
N MET D 50 23.74 3.95 1.53
CA MET D 50 23.86 5.12 2.38
C MET D 50 23.26 6.35 1.70
N ARG D 51 23.38 6.40 0.38
CA ARG D 51 22.99 7.55 -0.42
C ARG D 51 21.47 7.67 -0.60
N TYR D 52 20.81 6.55 -0.80
CA TYR D 52 19.39 6.55 -1.11
C TYR D 52 18.57 5.78 -0.06
N ASP D 53 17.52 6.42 0.43
CA ASP D 53 16.61 5.84 1.41
C ASP D 53 15.17 6.13 0.97
N THR D 54 14.38 5.06 0.84
CA THR D 54 12.99 5.15 0.42
C THR D 54 12.18 6.06 1.35
N VAL D 55 12.44 5.96 2.66
CA VAL D 55 11.69 6.71 3.67
C VAL D 55 12.35 8.05 4.03
N HIS D 56 13.66 8.03 4.29
CA HIS D 56 14.31 9.22 4.83
C HIS D 56 14.93 10.16 3.80
N GLY D 57 14.80 9.81 2.53
CA GLY D 57 15.29 10.66 1.44
C GLY D 57 16.77 10.51 1.15
N LYS D 58 17.36 11.53 0.54
CA LYS D 58 18.77 11.48 0.15
C LYS D 58 19.70 11.94 1.27
N PHE D 59 20.76 11.14 1.50
CA PHE D 59 21.80 11.51 2.45
C PHE D 59 22.45 12.83 2.03
N LYS D 60 22.52 13.77 2.96
CA LYS D 60 23.00 15.14 2.67
C LYS D 60 24.53 15.26 2.61
N TYR D 61 25.21 14.13 2.76
CA TYR D 61 26.68 14.09 2.73
C TYR D 61 27.17 13.27 1.54
N GLU D 62 28.28 13.68 0.96
CA GLU D 62 28.80 12.94 -0.14
C GLU D 62 29.64 11.77 0.27
N VAL D 63 29.28 10.65 -0.31
CA VAL D 63 29.96 9.40 0.00
C VAL D 63 30.69 8.91 -1.24
N THR D 64 32.01 8.81 -1.13
CA THR D 64 32.86 8.20 -2.15
C THR D 64 33.46 6.90 -1.59
N THR D 65 34.13 6.13 -2.44
CA THR D 65 34.79 4.89 -1.99
C THR D 65 36.25 4.82 -2.43
N THR D 66 37.05 4.05 -1.71
CA THR D 66 38.49 3.88 -1.99
C THR D 66 39.05 2.60 -1.37
N LYS D 67 40.35 2.39 -1.49
CA LYS D 67 41.03 1.21 -0.95
C LYS D 67 41.91 1.58 0.24
N SER D 68 42.03 0.67 1.20
CA SER D 68 42.88 0.87 2.38
C SER D 68 44.35 0.73 2.01
N SER D 69 44.64 -0.27 1.17
CA SER D 69 45.94 -0.41 0.52
C SER D 69 45.71 -0.86 -0.93
N PRO D 70 46.50 -0.32 -1.89
CA PRO D 70 46.37 -0.68 -3.32
C PRO D 70 46.40 -2.19 -3.59
N SER D 71 46.73 -2.98 -2.58
CA SER D 71 46.77 -4.44 -2.68
C SER D 71 45.38 -5.09 -2.79
N VAL D 72 44.38 -4.49 -2.15
CA VAL D 72 43.03 -5.07 -2.06
C VAL D 72 42.31 -5.02 -3.42
N ALA D 73 41.56 -6.08 -3.71
CA ALA D 73 40.85 -6.24 -4.99
C ALA D 73 39.94 -5.06 -5.33
N LYS D 74 38.84 -4.93 -4.58
CA LYS D 74 37.91 -3.81 -4.74
C LYS D 74 37.91 -2.90 -3.54
N ASP D 75 37.21 -1.80 -3.64
CA ASP D 75 37.16 -0.82 -2.55
C ASP D 75 36.64 -1.43 -1.25
N ASP D 76 37.28 -1.08 -0.15
CA ASP D 76 36.93 -1.61 1.17
C ASP D 76 36.78 -0.50 2.22
N THR D 77 36.80 0.75 1.75
CA THR D 77 36.78 1.92 2.61
C THR D 77 35.75 2.92 2.12
N LEU D 78 34.92 3.40 3.05
CA LEU D 78 34.00 4.48 2.75
C LEU D 78 34.63 5.79 3.10
N VAL D 79 34.27 6.84 2.38
CA VAL D 79 34.74 8.19 2.65
C VAL D 79 33.57 9.16 2.72
N VAL D 80 33.26 9.63 3.94
CA VAL D 80 32.17 10.58 4.16
C VAL D 80 32.76 11.88 4.72
N ASN D 81 32.56 12.98 3.98
CA ASN D 81 33.09 14.30 4.36
C ASN D 81 34.60 14.32 4.62
N GLY D 82 35.34 13.48 3.90
CA GLY D 82 36.79 13.36 4.08
C GLY D 82 37.19 12.37 5.17
N HIS D 83 36.20 11.85 5.89
CA HIS D 83 36.43 10.90 6.97
C HIS D 83 36.39 9.47 6.43
N ARG D 84 37.46 8.71 6.71
CA ARG D 84 37.62 7.35 6.19
C ARG D 84 37.05 6.32 7.14
N ILE D 85 36.38 5.31 6.58
CA ILE D 85 35.75 4.24 7.36
C ILE D 85 36.04 2.87 6.76
N LEU D 86 36.71 2.02 7.53
CA LEU D 86 37.08 0.68 7.07
C LEU D 86 35.90 -0.29 7.10
N CYS D 87 35.79 -1.12 6.06
CA CYS D 87 34.83 -2.21 6.05
C CYS D 87 35.56 -3.53 6.30
N VAL D 88 35.25 -4.15 7.45
CA VAL D 88 35.83 -5.43 7.83
C VAL D 88 34.79 -6.56 7.71
N LYS D 89 35.25 -7.80 7.64
CA LYS D 89 34.38 -8.95 7.45
C LYS D 89 33.88 -9.52 8.79
N ALA D 90 32.68 -10.09 8.77
CA ALA D 90 32.03 -10.64 9.97
C ALA D 90 32.70 -11.90 10.52
N GLN D 91 32.72 -12.02 11.84
CA GLN D 91 33.31 -13.17 12.52
C GLN D 91 32.25 -14.00 13.23
N ARG D 92 32.50 -15.29 13.35
CA ARG D 92 31.66 -16.20 14.14
C ARG D 92 31.56 -15.71 15.59
N ASN D 93 32.72 -15.48 16.20
CA ASN D 93 32.82 -14.96 17.56
C ASN D 93 33.33 -13.52 17.54
N PRO D 94 32.65 -12.61 18.29
CA PRO D 94 33.06 -11.21 18.46
C PRO D 94 34.46 -11.02 19.06
N ALA D 95 35.00 -12.05 19.71
CA ALA D 95 36.36 -12.02 20.25
C ALA D 95 37.41 -11.97 19.15
N ASP D 96 37.06 -12.47 17.98
CA ASP D 96 37.96 -12.50 16.83
C ASP D 96 38.06 -11.14 16.13
N LEU D 97 37.10 -10.24 16.38
CA LEU D 97 37.14 -8.93 15.73
C LEU D 97 38.27 -8.13 16.30
N PRO D 98 38.90 -7.35 15.44
CA PRO D 98 40.13 -6.62 15.77
C PRO D 98 39.93 -5.23 16.28
N TRP D 99 39.15 -5.06 17.31
CA TRP D 99 38.87 -3.74 17.79
C TRP D 99 40.12 -3.13 18.38
N GLY D 100 40.83 -3.91 19.19
CA GLY D 100 42.07 -3.46 19.83
C GLY D 100 43.09 -2.96 18.83
N LYS D 101 43.25 -3.70 17.77
CA LYS D 101 44.20 -3.33 16.75
C LYS D 101 43.73 -2.10 15.99
N LEU D 102 42.44 -2.03 15.77
CA LEU D 102 41.84 -0.88 15.10
C LEU D 102 41.79 0.35 16.01
N GLY D 103 41.86 0.11 17.31
CA GLY D 103 41.80 1.18 18.30
C GLY D 103 40.38 1.57 18.68
N VAL D 104 39.44 0.67 18.43
CA VAL D 104 38.03 0.90 18.74
C VAL D 104 37.72 0.63 20.21
N GLU D 105 37.16 1.63 20.89
CA GLU D 105 36.75 1.49 22.29
C GLU D 105 35.28 1.09 22.43
N TYR D 106 34.42 1.76 21.65
CA TYR D 106 32.97 1.57 21.72
C TYR D 106 32.42 0.87 20.49
N VAL D 107 31.71 -0.23 20.71
CA VAL D 107 31.06 -0.95 19.62
C VAL D 107 29.53 -0.86 19.67
N ILE D 108 28.94 -0.49 18.55
CA ILE D 108 27.49 -0.53 18.41
C ILE D 108 27.10 -1.88 17.82
N GLU D 109 26.54 -2.71 18.68
CA GLU D 109 26.13 -4.05 18.31
C GLU D 109 24.73 -4.04 17.71
N SER D 110 24.65 -4.08 16.38
CA SER D 110 23.37 -3.97 15.67
C SER D 110 23.03 -5.15 14.76
N THR D 111 23.71 -6.28 14.93
CA THR D 111 23.46 -7.46 14.10
C THR D 111 22.18 -8.18 14.55
N GLY D 112 21.93 -8.18 15.85
CA GLY D 112 20.79 -8.90 16.41
C GLY D 112 21.14 -10.33 16.80
N LEU D 113 22.34 -10.76 16.42
CA LEU D 113 22.80 -12.14 16.65
C LEU D 113 23.57 -12.26 17.96
N PHE D 114 23.94 -11.12 18.54
CA PHE D 114 24.65 -11.13 19.82
C PHE D 114 23.88 -10.37 20.91
N THR D 115 22.60 -10.69 21.00
CA THR D 115 21.65 -10.07 21.92
C THR D 115 21.90 -10.47 23.38
N ALA D 116 22.52 -11.63 23.60
CA ALA D 116 22.86 -12.06 24.95
C ALA D 116 24.11 -11.35 25.46
N LYS D 117 24.08 -10.95 26.74
CA LYS D 117 25.19 -10.26 27.38
C LYS D 117 26.52 -11.00 27.21
N ALA D 118 26.49 -12.32 27.35
CA ALA D 118 27.68 -13.17 27.24
C ALA D 118 28.26 -13.22 25.82
N ALA D 119 27.40 -13.34 24.83
CA ALA D 119 27.83 -13.36 23.42
C ALA D 119 28.42 -12.02 23.02
N ALA D 120 27.77 -10.93 23.44
CA ALA D 120 28.22 -9.58 23.12
C ALA D 120 29.49 -9.22 23.89
N GLU D 121 29.74 -9.91 24.99
CA GLU D 121 30.97 -9.73 25.76
C GLU D 121 32.23 -10.13 24.99
N GLY D 122 32.05 -10.91 23.93
CA GLY D 122 33.14 -11.26 23.01
C GLY D 122 33.87 -10.04 22.48
N HIS D 123 33.11 -8.98 22.20
CA HIS D 123 33.66 -7.71 21.73
C HIS D 123 34.75 -7.16 22.66
N LEU D 124 34.56 -7.36 23.97
CA LEU D 124 35.56 -6.96 24.97
C LEU D 124 36.86 -7.76 24.88
N ARG D 125 36.73 -9.04 24.53
CA ARG D 125 37.89 -9.92 24.33
C ARG D 125 38.58 -9.58 23.02
N GLY D 126 37.87 -8.88 22.14
CA GLY D 126 38.42 -8.41 20.87
C GLY D 126 39.09 -7.06 20.96
N GLY D 127 39.19 -6.51 22.17
CA GLY D 127 39.89 -5.25 22.41
C GLY D 127 39.02 -4.04 22.68
N ALA D 128 37.70 -4.20 22.54
CA ALA D 128 36.75 -3.13 22.84
C ALA D 128 36.55 -3.00 24.35
N ARG D 129 36.14 -1.84 24.81
CA ARG D 129 35.87 -1.69 26.21
C ARG D 129 34.37 -1.62 26.50
N LYS D 130 33.62 -1.02 25.62
CA LYS D 130 32.17 -0.90 25.81
C LYS D 130 31.37 -1.42 24.63
N VAL D 131 30.18 -1.96 24.92
CA VAL D 131 29.25 -2.45 23.90
C VAL D 131 27.86 -1.83 24.12
N VAL D 132 27.27 -1.34 23.03
CA VAL D 132 25.87 -0.90 23.06
C VAL D 132 25.05 -1.77 22.11
N ILE D 133 24.21 -2.61 22.70
CA ILE D 133 23.30 -3.46 21.93
C ILE D 133 22.08 -2.63 21.52
N SER D 134 21.90 -2.46 20.21
CA SER D 134 20.80 -1.64 19.70
C SER D 134 19.52 -2.47 19.54
N ALA D 135 19.13 -3.11 20.63
CA ALA D 135 17.97 -3.99 20.71
C ALA D 135 17.81 -4.41 22.18
N PRO D 136 16.64 -4.97 22.54
CA PRO D 136 16.54 -5.52 23.90
C PRO D 136 17.57 -6.63 24.09
N ALA D 137 18.08 -6.77 25.32
CA ALA D 137 19.10 -7.78 25.61
C ALA D 137 18.68 -8.73 26.73
N SER D 138 19.27 -9.93 26.73
CA SER D 138 19.09 -10.90 27.81
C SER D 138 20.42 -11.12 28.54
N GLY D 139 20.43 -12.05 29.49
CA GLY D 139 21.64 -12.37 30.25
C GLY D 139 21.95 -11.33 31.31
N GLY D 140 20.99 -10.44 31.56
CA GLY D 140 21.12 -9.40 32.56
C GLY D 140 21.99 -8.24 32.12
N ALA D 141 21.98 -7.94 30.82
CA ALA D 141 22.64 -6.73 30.32
C ALA D 141 21.82 -5.52 30.77
N LYS D 142 22.52 -4.47 31.18
CA LYS D 142 21.87 -3.27 31.70
C LYS D 142 21.15 -2.53 30.58
N THR D 143 19.88 -2.21 30.84
CA THR D 143 19.04 -1.58 29.83
C THR D 143 18.90 -0.11 30.17
N LEU D 144 19.26 0.74 29.22
CA LEU D 144 19.33 2.17 29.43
C LEU D 144 18.51 2.91 28.38
N VAL D 145 17.61 3.76 28.88
CA VAL D 145 16.75 4.59 28.03
C VAL D 145 17.06 6.05 28.32
N MET D 146 17.52 6.75 27.31
CA MET D 146 17.91 8.10 27.48
C MET D 146 16.75 8.96 27.95
N GLY D 147 16.99 9.80 28.93
CA GLY D 147 15.97 10.62 29.51
C GLY D 147 15.13 9.97 30.59
N VAL D 148 15.32 8.68 30.79
CA VAL D 148 14.60 7.94 31.81
C VAL D 148 15.46 7.41 32.94
N ASN D 149 16.46 6.65 32.60
CA ASN D 149 17.32 6.06 33.58
C ASN D 149 18.77 5.98 33.16
N HIS D 150 19.17 6.78 32.18
CA HIS D 150 20.50 6.62 31.64
C HIS D 150 21.56 6.95 32.68
N HIS D 151 21.22 7.76 33.65
CA HIS D 151 22.13 8.10 34.74
C HIS D 151 22.37 6.94 35.71
N GLU D 152 21.70 5.81 35.47
CA GLU D 152 21.99 4.58 36.18
C GLU D 152 23.21 3.87 35.61
N TYR D 153 23.74 4.39 34.51
CA TYR D 153 24.95 3.83 33.91
C TYR D 153 26.12 3.92 34.89
N ASN D 154 26.81 2.81 35.07
CA ASN D 154 27.97 2.75 35.97
C ASN D 154 29.20 2.21 35.24
N PRO D 155 30.12 3.10 34.86
CA PRO D 155 31.31 2.79 34.05
C PRO D 155 32.09 1.55 34.48
N SER D 156 32.15 1.25 35.78
CA SER D 156 32.94 0.12 36.26
C SER D 156 32.18 -1.21 36.31
N GLU D 157 30.86 -1.14 36.28
CA GLU D 157 30.02 -2.35 36.29
C GLU D 157 29.45 -2.67 34.90
N HIS D 158 29.02 -1.63 34.19
CA HIS D 158 28.30 -1.80 32.92
C HIS D 158 29.20 -1.56 31.71
N HIS D 159 29.52 -2.64 31.01
CA HIS D 159 30.41 -2.59 29.87
C HIS D 159 29.68 -3.09 28.63
N VAL D 160 28.60 -3.85 28.86
CA VAL D 160 27.73 -4.29 27.78
C VAL D 160 26.30 -3.92 28.14
N VAL D 161 25.76 -2.94 27.40
CA VAL D 161 24.42 -2.37 27.70
C VAL D 161 23.43 -2.57 26.55
N SER D 162 22.15 -2.38 26.83
CA SER D 162 21.11 -2.36 25.79
C SER D 162 20.43 -1.00 25.76
N ASN D 163 20.12 -0.53 24.57
CA ASN D 163 19.38 0.72 24.42
C ASN D 163 17.89 0.46 24.27
N ALA D 164 17.48 -0.74 24.63
CA ALA D 164 16.12 -1.23 24.52
C ALA D 164 15.59 -1.20 23.08
N SER D 165 14.30 -1.06 22.91
CA SER D 165 13.71 -1.03 21.60
C SER D 165 13.19 0.36 21.25
N CYS D 166 12.88 0.54 20.00
CA CYS D 166 12.28 1.75 19.57
C CYS D 166 10.93 1.96 20.26
N THR D 167 10.15 0.91 20.42
CA THR D 167 8.82 1.03 21.08
C THR D 167 8.98 1.34 22.57
N THR D 168 9.91 0.67 23.24
CA THR D 168 10.19 1.00 24.64
C THR D 168 10.65 2.44 24.81
N ASN D 169 11.45 2.94 23.87
CA ASN D 169 11.91 4.32 23.92
C ASN D 169 10.77 5.33 23.68
N CYS D 170 9.69 4.89 23.04
CA CYS D 170 8.49 5.74 22.93
C CYS D 170 7.63 5.74 24.21
N LEU D 171 7.38 4.57 24.73
CA LEU D 171 6.53 4.39 25.89
C LEU D 171 7.15 4.85 27.23
N ALA D 172 8.40 4.48 27.46
CA ALA D 172 9.10 4.80 28.70
C ALA D 172 9.12 6.28 29.08
N PRO D 173 9.46 7.19 28.13
CA PRO D 173 9.37 8.60 28.51
C PRO D 173 7.98 9.04 28.98
N ILE D 174 6.92 8.49 28.38
CA ILE D 174 5.57 8.79 28.82
C ILE D 174 5.34 8.33 30.26
N VAL D 175 5.65 7.05 30.52
CA VAL D 175 5.47 6.46 31.84
C VAL D 175 6.33 7.18 32.87
N HIS D 176 7.58 7.50 32.49
CA HIS D 176 8.49 8.24 33.34
C HIS D 176 7.89 9.58 33.79
N VAL D 177 7.31 10.32 32.87
CA VAL D 177 6.65 11.59 33.24
C VAL D 177 5.45 11.33 34.15
N LEU D 178 4.66 10.31 33.84
CA LEU D 178 3.51 10.01 34.69
C LEU D 178 3.93 9.71 36.12
N VAL D 179 5.06 9.02 36.27
CA VAL D 179 5.53 8.60 37.58
C VAL D 179 6.16 9.80 38.32
N LYS D 180 7.05 10.51 37.63
CA LYS D 180 7.80 11.62 38.24
C LYS D 180 6.93 12.82 38.57
N GLU D 181 5.85 13.01 37.83
CA GLU D 181 4.94 14.14 38.10
C GLU D 181 3.87 13.80 39.14
N GLY D 182 3.92 12.59 39.67
CA GLY D 182 3.07 12.19 40.78
C GLY D 182 1.74 11.56 40.43
N PHE D 183 1.46 11.35 39.14
CA PHE D 183 0.21 10.68 38.75
C PHE D 183 0.29 9.21 39.12
N GLY D 184 1.44 8.61 38.83
CA GLY D 184 1.67 7.19 39.05
C GLY D 184 0.90 6.31 38.06
N VAL D 185 1.24 5.03 38.05
CA VAL D 185 0.55 4.05 37.22
C VAL D 185 0.27 2.81 38.06
N GLN D 186 -1.02 2.50 38.18
CA GLN D 186 -1.49 1.33 38.90
C GLN D 186 -1.44 0.12 37.98
N THR D 187 -2.04 0.30 36.79
CA THR D 187 -2.10 -0.75 35.79
C THR D 187 -2.07 -0.05 34.44
N GLY D 188 -1.52 -0.69 33.43
CA GLY D 188 -1.57 -0.13 32.08
C GLY D 188 -1.47 -1.19 31.00
N LEU D 189 -2.14 -0.94 29.88
CA LEU D 189 -1.98 -1.78 28.71
C LEU D 189 -1.72 -0.90 27.52
N MET D 190 -0.77 -1.31 26.67
CA MET D 190 -0.26 -0.55 25.55
C MET D 190 -0.59 -1.29 24.27
N THR D 191 -1.05 -0.55 23.28
CA THR D 191 -1.14 -1.05 21.93
C THR D 191 -0.26 -0.14 21.08
N THR D 192 0.64 -0.71 20.26
CA THR D 192 1.34 0.03 19.24
C THR D 192 0.80 -0.27 17.90
N ILE D 193 0.49 0.75 17.13
CA ILE D 193 0.14 0.60 15.72
C ILE D 193 1.44 0.88 14.99
N HIS D 194 1.99 -0.20 14.44
CA HIS D 194 3.39 -0.28 14.11
C HIS D 194 3.57 -0.45 12.61
N SER D 195 4.43 0.38 12.02
CA SER D 195 4.85 0.17 10.63
C SER D 195 5.49 -1.21 10.47
N TYR D 196 5.31 -1.84 9.31
CA TYR D 196 5.96 -3.15 9.08
C TYR D 196 7.49 -3.01 9.10
N THR D 197 8.17 -4.12 9.33
CA THR D 197 9.63 -4.14 9.48
C THR D 197 10.29 -5.19 8.58
N ALA D 198 11.62 -5.18 8.54
CA ALA D 198 12.43 -6.09 7.72
C ALA D 198 12.10 -7.59 7.92
N THR D 199 11.83 -7.97 9.17
CA THR D 199 11.50 -9.37 9.53
C THR D 199 10.19 -9.85 8.91
N GLN D 200 9.38 -8.92 8.41
CA GLN D 200 8.10 -9.29 7.83
C GLN D 200 8.27 -9.70 6.37
N LYS D 201 7.17 -10.14 5.75
CA LYS D 201 7.19 -10.73 4.42
C LYS D 201 6.35 -9.91 3.43
N THR D 202 6.86 -9.80 2.21
CA THR D 202 6.15 -9.11 1.14
C THR D 202 4.86 -9.86 0.77
N VAL D 203 4.99 -11.17 0.58
CA VAL D 203 3.83 -12.06 0.33
C VAL D 203 3.78 -13.16 1.40
N ASP D 204 2.61 -13.82 1.58
CA ASP D 204 2.47 -14.89 2.58
C ASP D 204 3.69 -15.81 2.49
N GLY D 205 4.49 -15.85 3.55
CA GLY D 205 5.73 -16.63 3.55
C GLY D 205 5.78 -17.67 4.66
N VAL D 206 6.99 -18.00 5.09
CA VAL D 206 7.20 -18.93 6.21
C VAL D 206 7.80 -18.17 7.39
N SER D 207 7.14 -18.26 8.54
CA SER D 207 7.60 -17.62 9.76
C SER D 207 7.17 -18.50 10.93
N VAL D 208 7.91 -19.59 11.14
CA VAL D 208 7.49 -20.67 12.05
C VAL D 208 7.27 -20.21 13.50
N LYS D 209 8.03 -19.19 13.90
CA LYS D 209 7.98 -18.65 15.27
C LYS D 209 6.93 -17.54 15.45
N ASP D 210 6.20 -17.24 14.39
CA ASP D 210 5.25 -16.14 14.37
C ASP D 210 4.38 -16.26 13.16
N TRP D 211 3.35 -17.06 13.29
CA TRP D 211 2.49 -17.45 12.18
C TRP D 211 1.83 -16.24 11.50
N ARG D 212 1.27 -15.34 12.32
CA ARG D 212 0.67 -14.12 11.78
C ARG D 212 1.76 -13.26 11.12
N GLY D 213 2.95 -13.25 11.72
CA GLY D 213 4.10 -12.52 11.19
C GLY D 213 4.57 -12.92 9.81
N GLY D 214 4.19 -14.11 9.36
CA GLY D 214 4.56 -14.61 8.03
C GLY D 214 3.67 -14.14 6.90
N ARG D 215 2.52 -13.58 7.25
CA ARG D 215 1.54 -13.16 6.25
C ARG D 215 1.94 -11.87 5.53
N ALA D 216 1.36 -11.63 4.35
CA ALA D 216 1.68 -10.46 3.54
C ALA D 216 1.55 -9.15 4.33
N ALA D 217 2.67 -8.44 4.44
CA ALA D 217 2.80 -7.30 5.34
C ALA D 217 2.06 -6.06 4.87
N ALA D 218 2.16 -5.74 3.59
CA ALA D 218 1.63 -4.47 3.12
C ALA D 218 0.15 -4.50 2.74
N VAL D 219 -0.52 -5.64 2.98
CA VAL D 219 -1.96 -5.75 2.74
C VAL D 219 -2.79 -6.30 3.92
N ASN D 220 -2.17 -6.41 5.09
CA ASN D 220 -2.84 -6.95 6.28
C ASN D 220 -2.62 -6.12 7.52
N ILE D 221 -3.58 -6.14 8.43
CA ILE D 221 -3.36 -5.73 9.82
C ILE D 221 -2.95 -7.01 10.54
N ILE D 222 -1.80 -6.99 11.19
CA ILE D 222 -1.20 -8.21 11.75
C ILE D 222 -0.88 -8.06 13.24
N PRO D 223 -1.68 -8.71 14.10
CA PRO D 223 -1.43 -8.64 15.54
C PRO D 223 -0.10 -9.31 15.86
N SER D 224 0.55 -8.80 16.89
CA SER D 224 1.74 -9.42 17.46
C SER D 224 1.78 -9.14 18.95
N THR D 225 2.25 -10.12 19.72
CA THR D 225 2.65 -9.86 21.09
C THR D 225 3.84 -8.89 21.01
N THR D 226 4.14 -8.22 22.12
CA THR D 226 5.36 -7.42 22.22
C THR D 226 5.88 -7.35 23.65
N GLY D 227 7.19 -7.14 23.78
CA GLY D 227 7.82 -7.08 25.09
C GLY D 227 8.06 -5.67 25.59
N ALA D 228 7.72 -4.67 24.77
CA ALA D 228 8.06 -3.27 25.06
C ALA D 228 7.48 -2.72 26.36
N ALA D 229 6.20 -3.00 26.62
CA ALA D 229 5.56 -2.51 27.83
C ALA D 229 6.12 -3.22 29.07
N LYS D 230 6.35 -4.52 28.93
CA LYS D 230 6.99 -5.31 29.98
C LYS D 230 8.40 -4.79 30.27
N ALA D 231 9.14 -4.47 29.22
CA ALA D 231 10.52 -3.94 29.33
C ALA D 231 10.61 -2.60 30.06
N VAL D 232 9.52 -1.81 30.05
CA VAL D 232 9.48 -0.60 30.84
C VAL D 232 9.68 -0.90 32.35
N GLY D 233 9.31 -2.11 32.78
CA GLY D 233 9.58 -2.59 34.15
C GLY D 233 11.04 -2.75 34.50
N MET D 234 11.90 -2.89 33.48
CA MET D 234 13.34 -2.92 33.68
C MET D 234 13.92 -1.52 33.78
N VAL D 235 13.27 -0.57 33.12
CA VAL D 235 13.74 0.80 33.04
C VAL D 235 13.17 1.63 34.21
N ILE D 236 11.93 1.33 34.58
CA ILE D 236 11.21 2.05 35.65
C ILE D 236 10.68 0.96 36.57
N PRO D 237 11.54 0.46 37.47
CA PRO D 237 11.28 -0.79 38.20
C PRO D 237 9.98 -0.78 39.01
N SER D 238 9.53 0.40 39.43
CA SER D 238 8.25 0.49 40.14
C SER D 238 7.08 -0.02 39.30
N THR D 239 7.23 -0.04 37.99
CA THR D 239 6.15 -0.48 37.10
C THR D 239 6.19 -1.97 36.78
N GLN D 240 7.18 -2.68 37.32
CA GLN D 240 7.31 -4.11 37.07
C GLN D 240 6.01 -4.85 37.37
N GLY D 241 5.55 -5.63 36.38
CA GLY D 241 4.30 -6.38 36.48
C GLY D 241 3.00 -5.60 36.37
N LYS D 242 3.10 -4.29 36.12
CA LYS D 242 1.92 -3.43 36.04
C LYS D 242 1.54 -3.12 34.60
N LEU D 243 2.43 -3.48 33.66
CA LEU D 243 2.30 -3.08 32.26
C LEU D 243 2.55 -4.26 31.32
N THR D 244 1.66 -4.43 30.35
CA THR D 244 1.95 -5.24 29.17
C THR D 244 1.29 -4.61 27.95
N GLY D 245 1.41 -5.26 26.80
CA GLY D 245 0.74 -4.75 25.62
C GLY D 245 0.96 -5.64 24.43
N MET D 246 0.59 -5.12 23.27
CA MET D 246 0.58 -5.85 22.02
C MET D 246 0.83 -4.86 20.87
N SER D 247 1.02 -5.37 19.68
CA SER D 247 1.03 -4.49 18.55
C SER D 247 0.12 -4.95 17.47
N PHE D 248 -0.23 -4.00 16.60
CA PHE D 248 -0.88 -4.29 15.32
C PHE D 248 0.04 -3.73 14.23
N ARG D 249 0.65 -4.63 13.45
CA ARG D 249 1.55 -4.26 12.36
C ARG D 249 0.72 -3.91 11.12
N VAL D 250 0.94 -2.71 10.60
CA VAL D 250 0.07 -2.17 9.54
C VAL D 250 0.89 -1.73 8.32
N PRO D 251 0.22 -1.58 7.14
CA PRO D 251 0.93 -1.25 5.90
C PRO D 251 1.47 0.18 5.71
N THR D 252 2.34 0.62 6.60
CA THR D 252 3.20 1.78 6.36
C THR D 252 4.66 1.33 6.60
N PRO D 253 5.64 1.89 5.86
CA PRO D 253 7.03 1.42 5.93
C PRO D 253 7.86 1.98 7.09
N ASP D 254 7.41 3.10 7.66
CA ASP D 254 8.02 3.73 8.84
C ASP D 254 7.04 4.67 9.55
N VAL D 255 7.28 4.87 10.83
CA VAL D 255 6.48 5.65 11.79
C VAL D 255 5.39 4.82 12.43
N SER D 256 5.38 4.85 13.76
CA SER D 256 4.48 4.07 14.56
C SER D 256 3.87 4.95 15.67
N VAL D 257 2.87 4.42 16.36
CA VAL D 257 2.17 5.18 17.40
C VAL D 257 1.81 4.28 18.59
N VAL D 258 2.07 4.79 19.79
CA VAL D 258 1.70 4.12 21.03
C VAL D 258 0.35 4.65 21.51
N ASP D 259 -0.49 3.71 21.89
CA ASP D 259 -1.80 3.93 22.47
C ASP D 259 -1.76 3.31 23.86
N LEU D 260 -1.51 4.14 24.87
CA LEU D 260 -1.38 3.63 26.24
C LEU D 260 -2.65 3.92 27.01
N THR D 261 -3.24 2.85 27.56
CA THR D 261 -4.40 2.99 28.45
C THR D 261 -3.97 2.55 29.84
N PHE D 262 -4.27 3.38 30.83
CA PHE D 262 -3.79 3.12 32.19
C PHE D 262 -4.72 3.72 33.21
N THR D 263 -4.60 3.21 34.44
CA THR D 263 -5.27 3.80 35.59
C THR D 263 -4.19 4.50 36.43
N ALA D 264 -4.41 5.78 36.75
CA ALA D 264 -3.46 6.55 37.57
C ALA D 264 -3.49 6.09 39.04
N ALA D 265 -2.43 6.43 39.79
CA ALA D 265 -2.34 6.08 41.20
C ALA D 265 -2.98 7.13 42.12
N ARG D 266 -3.34 8.26 41.57
CA ARG D 266 -4.14 9.22 42.27
C ARG D 266 -5.20 9.83 41.37
N ASP D 267 -6.22 10.41 41.96
CA ASP D 267 -7.21 11.10 41.20
C ASP D 267 -6.55 12.26 40.48
N THR D 268 -6.85 12.39 39.22
CA THR D 268 -6.29 13.42 38.40
C THR D 268 -7.27 13.78 37.26
N SER D 269 -6.74 14.28 36.17
CA SER D 269 -7.54 14.63 35.02
C SER D 269 -6.69 14.57 33.78
N ILE D 270 -7.30 14.37 32.62
CA ILE D 270 -6.56 14.39 31.39
C ILE D 270 -5.90 15.73 31.14
N GLN D 271 -6.53 16.79 31.59
CA GLN D 271 -5.96 18.14 31.50
C GLN D 271 -4.68 18.28 32.29
N GLU D 272 -4.65 17.69 33.48
CA GLU D 272 -3.46 17.77 34.33
C GLU D 272 -2.32 16.97 33.71
N ILE D 273 -2.64 15.79 33.20
CA ILE D 273 -1.67 14.92 32.51
C ILE D 273 -1.12 15.61 31.26
N ASP D 274 -2.01 16.20 30.45
CA ASP D 274 -1.62 16.93 29.25
C ASP D 274 -0.64 18.05 29.57
N ALA D 275 -0.92 18.81 30.64
CA ALA D 275 -0.07 19.94 31.03
C ALA D 275 1.31 19.48 31.49
N ALA D 276 1.35 18.38 32.23
CA ALA D 276 2.61 17.80 32.73
C ALA D 276 3.50 17.29 31.61
N LEU D 277 2.91 16.57 30.67
CA LEU D 277 3.62 16.07 29.49
C LEU D 277 4.26 17.22 28.69
N LYS D 278 3.49 18.27 28.47
CA LYS D 278 3.99 19.45 27.78
C LYS D 278 5.11 20.12 28.57
N ARG D 279 4.91 20.31 29.87
CA ARG D 279 5.92 20.94 30.73
C ARG D 279 7.21 20.12 30.70
N ALA D 280 7.07 18.80 30.83
CA ALA D 280 8.22 17.90 30.84
C ALA D 280 9.04 17.97 29.53
N SER D 281 8.34 17.96 28.41
CA SER D 281 8.94 18.06 27.07
C SER D 281 9.74 19.35 26.86
N LYS D 282 9.35 20.42 27.56
CA LYS D 282 10.03 21.72 27.48
C LYS D 282 11.23 21.80 28.43
N THR D 283 11.29 20.89 29.39
CA THR D 283 12.26 20.98 30.47
C THR D 283 13.13 19.72 30.58
N TYR D 284 12.87 18.88 31.58
CA TYR D 284 13.73 17.72 31.83
C TYR D 284 13.67 16.60 30.78
N MET D 285 12.63 16.59 29.95
CA MET D 285 12.54 15.66 28.82
C MET D 285 12.87 16.28 27.46
N LYS D 286 13.41 17.50 27.44
CA LYS D 286 13.78 18.15 26.17
C LYS D 286 14.65 17.25 25.29
N GLY D 287 14.28 17.14 24.01
CA GLY D 287 14.99 16.28 23.04
C GLY D 287 14.62 14.81 23.06
N ILE D 288 13.93 14.37 24.11
CA ILE D 288 13.48 12.98 24.23
C ILE D 288 11.96 12.86 24.03
N LEU D 289 11.21 13.62 24.80
CA LEU D 289 9.76 13.70 24.66
C LEU D 289 9.44 15.04 24.01
N GLY D 290 8.69 14.98 22.92
CA GLY D 290 8.13 16.19 22.34
C GLY D 290 6.63 16.11 22.40
N TYR D 291 5.97 17.15 21.89
CA TYR D 291 4.53 17.07 21.72
C TYR D 291 4.09 17.86 20.49
N THR D 292 2.92 17.49 19.99
CA THR D 292 2.23 18.29 19.02
C THR D 292 0.84 18.64 19.51
N ASP D 293 0.34 19.79 19.10
CA ASP D 293 -1.09 20.05 19.21
C ASP D 293 -1.67 20.32 17.83
N GLU D 294 -1.00 19.81 16.80
CA GLU D 294 -1.50 19.95 15.44
C GLU D 294 -2.14 18.66 14.93
N GLU D 295 -2.80 18.75 13.77
CA GLU D 295 -3.61 17.67 13.21
C GLU D 295 -2.73 16.74 12.37
N LEU D 296 -1.83 16.04 13.05
CA LEU D 296 -0.78 15.33 12.34
C LEU D 296 -1.12 13.89 12.01
N VAL D 297 -0.51 13.39 10.94
CA VAL D 297 -0.63 11.98 10.57
C VAL D 297 0.77 11.42 10.53
N SER D 298 0.89 10.11 10.31
CA SER D 298 2.18 9.42 10.45
C SER D 298 3.32 10.02 9.63
N ALA D 299 3.06 10.40 8.37
CA ALA D 299 4.09 11.02 7.55
C ALA D 299 4.79 12.21 8.22
N ASP D 300 4.04 12.95 9.03
CA ASP D 300 4.54 14.20 9.61
C ASP D 300 5.60 13.97 10.67
N PHE D 301 5.73 12.72 11.11
CA PHE D 301 6.76 12.37 12.09
C PHE D 301 8.01 11.76 11.47
N ILE D 302 8.05 11.66 10.15
CA ILE D 302 9.23 11.10 9.47
C ILE D 302 10.41 12.04 9.74
N ASN D 303 11.53 11.45 10.14
CA ASN D 303 12.76 12.20 10.51
C ASN D 303 12.67 13.00 11.80
N ASP D 304 11.70 12.69 12.66
CA ASP D 304 11.64 13.34 13.96
C ASP D 304 12.66 12.66 14.85
N ASN D 305 13.55 13.44 15.46
CA ASN D 305 14.65 12.94 16.31
C ASN D 305 14.27 12.54 17.74
N ARG D 306 13.08 12.93 18.20
CA ARG D 306 12.60 12.57 19.54
C ARG D 306 12.29 11.08 19.68
N SER D 307 12.34 10.58 20.90
CA SER D 307 11.95 9.20 21.19
C SER D 307 10.43 9.02 21.17
N SER D 308 9.71 10.08 21.53
CA SER D 308 8.27 10.01 21.81
C SER D 308 7.71 11.39 21.52
N ILE D 309 6.69 11.45 20.66
CA ILE D 309 6.02 12.72 20.37
C ILE D 309 4.54 12.63 20.76
N TYR D 310 4.23 13.24 21.89
CA TYR D 310 2.92 13.17 22.51
C TYR D 310 1.91 13.92 21.64
N ASP D 311 0.78 13.27 21.37
CA ASP D 311 -0.24 13.85 20.51
C ASP D 311 -1.33 14.45 21.41
N SER D 312 -1.24 15.75 21.68
CA SER D 312 -2.14 16.42 22.63
C SER D 312 -3.58 16.42 22.15
N LYS D 313 -3.80 16.77 20.88
CA LYS D 313 -5.17 16.75 20.33
C LYS D 313 -5.82 15.38 20.39
N ALA D 314 -5.11 14.33 19.93
CA ALA D 314 -5.68 12.99 19.96
C ALA D 314 -5.98 12.53 21.39
N THR D 315 -5.11 12.90 22.32
CA THR D 315 -5.28 12.52 23.73
C THR D 315 -6.46 13.26 24.37
N LEU D 316 -6.47 14.59 24.27
CA LEU D 316 -7.55 15.40 24.87
C LEU D 316 -8.96 15.14 24.32
N GLN D 317 -9.06 14.87 23.03
CA GLN D 317 -10.36 14.66 22.39
C GLN D 317 -10.96 13.29 22.65
N ASN D 318 -10.14 12.32 23.03
CA ASN D 318 -10.58 10.93 23.05
C ASN D 318 -10.55 10.28 24.43
N ASN D 319 -10.61 11.11 25.45
CA ASN D 319 -10.74 10.62 26.81
C ASN D 319 -12.14 10.85 27.37
N LEU D 320 -12.47 10.14 28.44
CA LEU D 320 -13.81 10.20 29.01
C LEU D 320 -14.03 11.50 29.78
N PRO D 321 -15.14 12.21 29.48
CA PRO D 321 -15.48 13.44 30.20
C PRO D 321 -15.41 13.25 31.73
N LYS D 322 -14.68 14.11 32.41
CA LYS D 322 -14.65 14.19 33.87
C LYS D 322 -13.95 13.02 34.59
N GLU D 323 -13.30 12.21 33.82
CA GLU D 323 -12.67 11.01 34.35
C GLU D 323 -11.51 11.35 35.29
N ARG D 324 -11.37 10.58 36.35
CA ARG D 324 -10.34 10.82 37.33
C ARG D 324 -9.21 9.78 37.36
N ARG D 325 -9.41 8.61 36.78
CA ARG D 325 -8.40 7.54 36.91
C ARG D 325 -7.96 6.79 35.66
N PHE D 326 -8.89 6.61 34.72
CA PHE D 326 -8.73 5.68 33.61
C PHE D 326 -8.53 6.50 32.34
N PHE D 327 -7.32 6.46 31.77
CA PHE D 327 -6.94 7.40 30.72
C PHE D 327 -6.23 6.74 29.55
N LYS D 328 -6.34 7.35 28.37
CA LYS D 328 -5.59 6.93 27.19
C LYS D 328 -4.61 8.04 26.79
N ILE D 329 -3.36 7.67 26.52
CA ILE D 329 -2.37 8.64 26.05
C ILE D 329 -1.84 8.16 24.69
N VAL D 330 -1.86 9.06 23.70
CA VAL D 330 -1.37 8.77 22.34
C VAL D 330 -0.02 9.44 22.10
N SER D 331 0.97 8.65 21.67
CA SER D 331 2.30 9.18 21.34
C SER D 331 2.98 8.47 20.17
N TRP D 332 3.56 9.29 19.30
CA TRP D 332 4.13 8.85 18.05
C TRP D 332 5.64 8.63 18.16
N TYR D 333 6.18 7.89 17.20
CA TYR D 333 7.63 7.72 17.04
C TYR D 333 7.98 7.28 15.64
N ASP D 334 9.02 7.89 15.09
CA ASP D 334 9.62 7.40 13.87
C ASP D 334 10.46 6.24 14.36
N ASN D 335 9.98 5.02 14.13
CA ASN D 335 10.59 3.87 14.81
C ASN D 335 12.05 3.62 14.43
N GLU D 336 12.43 4.07 13.25
CA GLU D 336 13.82 3.97 12.83
C GLU D 336 14.66 5.14 13.35
N TRP D 337 14.15 6.37 13.23
CA TRP D 337 14.98 7.56 13.36
C TRP D 337 15.26 8.04 14.79
N GLY D 338 14.21 8.13 15.60
CA GLY D 338 14.37 8.56 16.98
C GLY D 338 15.33 7.62 17.70
N TYR D 339 15.11 6.32 17.53
CA TYR D 339 15.94 5.28 18.15
C TYR D 339 17.41 5.34 17.73
N SER D 340 17.67 5.59 16.45
CA SER D 340 19.04 5.74 15.90
C SER D 340 19.81 6.86 16.61
N HIS D 341 19.15 8.00 16.81
CA HIS D 341 19.74 9.10 17.57
C HIS D 341 19.98 8.77 19.05
N ARG D 342 19.09 7.95 19.63
CA ARG D 342 19.26 7.49 21.03
C ARG D 342 20.48 6.59 21.20
N VAL D 343 20.70 5.70 20.23
CA VAL D 343 21.89 4.84 20.25
C VAL D 343 23.14 5.72 20.34
N VAL D 344 23.17 6.76 19.52
CA VAL D 344 24.27 7.73 19.49
C VAL D 344 24.36 8.53 20.79
N ASP D 345 23.21 8.95 21.31
CA ASP D 345 23.17 9.68 22.58
C ASP D 345 23.73 8.85 23.73
N LEU D 346 23.35 7.57 23.78
CA LEU D 346 23.82 6.66 24.83
C LEU D 346 25.34 6.50 24.77
N VAL D 347 25.88 6.24 23.57
CA VAL D 347 27.34 6.19 23.35
C VAL D 347 28.04 7.44 23.89
N ARG D 348 27.54 8.61 23.53
CA ARG D 348 28.08 9.89 23.99
C ARG D 348 28.03 10.03 25.52
N HIS D 349 26.92 9.57 26.11
CA HIS D 349 26.77 9.61 27.55
C HIS D 349 27.77 8.70 28.24
N MET D 350 27.86 7.47 27.76
CA MET D 350 28.79 6.49 28.31
C MET D 350 30.24 6.98 28.18
N ALA D 351 30.56 7.56 27.03
CA ALA D 351 31.86 8.18 26.79
C ALA D 351 32.23 9.20 27.87
N SER D 352 31.39 10.23 28.05
CA SER D 352 31.69 11.31 29.00
C SER D 352 31.77 10.83 30.44
N LYS D 353 30.95 9.84 30.80
CA LYS D 353 31.00 9.21 32.12
C LYS D 353 32.28 8.41 32.30
N ASP D 354 32.65 7.63 31.28
CA ASP D 354 33.90 6.87 31.27
C ASP D 354 35.10 7.82 31.44
N ARG D 355 35.08 8.94 30.73
CA ARG D 355 36.10 9.99 30.86
C ARG D 355 36.22 10.51 32.30
N SER D 356 35.07 10.82 32.91
CA SER D 356 35.02 11.37 34.26
C SER D 356 35.44 10.35 35.33
N ALA D 357 35.04 9.09 35.14
CA ALA D 357 35.37 8.00 36.07
C ALA D 357 36.84 7.61 36.03
N ARG D 358 37.47 7.82 34.87
CA ARG D 358 38.91 7.59 34.72
C ARG D 358 39.71 8.71 35.38
N LEU D 359 39.13 9.92 35.41
CA LEU D 359 39.73 11.09 36.04
C LEU D 359 39.70 11.00 37.57
#